data_8QPO
#
_entry.id   8QPO
#
_cell.length_a   58.231
_cell.length_b   138.552
_cell.length_c   121.609
_cell.angle_alpha   90.00
_cell.angle_beta   90.20
_cell.angle_gamma   90.00
#
_symmetry.space_group_name_H-M   'P 1 21 1'
#
loop_
_entity.id
_entity.type
_entity.pdbx_description
1 polymer 'Oxygen-insensitive NAD(P)H nitroreductase'
2 non-polymer 'FLAVIN MONONUCLEOTIDE'
3 non-polymer 'ACETATE ION'
4 water water
#
_entity_poly.entity_id   1
_entity_poly.type   'polypeptide(L)'
_entity_poly.pdbx_seq_one_letter_code
;DRWGSDIISVALKRHSTKAFDASKKLTPEQAEQIKTLLQYSPSSTNSQPWHFIVASTEEGKARVAKSAAGNYVFNERKML
DASHVVVFCAKTAMDDVWLKLVVDQEDADGRFATPEAKAANDKGRKF(PPN)ADMHRKDLHDDAEWMAKQVYLNVGNFLL
GVAALGLDAVPIEGFDAAILDAEFGLKEKGYTSLVVVPVGHHSVEDFNATLPKSRLPQNITLTEV
;
_entity_poly.pdbx_strand_id   A,B,C,D,E,F,G,H
#
loop_
_chem_comp.id
_chem_comp.type
_chem_comp.name
_chem_comp.formula
ACT non-polymer 'ACETATE ION' 'C2 H3 O2 -1'
FMN non-polymer 'FLAVIN MONONUCLEOTIDE' 'C17 H21 N4 O9 P'
#
# COMPACT_ATOMS: atom_id res chain seq x y z
N ASP A 6 -10.44 -1.15 -26.20
CA ASP A 6 -9.72 -0.20 -27.06
C ASP A 6 -9.29 1.05 -26.32
N ILE A 7 -8.00 1.44 -26.46
CA ILE A 7 -7.44 2.53 -25.70
C ILE A 7 -7.94 3.92 -26.14
N ILE A 8 -8.42 4.03 -27.37
CA ILE A 8 -8.93 5.30 -27.86
C ILE A 8 -10.27 5.59 -27.21
N SER A 9 -11.10 4.56 -27.04
CA SER A 9 -12.31 4.66 -26.25
C SER A 9 -12.02 5.16 -24.84
N VAL A 10 -11.02 4.56 -24.19
CA VAL A 10 -10.66 4.96 -22.84
C VAL A 10 -10.30 6.44 -22.83
N ALA A 11 -9.49 6.88 -23.81
CA ALA A 11 -9.05 8.26 -23.90
C ALA A 11 -10.19 9.23 -24.13
N LEU A 12 -11.19 8.83 -24.94
CA LEU A 12 -12.33 9.68 -25.26
C LEU A 12 -13.38 9.72 -24.15
N LYS A 13 -13.39 8.72 -23.27
CA LYS A 13 -14.43 8.61 -22.24
C LYS A 13 -13.97 9.01 -20.84
N ARG A 14 -12.67 9.03 -20.59
CA ARG A 14 -12.17 9.42 -19.29
C ARG A 14 -12.49 10.89 -19.10
N HIS A 15 -12.48 11.35 -17.84
CA HIS A 15 -12.79 12.73 -17.54
C HIS A 15 -12.21 13.06 -16.17
N SER A 16 -11.90 14.34 -15.95
CA SER A 16 -11.53 14.80 -14.63
C SER A 16 -12.76 14.76 -13.71
N THR A 17 -12.75 13.84 -12.74
CA THR A 17 -13.80 13.71 -11.76
C THR A 17 -13.83 14.89 -10.78
N LYS A 18 -15.02 15.51 -10.62
CA LYS A 18 -15.21 16.64 -9.73
C LYS A 18 -15.75 16.28 -8.34
N ALA A 19 -16.26 15.05 -8.18
CA ALA A 19 -16.74 14.58 -6.89
C ALA A 19 -16.64 13.05 -6.82
N PHE A 20 -16.13 12.56 -5.69
CA PHE A 20 -15.94 11.14 -5.46
C PHE A 20 -16.94 10.59 -4.44
N ASP A 21 -17.26 9.30 -4.60
CA ASP A 21 -18.07 8.55 -3.66
C ASP A 21 -17.19 7.94 -2.56
N ALA A 22 -17.25 8.51 -1.36
CA ALA A 22 -16.40 8.07 -0.28
C ALA A 22 -16.61 6.62 0.17
N SER A 23 -17.68 5.97 -0.27
CA SER A 23 -17.94 4.59 0.14
C SER A 23 -17.30 3.58 -0.82
N LYS A 24 -16.77 4.06 -1.94
CA LYS A 24 -16.29 3.17 -3.00
C LYS A 24 -14.78 3.16 -3.12
N LYS A 25 -14.19 2.03 -2.68
CA LYS A 25 -12.77 1.84 -2.60
C LYS A 25 -12.25 1.14 -3.86
N LEU A 26 -11.00 1.41 -4.21
CA LEU A 26 -10.21 0.52 -5.04
C LEU A 26 -10.21 -0.87 -4.37
N THR A 27 -10.25 -1.89 -5.22
CA THR A 27 -9.96 -3.26 -4.79
C THR A 27 -8.49 -3.32 -4.36
N PRO A 28 -8.10 -4.22 -3.46
CA PRO A 28 -6.68 -4.38 -3.08
C PRO A 28 -5.77 -4.64 -4.28
N GLU A 29 -6.27 -5.36 -5.29
CA GLU A 29 -5.57 -5.58 -6.54
C GLU A 29 -5.31 -4.28 -7.33
N GLN A 30 -6.34 -3.46 -7.51
CA GLN A 30 -6.17 -2.14 -8.11
C GLN A 30 -5.21 -1.25 -7.33
N ALA A 31 -5.17 -1.38 -6.02
CA ALA A 31 -4.25 -0.60 -5.22
C ALA A 31 -2.80 -1.01 -5.50
N GLU A 32 -2.55 -2.29 -5.79
CA GLU A 32 -1.24 -2.75 -6.25
C GLU A 32 -0.95 -2.21 -7.65
N GLN A 33 -1.96 -2.26 -8.53
CA GLN A 33 -1.78 -1.90 -9.94
C GLN A 33 -1.42 -0.42 -10.11
N ILE A 34 -2.04 0.46 -9.35
CA ILE A 34 -1.73 1.86 -9.48
C ILE A 34 -0.28 2.14 -9.09
N LYS A 35 0.26 1.37 -8.14
CA LYS A 35 1.65 1.49 -7.73
C LYS A 35 2.60 1.02 -8.84
N THR A 36 2.21 -0.06 -9.51
CA THR A 36 2.92 -0.52 -10.70
C THR A 36 3.02 0.56 -11.79
N LEU A 37 1.89 1.24 -12.05
CA LEU A 37 1.88 2.34 -13.01
C LEU A 37 2.88 3.44 -12.67
N LEU A 38 2.92 3.85 -11.39
CA LEU A 38 3.80 4.93 -10.97
C LEU A 38 5.26 4.51 -11.18
N GLN A 39 5.56 3.28 -10.78
CA GLN A 39 6.91 2.74 -10.82
C GLN A 39 7.47 2.62 -12.24
N TYR A 40 6.63 2.14 -13.17
CA TYR A 40 7.09 1.70 -14.47
C TYR A 40 6.99 2.74 -15.59
N SER A 41 6.63 3.98 -15.22
CA SER A 41 6.68 5.10 -16.14
C SER A 41 8.09 5.27 -16.70
N PRO A 42 8.23 5.64 -18.00
CA PRO A 42 9.54 6.02 -18.53
C PRO A 42 9.94 7.39 -17.99
N SER A 43 11.24 7.71 -18.15
CA SER A 43 11.83 8.98 -17.75
C SER A 43 13.13 9.15 -18.52
N SER A 44 13.54 10.41 -18.78
CA SER A 44 14.77 10.70 -19.48
C SER A 44 15.91 10.00 -18.73
N THR A 45 16.68 9.19 -19.48
CA THR A 45 17.78 8.38 -18.96
C THR A 45 17.41 7.36 -17.89
N ASN A 46 16.13 7.01 -17.77
CA ASN A 46 15.65 6.20 -16.67
C ASN A 46 16.05 6.79 -15.32
N SER A 47 16.09 8.13 -15.26
CA SER A 47 16.50 8.87 -14.07
C SER A 47 15.52 8.75 -12.90
N GLN A 48 14.23 8.52 -13.22
CA GLN A 48 13.22 8.25 -12.21
C GLN A 48 13.29 9.24 -11.06
N PRO A 49 13.26 10.57 -11.34
CA PRO A 49 13.60 11.58 -10.34
C PRO A 49 12.38 11.96 -9.50
N TRP A 50 11.78 10.96 -8.87
CA TRP A 50 10.47 11.12 -8.29
C TRP A 50 10.26 10.36 -6.97
N HIS A 51 9.24 10.82 -6.23
CA HIS A 51 8.71 10.13 -5.07
C HIS A 51 7.19 10.22 -5.12
N PHE A 52 6.52 9.15 -4.66
CA PHE A 52 5.08 9.13 -4.61
C PHE A 52 4.65 8.94 -3.16
N ILE A 53 3.67 9.74 -2.76
CA ILE A 53 2.92 9.47 -1.54
C ILE A 53 1.56 8.94 -1.95
N VAL A 54 1.20 7.75 -1.45
CA VAL A 54 -0.11 7.18 -1.67
C VAL A 54 -0.88 7.14 -0.37
N ALA A 55 -1.86 8.04 -0.26
CA ALA A 55 -2.69 8.18 0.93
C ALA A 55 -4.00 7.44 0.69
N SER A 56 -4.27 6.43 1.51
CA SER A 56 -5.47 5.64 1.38
C SER A 56 -6.31 5.61 2.68
N THR A 57 -5.68 5.93 3.83
CA THR A 57 -6.38 6.06 5.09
C THR A 57 -6.99 7.45 5.26
N GLU A 58 -7.91 7.57 6.23
N GLU A 58 -7.90 7.57 6.23
CA GLU A 58 -8.59 8.83 6.51
CA GLU A 58 -8.59 8.81 6.52
C GLU A 58 -7.59 9.85 7.08
C GLU A 58 -7.60 9.84 7.07
N GLU A 59 -6.65 9.38 7.90
CA GLU A 59 -5.62 10.24 8.46
C GLU A 59 -4.67 10.73 7.37
N GLY A 60 -4.24 9.82 6.49
CA GLY A 60 -3.36 10.16 5.40
C GLY A 60 -3.96 11.19 4.43
N LYS A 61 -5.22 10.94 4.03
CA LYS A 61 -5.88 11.80 3.07
C LYS A 61 -6.11 13.20 3.65
N ALA A 62 -6.40 13.26 4.95
CA ALA A 62 -6.61 14.53 5.64
C ALA A 62 -5.34 15.38 5.71
N ARG A 63 -4.18 14.73 5.85
CA ARG A 63 -2.89 15.40 5.82
C ARG A 63 -2.64 16.06 4.46
N VAL A 64 -2.91 15.30 3.39
CA VAL A 64 -2.83 15.82 2.03
C VAL A 64 -3.77 17.00 1.82
N ALA A 65 -5.02 16.84 2.26
CA ALA A 65 -6.10 17.80 2.02
C ALA A 65 -5.88 19.14 2.69
N LYS A 66 -4.99 19.19 3.70
CA LYS A 66 -4.68 20.48 4.27
C LYS A 66 -4.07 21.43 3.23
N SER A 67 -3.39 20.87 2.21
CA SER A 67 -2.83 21.66 1.13
C SER A 67 -3.88 22.35 0.25
N ALA A 68 -5.16 21.94 0.37
CA ALA A 68 -6.24 22.60 -0.36
C ALA A 68 -6.98 23.68 0.44
N ALA A 69 -6.15 24.31 1.26
CA ALA A 69 -6.46 25.61 1.85
C ALA A 69 -6.60 26.67 0.76
N GLY A 70 -7.05 27.86 1.23
CA GLY A 70 -6.90 29.11 0.53
C GLY A 70 -7.97 29.24 -0.54
N ASN A 71 -7.53 29.61 -1.73
CA ASN A 71 -8.40 29.58 -2.91
C ASN A 71 -8.60 28.17 -3.46
N TYR A 72 -8.13 27.13 -2.74
CA TYR A 72 -8.18 25.79 -3.29
C TYR A 72 -9.16 24.87 -2.59
N VAL A 73 -10.13 25.43 -1.84
CA VAL A 73 -11.16 24.67 -1.17
C VAL A 73 -12.00 23.81 -2.11
N PHE A 74 -12.25 24.28 -3.34
CA PHE A 74 -13.00 23.46 -4.29
C PHE A 74 -12.37 22.07 -4.50
N ASN A 75 -11.06 21.97 -4.30
CA ASN A 75 -10.34 20.70 -4.43
C ASN A 75 -10.26 19.85 -3.17
N GLU A 76 -10.63 20.43 -2.02
CA GLU A 76 -10.45 19.74 -0.76
C GLU A 76 -11.29 18.47 -0.65
N ARG A 77 -12.54 18.57 -1.07
CA ARG A 77 -13.41 17.41 -1.00
C ARG A 77 -12.84 16.27 -1.80
N LYS A 78 -12.48 16.56 -3.05
CA LYS A 78 -11.94 15.50 -3.89
C LYS A 78 -10.86 14.67 -3.19
N MET A 79 -9.98 15.35 -2.46
CA MET A 79 -8.90 14.69 -1.75
C MET A 79 -9.41 13.86 -0.56
N LEU A 80 -10.47 14.32 0.09
CA LEU A 80 -10.99 13.60 1.24
C LEU A 80 -11.80 12.37 0.85
N ASP A 81 -12.56 12.49 -0.25
CA ASP A 81 -13.60 11.53 -0.58
C ASP A 81 -13.14 10.40 -1.50
N ALA A 82 -12.03 10.63 -2.22
CA ALA A 82 -11.46 9.60 -3.06
C ALA A 82 -10.92 8.45 -2.23
N SER A 83 -10.79 7.29 -2.89
CA SER A 83 -10.27 6.09 -2.26
C SER A 83 -8.79 6.24 -1.94
N HIS A 84 -8.01 6.55 -2.98
CA HIS A 84 -6.56 6.66 -2.90
C HIS A 84 -6.17 8.00 -3.49
N VAL A 85 -5.18 8.66 -2.88
CA VAL A 85 -4.74 9.96 -3.33
C VAL A 85 -3.23 9.89 -3.51
N VAL A 86 -2.77 10.15 -4.75
CA VAL A 86 -1.36 10.09 -5.07
C VAL A 86 -0.78 11.48 -5.15
N VAL A 87 0.28 11.73 -4.38
CA VAL A 87 1.07 12.95 -4.51
C VAL A 87 2.31 12.64 -5.36
N PHE A 88 2.38 13.27 -6.53
CA PHE A 88 3.56 13.18 -7.37
C PHE A 88 4.56 14.25 -6.94
N CYS A 89 5.76 13.79 -6.54
CA CYS A 89 6.86 14.66 -6.12
C CYS A 89 8.06 14.49 -7.03
N ALA A 90 8.74 15.61 -7.31
CA ALA A 90 10.01 15.61 -8.03
C ALA A 90 11.15 15.80 -7.04
N LYS A 91 12.32 15.22 -7.34
CA LYS A 91 13.55 15.62 -6.69
C LYS A 91 13.83 17.08 -6.95
N THR A 92 14.47 17.73 -5.95
CA THR A 92 14.85 19.13 -6.03
C THR A 92 16.26 19.31 -6.59
N ALA A 93 17.07 18.25 -6.54
CA ALA A 93 18.40 18.26 -7.12
C ALA A 93 18.83 16.85 -7.51
N MET A 94 19.58 16.76 -8.61
CA MET A 94 20.06 15.49 -9.09
C MET A 94 21.48 15.25 -8.58
N ASP A 95 21.61 14.29 -7.66
CA ASP A 95 22.87 13.99 -6.99
C ASP A 95 23.47 12.70 -7.55
N ASP A 96 24.76 12.53 -7.34
CA ASP A 96 25.49 11.36 -7.78
C ASP A 96 25.07 10.08 -7.06
N VAL A 97 24.64 10.20 -5.79
CA VAL A 97 24.16 9.03 -5.07
C VAL A 97 22.99 8.39 -5.84
N TRP A 98 22.08 9.22 -6.33
CA TRP A 98 20.90 8.77 -7.06
C TRP A 98 21.25 8.14 -8.40
N LEU A 99 22.21 8.73 -9.11
CA LEU A 99 22.66 8.22 -10.39
C LEU A 99 23.30 6.84 -10.27
N LYS A 100 23.96 6.60 -9.14
CA LYS A 100 24.62 5.33 -8.85
C LYS A 100 23.57 4.28 -8.52
N LEU A 101 22.51 4.71 -7.82
CA LEU A 101 21.41 3.85 -7.46
C LEU A 101 20.72 3.29 -8.69
N VAL A 102 20.52 4.17 -9.68
CA VAL A 102 19.81 3.88 -10.91
C VAL A 102 20.60 2.90 -11.78
N VAL A 103 21.89 3.19 -12.00
CA VAL A 103 22.69 2.35 -12.85
C VAL A 103 22.97 1.00 -12.19
N ASP A 104 23.10 0.98 -10.86
CA ASP A 104 23.29 -0.26 -10.13
C ASP A 104 22.04 -1.12 -10.22
N GLN A 105 20.85 -0.49 -10.18
CA GLN A 105 19.60 -1.20 -10.41
C GLN A 105 19.50 -1.75 -11.83
N GLU A 106 19.86 -0.95 -12.86
CA GLU A 106 19.89 -1.42 -14.23
C GLU A 106 20.80 -2.66 -14.33
N ASP A 107 21.89 -2.66 -13.57
CA ASP A 107 22.83 -3.78 -13.55
C ASP A 107 22.24 -5.04 -12.88
N ALA A 108 21.64 -4.86 -11.71
CA ALA A 108 20.93 -5.91 -10.97
C ALA A 108 19.81 -6.54 -11.79
N ASP A 109 19.14 -5.73 -12.62
CA ASP A 109 18.06 -6.20 -13.48
C ASP A 109 18.54 -6.91 -14.75
N GLY A 110 19.85 -6.83 -15.01
CA GLY A 110 20.50 -7.59 -16.07
C GLY A 110 20.62 -6.90 -17.42
N ARG A 111 20.71 -5.56 -17.43
CA ARG A 111 20.74 -4.78 -18.66
C ARG A 111 22.13 -4.60 -19.29
N PHE A 112 23.18 -5.09 -18.62
CA PHE A 112 24.54 -4.92 -19.10
C PHE A 112 25.24 -6.27 -19.30
N ALA A 113 25.73 -6.51 -20.51
CA ALA A 113 26.47 -7.74 -20.79
C ALA A 113 27.88 -7.68 -20.18
N THR A 114 28.44 -6.48 -20.03
CA THR A 114 29.81 -6.28 -19.56
C THR A 114 29.90 -5.20 -18.48
N PRO A 115 31.01 -5.13 -17.71
CA PRO A 115 31.33 -3.93 -16.94
C PRO A 115 31.50 -2.65 -17.78
N GLU A 116 32.08 -2.79 -18.98
CA GLU A 116 32.29 -1.68 -19.90
C GLU A 116 30.99 -1.00 -20.26
N ALA A 117 29.97 -1.81 -20.59
CA ALA A 117 28.65 -1.33 -20.98
C ALA A 117 27.97 -0.53 -19.87
N LYS A 118 28.18 -0.97 -18.63
CA LYS A 118 27.70 -0.27 -17.45
C LYS A 118 28.40 1.08 -17.23
N ALA A 119 29.73 1.09 -17.36
CA ALA A 119 30.51 2.32 -17.27
C ALA A 119 30.00 3.35 -18.26
N ALA A 120 29.74 2.89 -19.51
CA ALA A 120 29.30 3.73 -20.62
C ALA A 120 27.91 4.32 -20.39
N ASN A 121 27.01 3.49 -19.85
CA ASN A 121 25.70 3.94 -19.42
C ASN A 121 25.75 5.05 -18.38
N ASP A 122 26.63 4.88 -17.38
CA ASP A 122 26.81 5.87 -16.31
C ASP A 122 27.42 7.17 -16.82
N LYS A 123 28.46 7.04 -17.66
CA LYS A 123 29.13 8.19 -18.26
C LYS A 123 28.11 8.95 -19.09
N GLY A 124 27.28 8.21 -19.85
CA GLY A 124 26.23 8.77 -20.67
C GLY A 124 25.22 9.55 -19.83
N ARG A 125 24.75 8.94 -18.75
CA ARG A 125 23.77 9.57 -17.88
C ARG A 125 24.30 10.77 -17.09
N LYS A 126 25.52 10.66 -16.53
CA LYS A 126 26.17 11.77 -15.84
C LYS A 126 26.40 12.95 -16.79
N PHE A 127 26.85 12.64 -18.00
CA PHE A 127 27.10 13.69 -18.99
C PHE A 127 25.81 14.45 -19.26
N PPN A 128 24.72 13.70 -19.44
CA PPN A 128 23.45 14.29 -19.82
C PPN A 128 22.85 15.06 -18.63
O PPN A 128 22.33 16.16 -18.79
CB PPN A 128 22.53 13.24 -20.43
CG PPN A 128 21.37 13.93 -21.08
CD1 PPN A 128 20.16 14.02 -20.44
CD2 PPN A 128 21.58 14.64 -22.25
CE1 PPN A 128 19.10 14.73 -20.98
CE2 PPN A 128 20.57 15.37 -22.84
CZ PPN A 128 19.32 15.40 -22.19
N1 PPN A 128 18.26 16.24 -22.72
O1 PPN A 128 18.42 16.71 -23.84
O2 PPN A 128 17.36 16.57 -21.94
N ALA A 129 22.97 14.50 -17.41
CA ALA A 129 22.54 15.18 -16.20
C ALA A 129 23.32 16.44 -15.89
N ASP A 130 24.66 16.36 -16.05
CA ASP A 130 25.57 17.49 -15.85
C ASP A 130 25.21 18.67 -16.75
N MET A 131 24.78 18.35 -17.97
CA MET A 131 24.33 19.38 -18.89
C MET A 131 23.21 20.22 -18.24
N HIS A 132 22.33 19.56 -17.46
CA HIS A 132 21.21 20.26 -16.84
C HIS A 132 21.60 20.97 -15.53
N ARG A 133 22.43 20.35 -14.67
CA ARG A 133 22.80 21.00 -13.42
C ARG A 133 23.91 22.03 -13.60
N LYS A 134 24.94 21.71 -14.40
CA LYS A 134 26.09 22.59 -14.57
C LYS A 134 25.88 23.73 -15.57
N ASP A 135 25.55 23.41 -16.82
CA ASP A 135 25.48 24.40 -17.89
C ASP A 135 24.17 25.20 -17.91
N LEU A 136 23.04 24.50 -17.98
CA LEU A 136 21.75 25.14 -18.15
C LEU A 136 21.12 25.59 -16.84
N HIS A 137 21.55 24.97 -15.73
CA HIS A 137 21.01 25.20 -14.39
C HIS A 137 19.49 25.08 -14.38
N ASP A 138 18.96 24.00 -14.97
CA ASP A 138 17.52 23.82 -15.08
C ASP A 138 17.09 22.43 -14.62
N ASP A 139 17.92 21.75 -13.81
CA ASP A 139 17.67 20.36 -13.50
C ASP A 139 16.40 20.14 -12.69
N ALA A 140 15.98 21.15 -11.92
CA ALA A 140 14.71 21.08 -11.21
C ALA A 140 13.55 21.01 -12.20
N GLU A 141 13.57 21.91 -13.19
CA GLU A 141 12.54 21.95 -14.22
C GLU A 141 12.56 20.65 -15.03
N TRP A 142 13.76 20.18 -15.35
CA TRP A 142 13.93 18.95 -16.13
C TRP A 142 13.31 17.75 -15.43
N MET A 143 13.57 17.65 -14.12
CA MET A 143 13.11 16.51 -13.34
C MET A 143 11.59 16.57 -13.17
N ALA A 144 11.08 17.80 -12.97
CA ALA A 144 9.65 18.03 -12.88
C ALA A 144 8.88 17.60 -14.13
N LYS A 145 9.50 17.81 -15.29
CA LYS A 145 8.91 17.42 -16.57
C LYS A 145 8.72 15.90 -16.63
N GLN A 146 9.73 15.18 -16.11
CA GLN A 146 9.68 13.73 -16.08
C GLN A 146 8.51 13.28 -15.21
N VAL A 147 8.24 14.04 -14.16
CA VAL A 147 7.16 13.70 -13.24
C VAL A 147 5.81 13.91 -13.89
N TYR A 148 5.66 15.02 -14.64
CA TYR A 148 4.44 15.28 -15.41
C TYR A 148 4.19 14.19 -16.44
N LEU A 149 5.27 13.69 -17.04
CA LEU A 149 5.19 12.56 -17.95
C LEU A 149 4.62 11.35 -17.21
N ASN A 150 5.08 11.10 -15.99
CA ASN A 150 4.56 10.02 -15.17
C ASN A 150 3.05 10.20 -14.93
N VAL A 151 2.62 11.43 -14.61
CA VAL A 151 1.21 11.75 -14.41
C VAL A 151 0.37 11.38 -15.62
N GLY A 152 0.85 11.77 -16.81
CA GLY A 152 0.10 11.54 -18.03
C GLY A 152 -0.12 10.05 -18.26
N ASN A 153 0.96 9.28 -18.05
CA ASN A 153 0.93 7.83 -18.12
C ASN A 153 -0.09 7.29 -17.12
N PHE A 154 -0.05 7.83 -15.90
CA PHE A 154 -0.90 7.40 -14.83
C PHE A 154 -2.39 7.60 -15.13
N LEU A 155 -2.74 8.79 -15.64
CA LEU A 155 -4.13 9.13 -15.86
C LEU A 155 -4.84 8.24 -16.88
N LEU A 156 -4.12 7.90 -17.95
CA LEU A 156 -4.63 6.98 -18.94
C LEU A 156 -4.65 5.57 -18.36
N GLY A 157 -3.62 5.23 -17.57
CA GLY A 157 -3.58 3.92 -16.95
C GLY A 157 -4.79 3.67 -16.05
N VAL A 158 -5.07 4.61 -15.14
CA VAL A 158 -6.13 4.35 -14.18
C VAL A 158 -7.49 4.34 -14.88
N ALA A 159 -7.63 5.18 -15.92
CA ALA A 159 -8.82 5.15 -16.77
C ALA A 159 -9.00 3.78 -17.38
N ALA A 160 -7.91 3.21 -17.91
CA ALA A 160 -7.97 1.90 -18.54
C ALA A 160 -8.28 0.78 -17.54
N LEU A 161 -7.95 0.97 -16.25
CA LEU A 161 -8.36 0.04 -15.21
C LEU A 161 -9.81 0.17 -14.76
N GLY A 162 -10.53 1.19 -15.27
CA GLY A 162 -11.91 1.44 -14.90
C GLY A 162 -12.09 2.37 -13.71
N LEU A 163 -11.08 3.19 -13.39
CA LEU A 163 -11.12 4.06 -12.23
C LEU A 163 -11.26 5.51 -12.67
N ASP A 164 -11.91 6.29 -11.81
CA ASP A 164 -12.06 7.72 -12.01
C ASP A 164 -10.89 8.41 -11.31
N ALA A 165 -10.50 9.56 -11.85
CA ALA A 165 -9.42 10.33 -11.26
C ALA A 165 -9.52 11.80 -11.67
N VAL A 166 -8.73 12.62 -10.98
CA VAL A 166 -8.58 14.00 -11.39
C VAL A 166 -7.15 14.47 -11.07
N PRO A 167 -6.44 15.05 -12.06
CA PRO A 167 -5.17 15.71 -11.77
C PRO A 167 -5.45 17.04 -11.10
N ILE A 168 -4.65 17.36 -10.07
CA ILE A 168 -4.83 18.61 -9.35
C ILE A 168 -3.51 19.35 -9.23
N GLU A 169 -3.47 20.55 -9.81
CA GLU A 169 -2.42 21.54 -9.54
C GLU A 169 -2.89 22.59 -8.55
N GLY A 170 -4.22 22.69 -8.34
CA GLY A 170 -4.78 23.65 -7.41
C GLY A 170 -4.60 23.19 -5.97
N PHE A 171 -3.36 23.27 -5.47
CA PHE A 171 -3.06 23.03 -4.08
C PHE A 171 -1.83 23.84 -3.72
N ASP A 172 -1.58 23.98 -2.43
CA ASP A 172 -0.42 24.69 -1.96
C ASP A 172 0.70 23.70 -1.69
N ALA A 173 1.71 23.73 -2.57
CA ALA A 173 2.81 22.80 -2.49
C ALA A 173 3.64 23.03 -1.23
N ALA A 174 3.74 24.30 -0.79
CA ALA A 174 4.51 24.64 0.40
C ALA A 174 3.90 23.98 1.64
N ILE A 175 2.57 24.00 1.76
CA ILE A 175 1.87 23.32 2.84
C ILE A 175 2.10 21.82 2.79
N LEU A 176 1.95 21.24 1.60
CA LEU A 176 2.08 19.81 1.46
C LEU A 176 3.51 19.35 1.75
N ASP A 177 4.49 20.10 1.24
CA ASP A 177 5.90 19.80 1.48
C ASP A 177 6.24 19.88 2.96
N ALA A 178 5.71 20.91 3.63
CA ALA A 178 5.93 21.09 5.06
C ALA A 178 5.34 19.92 5.84
N GLU A 179 4.12 19.49 5.46
CA GLU A 179 3.41 18.41 6.16
C GLU A 179 4.12 17.07 6.10
N PHE A 180 4.81 16.77 5.00
CA PHE A 180 5.53 15.52 4.86
C PHE A 180 7.05 15.65 4.92
N GLY A 181 7.54 16.83 5.35
CA GLY A 181 8.96 17.10 5.47
C GLY A 181 9.74 16.79 4.19
N LEU A 182 9.19 17.23 3.06
CA LEU A 182 9.73 16.88 1.76
C LEU A 182 11.03 17.60 1.41
N LYS A 183 11.11 18.89 1.72
CA LYS A 183 12.30 19.68 1.45
C LYS A 183 13.56 19.04 2.03
N GLU A 184 13.47 18.58 3.28
CA GLU A 184 14.57 17.94 3.99
C GLU A 184 15.01 16.62 3.35
N LYS A 185 14.06 15.89 2.75
CA LYS A 185 14.35 14.63 2.07
C LYS A 185 14.73 14.77 0.60
N GLY A 186 14.66 15.99 0.06
CA GLY A 186 15.09 16.30 -1.29
C GLY A 186 13.99 16.23 -2.36
N TYR A 187 12.74 16.51 -1.98
CA TYR A 187 11.62 16.50 -2.90
C TYR A 187 10.71 17.71 -2.72
N THR A 188 9.86 17.91 -3.75
CA THR A 188 8.79 18.90 -3.75
C THR A 188 7.59 18.33 -4.51
N SER A 189 6.40 18.54 -3.94
CA SER A 189 5.15 18.12 -4.55
C SER A 189 4.79 18.98 -5.74
N LEU A 190 4.20 18.33 -6.75
CA LEU A 190 3.79 18.97 -8.00
C LEU A 190 2.34 18.76 -8.40
N VAL A 191 1.88 17.52 -8.30
CA VAL A 191 0.53 17.18 -8.72
C VAL A 191 -0.04 16.19 -7.72
N VAL A 192 -1.31 16.40 -7.39
CA VAL A 192 -2.07 15.47 -6.56
C VAL A 192 -3.13 14.82 -7.43
N VAL A 193 -3.21 13.49 -7.38
CA VAL A 193 -4.21 12.75 -8.16
C VAL A 193 -5.03 11.82 -7.27
N PRO A 194 -6.23 12.27 -6.86
CA PRO A 194 -7.23 11.38 -6.26
C PRO A 194 -7.76 10.37 -7.27
N VAL A 195 -7.93 9.14 -6.80
CA VAL A 195 -8.37 8.03 -7.60
C VAL A 195 -9.51 7.33 -6.87
N GLY A 196 -10.58 6.99 -7.61
CA GLY A 196 -11.68 6.24 -7.04
C GLY A 196 -12.83 6.07 -8.02
N HIS A 197 -14.04 6.37 -7.54
CA HIS A 197 -15.25 6.30 -8.33
C HIS A 197 -16.02 7.59 -8.08
N HIS A 198 -16.53 8.19 -9.16
CA HIS A 198 -17.27 9.44 -9.12
C HIS A 198 -18.59 9.23 -8.38
N SER A 199 -19.08 10.29 -7.75
CA SER A 199 -20.41 10.33 -7.15
C SER A 199 -21.38 11.01 -8.13
N VAL A 200 -22.66 11.03 -7.76
CA VAL A 200 -23.69 11.73 -8.50
C VAL A 200 -23.44 13.24 -8.60
N GLU A 201 -22.68 13.81 -7.66
CA GLU A 201 -22.32 15.22 -7.69
C GLU A 201 -21.21 15.60 -8.67
N ASP A 202 -20.71 14.62 -9.44
CA ASP A 202 -19.70 14.90 -10.46
C ASP A 202 -20.36 15.39 -11.74
N PHE A 203 -20.55 16.71 -11.84
CA PHE A 203 -21.20 17.32 -13.00
C PHE A 203 -20.45 17.06 -14.31
N ASN A 204 -19.13 16.87 -14.23
CA ASN A 204 -18.30 16.68 -15.40
C ASN A 204 -18.43 15.29 -16.04
N ALA A 205 -19.08 14.36 -15.34
CA ALA A 205 -19.25 13.00 -15.85
C ALA A 205 -20.15 12.94 -17.09
N THR A 206 -21.09 13.89 -17.18
CA THR A 206 -22.11 13.86 -18.23
C THR A 206 -21.95 15.01 -19.21
N LEU A 207 -20.93 15.85 -19.02
CA LEU A 207 -20.63 16.93 -19.95
C LEU A 207 -19.84 16.35 -21.13
N PRO A 208 -20.07 16.84 -22.36
CA PRO A 208 -19.25 16.41 -23.51
C PRO A 208 -17.82 16.94 -23.37
N LYS A 209 -16.86 16.14 -23.85
CA LYS A 209 -15.46 16.44 -23.76
C LYS A 209 -15.14 17.53 -24.79
N SER A 210 -14.21 18.44 -24.48
CA SER A 210 -13.92 19.51 -25.41
C SER A 210 -12.44 19.68 -25.68
N ARG A 211 -12.08 19.69 -26.97
CA ARG A 211 -10.72 19.95 -27.39
C ARG A 211 -10.71 20.85 -28.61
N LEU A 212 -9.68 21.67 -28.71
CA LEU A 212 -9.38 22.40 -29.94
C LEU A 212 -9.27 21.44 -31.11
N PRO A 213 -9.68 21.86 -32.32
CA PRO A 213 -9.57 21.00 -33.50
C PRO A 213 -8.11 20.81 -33.94
N GLN A 214 -7.85 19.68 -34.60
CA GLN A 214 -6.51 19.38 -35.08
C GLN A 214 -6.00 20.37 -36.13
N ASN A 215 -6.91 21.04 -36.85
CA ASN A 215 -6.47 22.02 -37.83
C ASN A 215 -5.80 23.24 -37.18
N ILE A 216 -5.90 23.38 -35.85
CA ILE A 216 -5.13 24.39 -35.13
C ILE A 216 -3.87 23.84 -34.47
N THR A 217 -4.01 22.72 -33.75
CA THR A 217 -2.93 22.14 -32.96
C THR A 217 -1.97 21.19 -33.67
N LEU A 218 -2.28 20.80 -34.90
CA LEU A 218 -1.52 19.76 -35.57
C LEU A 218 -1.16 20.06 -37.03
N THR A 219 0.12 19.89 -37.35
CA THR A 219 0.65 20.02 -38.71
C THR A 219 1.19 18.70 -39.23
N GLU A 220 0.88 18.35 -40.47
CA GLU A 220 1.48 17.20 -41.12
C GLU A 220 2.50 17.60 -42.18
N VAL A 221 3.67 16.94 -42.17
CA VAL A 221 4.71 17.16 -43.16
C VAL A 221 5.36 15.81 -43.74
N ASP B 6 -5.22 -5.86 -21.02
CA ASP B 6 -4.88 -5.30 -19.71
C ASP B 6 -3.73 -4.29 -19.80
N ILE B 7 -3.97 -3.11 -19.21
CA ILE B 7 -3.06 -1.98 -19.31
C ILE B 7 -1.78 -2.15 -18.49
N ILE B 8 -1.81 -2.99 -17.46
CA ILE B 8 -0.62 -3.22 -16.65
C ILE B 8 0.40 -4.05 -17.44
N SER B 9 -0.10 -5.02 -18.21
CA SER B 9 0.72 -5.74 -19.17
C SER B 9 1.40 -4.78 -20.15
N VAL B 10 0.61 -3.87 -20.72
CA VAL B 10 1.15 -2.91 -21.66
C VAL B 10 2.27 -2.11 -21.00
N ALA B 11 2.04 -1.66 -19.78
CA ALA B 11 3.01 -0.86 -19.03
C ALA B 11 4.32 -1.61 -18.74
N LEU B 12 4.19 -2.90 -18.42
CA LEU B 12 5.35 -3.73 -18.11
C LEU B 12 6.12 -4.22 -19.34
N LYS B 13 5.48 -4.22 -20.52
CA LYS B 13 6.09 -4.76 -21.72
C LYS B 13 6.56 -3.72 -22.73
N ARG B 14 6.09 -2.48 -22.62
CA ARG B 14 6.46 -1.43 -23.57
C ARG B 14 7.94 -1.15 -23.34
N HIS B 15 8.60 -0.53 -24.32
CA HIS B 15 10.02 -0.22 -24.18
C HIS B 15 10.36 0.90 -25.16
N SER B 16 11.40 1.67 -24.81
CA SER B 16 11.95 2.62 -25.76
C SER B 16 12.64 1.86 -26.89
N THR B 17 12.06 1.94 -28.10
CA THR B 17 12.64 1.35 -29.29
C THR B 17 13.92 2.06 -29.73
N LYS B 18 14.99 1.29 -29.94
CA LYS B 18 16.26 1.83 -30.39
C LYS B 18 16.48 1.77 -31.91
N ALA B 19 15.69 0.93 -32.62
CA ALA B 19 15.78 0.84 -34.06
C ALA B 19 14.43 0.47 -34.66
N PHE B 20 14.08 1.19 -35.72
CA PHE B 20 12.82 0.99 -36.41
C PHE B 20 13.01 0.32 -37.77
N ASP B 21 11.97 -0.42 -38.18
CA ASP B 21 11.89 -1.01 -39.51
C ASP B 21 11.21 0.00 -40.45
N ALA B 22 12.01 0.59 -41.33
CA ALA B 22 11.52 1.60 -42.24
C ALA B 22 10.43 1.13 -43.20
N SER B 23 10.28 -0.20 -43.36
CA SER B 23 9.33 -0.72 -44.32
C SER B 23 7.94 -0.92 -43.72
N LYS B 24 7.83 -0.73 -42.39
N LYS B 24 7.85 -0.74 -42.40
CA LYS B 24 6.56 -0.98 -41.71
CA LYS B 24 6.60 -0.93 -41.69
C LYS B 24 5.86 0.30 -41.28
C LYS B 24 5.91 0.37 -41.36
N LYS B 25 4.78 0.62 -41.99
CA LYS B 25 4.04 1.86 -41.81
C LYS B 25 2.87 1.65 -40.87
N LEU B 26 2.50 2.71 -40.17
CA LEU B 26 1.18 2.81 -39.57
C LEU B 26 0.13 2.60 -40.66
N THR B 27 -0.93 1.87 -40.30
CA THR B 27 -2.14 1.78 -41.11
C THR B 27 -2.78 3.16 -41.12
N PRO B 28 -3.59 3.49 -42.15
CA PRO B 28 -4.33 4.76 -42.17
C PRO B 28 -5.11 5.07 -40.89
N GLU B 29 -5.73 4.02 -40.34
CA GLU B 29 -6.47 4.08 -39.10
C GLU B 29 -5.59 4.42 -37.90
N GLN B 30 -4.46 3.72 -37.73
CA GLN B 30 -3.51 4.06 -36.68
C GLN B 30 -2.96 5.47 -36.80
N ALA B 31 -2.80 5.97 -38.02
CA ALA B 31 -2.32 7.33 -38.18
C ALA B 31 -3.36 8.35 -37.69
N GLU B 32 -4.65 8.03 -37.85
CA GLU B 32 -5.70 8.85 -37.25
C GLU B 32 -5.72 8.72 -35.73
N GLN B 33 -5.53 7.50 -35.23
CA GLN B 33 -5.64 7.24 -33.79
C GLN B 33 -4.56 7.95 -32.99
N ILE B 34 -3.31 7.97 -33.50
CA ILE B 34 -2.27 8.66 -32.77
C ILE B 34 -2.57 10.16 -32.67
N LYS B 35 -3.25 10.72 -33.68
CA LYS B 35 -3.64 12.12 -33.66
C LYS B 35 -4.73 12.39 -32.63
N THR B 36 -5.68 11.44 -32.51
CA THR B 36 -6.68 11.49 -31.47
C THR B 36 -6.05 11.51 -30.07
N LEU B 37 -5.03 10.67 -29.84
CA LEU B 37 -4.31 10.67 -28.57
C LEU B 37 -3.70 12.03 -28.23
N LEU B 38 -3.06 12.67 -29.21
CA LEU B 38 -2.40 13.94 -29.00
C LEU B 38 -3.44 15.02 -28.64
N GLN B 39 -4.54 15.00 -29.39
CA GLN B 39 -5.60 15.99 -29.23
C GLN B 39 -6.30 15.91 -27.87
N TYR B 40 -6.59 14.68 -27.42
CA TYR B 40 -7.49 14.47 -26.30
C TYR B 40 -6.81 14.30 -24.94
N SER B 41 -5.50 14.56 -24.88
CA SER B 41 -4.79 14.59 -23.62
C SER B 41 -5.40 15.65 -22.71
N PRO B 42 -5.47 15.43 -21.39
CA PRO B 42 -5.83 16.49 -20.45
C PRO B 42 -4.70 17.50 -20.32
N SER B 43 -5.04 18.66 -19.76
CA SER B 43 -4.10 19.75 -19.51
C SER B 43 -4.73 20.66 -18.45
N SER B 44 -3.88 21.34 -17.66
CA SER B 44 -4.34 22.29 -16.65
C SER B 44 -5.27 23.30 -17.32
N THR B 45 -6.50 23.42 -16.78
CA THR B 45 -7.57 24.28 -17.29
C THR B 45 -8.02 24.01 -18.71
N ASN B 46 -7.72 22.82 -19.25
CA ASN B 46 -7.94 22.53 -20.65
C ASN B 46 -7.29 23.58 -21.55
N SER B 47 -6.13 24.10 -21.09
CA SER B 47 -5.37 25.13 -21.79
C SER B 47 -4.75 24.64 -23.09
N GLN B 48 -4.47 23.34 -23.19
CA GLN B 48 -4.01 22.74 -24.45
C GLN B 48 -2.89 23.56 -25.09
N PRO B 49 -1.81 23.88 -24.35
CA PRO B 49 -0.83 24.88 -24.80
C PRO B 49 0.23 24.28 -25.69
N TRP B 50 -0.22 23.65 -26.77
CA TRP B 50 0.64 22.78 -27.55
C TRP B 50 0.38 22.83 -29.05
N HIS B 51 1.42 22.40 -29.78
CA HIS B 51 1.34 22.12 -31.21
C HIS B 51 2.07 20.81 -31.46
N PHE B 52 1.57 20.05 -32.42
CA PHE B 52 2.21 18.81 -32.84
C PHE B 52 2.59 18.94 -34.31
N ILE B 53 3.84 18.58 -34.61
CA ILE B 53 4.20 18.28 -35.99
C ILE B 53 4.26 16.77 -36.15
N VAL B 54 3.53 16.27 -37.15
CA VAL B 54 3.54 14.85 -37.46
C VAL B 54 4.17 14.67 -38.84
N ALA B 55 5.42 14.17 -38.84
CA ALA B 55 6.18 13.96 -40.04
C ALA B 55 6.05 12.49 -40.43
N SER B 56 5.52 12.24 -41.63
N SER B 56 5.53 12.24 -41.63
CA SER B 56 5.33 10.88 -42.10
CA SER B 56 5.35 10.88 -42.11
C SER B 56 6.00 10.62 -43.45
C SER B 56 6.00 10.62 -43.46
N THR B 57 6.30 11.69 -44.20
CA THR B 57 7.02 11.60 -45.47
C THR B 57 8.53 11.56 -45.24
N GLU B 58 9.26 11.17 -46.29
CA GLU B 58 10.71 11.06 -46.22
C GLU B 58 11.34 12.46 -46.06
N GLU B 59 10.76 13.46 -46.76
CA GLU B 59 11.21 14.83 -46.68
C GLU B 59 10.95 15.40 -45.29
N GLY B 60 9.76 15.17 -44.76
CA GLY B 60 9.39 15.66 -43.44
C GLY B 60 10.26 15.08 -42.33
N LYS B 61 10.47 13.77 -42.36
CA LYS B 61 11.25 13.10 -41.33
C LYS B 61 12.70 13.54 -41.35
N ALA B 62 13.22 13.78 -42.55
CA ALA B 62 14.59 14.24 -42.73
C ALA B 62 14.80 15.65 -42.19
N ARG B 63 13.78 16.50 -42.29
CA ARG B 63 13.82 17.86 -41.74
C ARG B 63 13.92 17.80 -40.21
N VAL B 64 13.09 16.94 -39.60
CA VAL B 64 13.16 16.71 -38.16
C VAL B 64 14.54 16.19 -37.74
N ALA B 65 15.05 15.20 -38.48
CA ALA B 65 16.30 14.52 -38.14
C ALA B 65 17.54 15.41 -38.22
N LYS B 66 17.44 16.53 -38.94
CA LYS B 66 18.49 17.53 -38.91
C LYS B 66 18.83 17.97 -37.49
N SER B 67 17.82 18.00 -36.61
CA SER B 67 18.01 18.36 -35.21
C SER B 67 18.88 17.37 -34.42
N ALA B 68 19.10 16.18 -34.98
CA ALA B 68 19.89 15.15 -34.32
C ALA B 68 21.28 14.95 -34.91
N ALA B 69 21.65 15.74 -35.93
CA ALA B 69 23.05 15.86 -36.33
C ALA B 69 23.81 16.52 -35.17
N GLY B 70 25.14 16.58 -35.28
CA GLY B 70 25.97 17.05 -34.17
C GLY B 70 26.13 15.97 -33.09
N ASN B 71 25.88 16.33 -31.83
CA ASN B 71 26.13 15.42 -30.73
C ASN B 71 25.07 14.35 -30.53
N TYR B 72 24.03 14.35 -31.36
CA TYR B 72 22.88 13.50 -31.08
C TYR B 72 22.63 12.43 -32.14
N VAL B 73 23.71 12.01 -32.81
CA VAL B 73 23.63 11.12 -33.97
C VAL B 73 22.95 9.79 -33.66
N PHE B 74 23.17 9.25 -32.46
CA PHE B 74 22.54 7.99 -32.06
C PHE B 74 21.01 8.05 -32.21
N ASN B 75 20.41 9.25 -32.11
CA ASN B 75 18.97 9.41 -32.28
C ASN B 75 18.51 9.70 -33.71
N GLU B 76 19.45 10.00 -34.60
CA GLU B 76 19.10 10.45 -35.94
C GLU B 76 18.39 9.35 -36.74
N ARG B 77 18.91 8.12 -36.61
N ARG B 77 18.91 8.12 -36.61
CA ARG B 77 18.41 6.99 -37.36
CA ARG B 77 18.41 6.98 -37.37
C ARG B 77 17.00 6.61 -36.92
C ARG B 77 16.99 6.61 -36.92
N LYS B 78 16.69 6.77 -35.64
CA LYS B 78 15.34 6.55 -35.16
C LYS B 78 14.31 7.45 -35.85
N MET B 79 14.66 8.72 -36.02
CA MET B 79 13.78 9.68 -36.66
C MET B 79 13.62 9.43 -38.17
N LEU B 80 14.66 8.92 -38.83
CA LEU B 80 14.56 8.64 -40.24
C LEU B 80 13.77 7.36 -40.55
N ASP B 81 13.92 6.37 -39.69
CA ASP B 81 13.45 5.02 -39.98
C ASP B 81 12.04 4.71 -39.50
N ALA B 82 11.55 5.49 -38.54
CA ALA B 82 10.20 5.31 -38.03
C ALA B 82 9.16 5.69 -39.10
N SER B 83 7.95 5.18 -38.93
CA SER B 83 6.85 5.48 -39.83
C SER B 83 6.42 6.93 -39.70
N HIS B 84 6.10 7.33 -38.47
CA HIS B 84 5.59 8.65 -38.15
C HIS B 84 6.44 9.21 -37.01
N VAL B 85 6.75 10.50 -37.08
CA VAL B 85 7.56 11.15 -36.07
C VAL B 85 6.78 12.37 -35.56
N VAL B 86 6.49 12.38 -34.25
CA VAL B 86 5.74 13.46 -33.64
C VAL B 86 6.69 14.40 -32.90
N VAL B 87 6.61 15.70 -33.24
CA VAL B 87 7.29 16.73 -32.47
C VAL B 87 6.28 17.36 -31.53
N PHE B 88 6.52 17.20 -30.23
CA PHE B 88 5.74 17.87 -29.22
C PHE B 88 6.32 19.27 -28.99
N CYS B 89 5.47 20.29 -29.21
CA CYS B 89 5.82 21.69 -29.02
C CYS B 89 4.93 22.32 -27.96
N ALA B 90 5.54 23.18 -27.13
CA ALA B 90 4.79 24.03 -26.21
C ALA B 90 4.70 25.44 -26.77
N LYS B 91 3.61 26.13 -26.45
CA LYS B 91 3.56 27.58 -26.59
C LYS B 91 4.65 28.23 -25.74
N THR B 92 5.17 29.36 -26.25
CA THR B 92 6.19 30.13 -25.56
C THR B 92 5.59 31.21 -24.66
N ALA B 93 4.33 31.58 -24.92
CA ALA B 93 3.61 32.52 -24.06
C ALA B 93 2.11 32.26 -24.14
N MET B 94 1.42 32.46 -23.00
CA MET B 94 -0.01 32.23 -22.92
C MET B 94 -0.73 33.55 -23.13
N ASP B 95 -1.40 33.67 -24.29
CA ASP B 95 -2.06 34.90 -24.69
C ASP B 95 -3.58 34.78 -24.51
N ASP B 96 -4.25 35.93 -24.43
CA ASP B 96 -5.69 35.99 -24.29
C ASP B 96 -6.44 35.47 -25.51
N VAL B 97 -5.86 35.62 -26.71
CA VAL B 97 -6.47 35.09 -27.91
C VAL B 97 -6.70 33.58 -27.75
N TRP B 98 -5.68 32.89 -27.23
CA TRP B 98 -5.73 31.44 -27.03
C TRP B 98 -6.76 31.03 -25.98
N LEU B 99 -6.84 31.78 -24.89
CA LEU B 99 -7.78 31.51 -23.83
C LEU B 99 -9.23 31.64 -24.28
N LYS B 100 -9.46 32.56 -25.22
CA LYS B 100 -10.77 32.83 -25.80
C LYS B 100 -11.14 31.70 -26.75
N LEU B 101 -10.14 31.22 -27.47
CA LEU B 101 -10.30 30.11 -28.41
C LEU B 101 -10.78 28.86 -27.69
N VAL B 102 -10.17 28.60 -26.51
CA VAL B 102 -10.42 27.42 -25.70
C VAL B 102 -11.82 27.45 -25.12
N VAL B 103 -12.19 28.57 -24.50
CA VAL B 103 -13.51 28.67 -23.85
C VAL B 103 -14.62 28.73 -24.90
N ASP B 104 -14.35 29.34 -26.06
CA ASP B 104 -15.31 29.36 -27.15
C ASP B 104 -15.53 27.95 -27.70
N GLN B 105 -14.47 27.16 -27.76
CA GLN B 105 -14.59 25.76 -28.14
C GLN B 105 -15.39 24.94 -27.11
N GLU B 106 -15.12 25.15 -25.82
CA GLU B 106 -15.89 24.52 -24.76
C GLU B 106 -17.36 24.85 -24.91
N ASP B 107 -17.67 26.09 -25.34
CA ASP B 107 -19.03 26.54 -25.56
C ASP B 107 -19.70 25.87 -26.77
N ALA B 108 -18.96 25.83 -27.90
CA ALA B 108 -19.38 25.15 -29.11
C ALA B 108 -19.66 23.67 -28.88
N ASP B 109 -18.88 23.04 -28.00
CA ASP B 109 -19.02 21.63 -27.67
C ASP B 109 -20.15 21.35 -26.68
N GLY B 110 -20.74 22.41 -26.11
CA GLY B 110 -21.95 22.32 -25.30
C GLY B 110 -21.74 22.18 -23.78
N ARG B 111 -20.62 22.70 -23.25
CA ARG B 111 -20.23 22.48 -21.86
C ARG B 111 -20.80 23.50 -20.88
N PHE B 112 -21.53 24.50 -21.40
CA PHE B 112 -22.10 25.55 -20.56
C PHE B 112 -23.61 25.61 -20.75
N ALA B 113 -24.35 25.52 -19.63
CA ALA B 113 -25.79 25.66 -19.70
C ALA B 113 -26.21 27.11 -19.91
N THR B 114 -25.37 28.06 -19.44
CA THR B 114 -25.71 29.48 -19.43
C THR B 114 -24.55 30.35 -19.94
N PRO B 115 -24.79 31.63 -20.31
CA PRO B 115 -23.71 32.61 -20.45
C PRO B 115 -22.89 32.83 -19.17
N GLU B 116 -23.58 32.82 -18.02
CA GLU B 116 -22.94 33.00 -16.71
C GLU B 116 -21.84 31.96 -16.48
N ALA B 117 -22.18 30.69 -16.76
CA ALA B 117 -21.29 29.56 -16.56
C ALA B 117 -20.01 29.66 -17.40
N LYS B 118 -20.18 30.17 -18.63
CA LYS B 118 -19.07 30.45 -19.53
C LYS B 118 -18.16 31.57 -19.02
N ALA B 119 -18.77 32.68 -18.57
CA ALA B 119 -18.03 33.79 -17.98
C ALA B 119 -17.17 33.31 -16.81
N ALA B 120 -17.76 32.46 -15.95
CA ALA B 120 -17.13 31.95 -14.75
C ALA B 120 -15.96 31.02 -15.06
N ASN B 121 -16.13 30.17 -16.08
CA ASN B 121 -15.05 29.35 -16.61
C ASN B 121 -13.86 30.17 -17.10
N ASP B 122 -14.15 31.25 -17.83
CA ASP B 122 -13.11 32.12 -18.36
C ASP B 122 -12.38 32.89 -17.25
N LYS B 123 -13.15 33.41 -16.29
CA LYS B 123 -12.60 34.14 -15.17
C LYS B 123 -11.70 33.21 -14.38
N GLY B 124 -12.18 31.96 -14.21
CA GLY B 124 -11.41 30.92 -13.53
C GLY B 124 -10.10 30.62 -14.23
N ARG B 125 -10.15 30.44 -15.54
CA ARG B 125 -8.96 30.13 -16.34
C ARG B 125 -7.97 31.29 -16.43
N LYS B 126 -8.46 32.51 -16.66
CA LYS B 126 -7.62 33.70 -16.70
C LYS B 126 -6.95 33.94 -15.36
N PHE B 127 -7.69 33.74 -14.27
CA PHE B 127 -7.14 33.91 -12.92
C PHE B 127 -5.96 32.97 -12.75
N PPN B 128 -6.17 31.71 -13.15
CA PPN B 128 -5.19 30.68 -12.90
C PPN B 128 -3.97 30.89 -13.83
O PPN B 128 -2.83 30.76 -13.41
CB PPN B 128 -5.82 29.27 -12.98
CG PPN B 128 -4.84 28.29 -12.41
CD1 PPN B 128 -4.04 27.53 -13.26
CD2 PPN B 128 -4.57 28.28 -11.05
CE1 PPN B 128 -3.04 26.72 -12.77
CE2 PPN B 128 -3.57 27.48 -10.52
CZ PPN B 128 -2.83 26.69 -11.39
N1 PPN B 128 -1.75 25.86 -10.88
O1 PPN B 128 -1.05 25.27 -11.71
O2 PPN B 128 -1.49 25.91 -9.68
N ALA B 129 -4.22 31.25 -15.09
CA ALA B 129 -3.17 31.57 -16.04
C ALA B 129 -2.34 32.80 -15.65
N ASP B 130 -3.04 33.85 -15.20
CA ASP B 130 -2.42 35.09 -14.75
C ASP B 130 -1.47 34.84 -13.58
N MET B 131 -1.82 33.91 -12.71
CA MET B 131 -0.94 33.53 -11.62
C MET B 131 0.43 33.10 -12.18
N HIS B 132 0.45 32.43 -13.33
CA HIS B 132 1.70 31.95 -13.92
C HIS B 132 2.44 33.04 -14.72
N ARG B 133 1.73 33.85 -15.52
CA ARG B 133 2.40 34.87 -16.32
C ARG B 133 2.71 36.13 -15.50
N LYS B 134 1.77 36.62 -14.69
CA LYS B 134 2.02 37.85 -13.95
C LYS B 134 2.86 37.58 -12.74
N ASP B 135 2.32 36.93 -11.73
CA ASP B 135 3.13 36.54 -10.60
C ASP B 135 3.85 35.31 -11.07
N LEU B 136 4.83 34.85 -10.31
CA LEU B 136 5.60 33.68 -10.74
C LEU B 136 6.44 33.79 -12.03
N HIS B 137 5.91 34.36 -13.12
CA HIS B 137 6.62 34.49 -14.39
C HIS B 137 7.21 33.15 -14.83
N ASP B 138 6.40 32.09 -14.80
CA ASP B 138 6.87 30.75 -15.11
C ASP B 138 5.97 30.04 -16.10
N ASP B 139 5.20 30.82 -16.89
CA ASP B 139 4.17 30.22 -17.74
C ASP B 139 4.76 29.35 -18.86
N ALA B 140 5.99 29.62 -19.27
CA ALA B 140 6.68 28.77 -20.22
C ALA B 140 6.92 27.38 -19.62
N GLU B 141 7.44 27.34 -18.39
CA GLU B 141 7.67 26.09 -17.68
C GLU B 141 6.35 25.36 -17.47
N TRP B 142 5.33 26.12 -17.07
CA TRP B 142 4.02 25.55 -16.79
C TRP B 142 3.41 24.86 -18.01
N MET B 143 3.53 25.53 -19.17
CA MET B 143 2.93 25.05 -20.39
C MET B 143 3.70 23.82 -20.89
N ALA B 144 5.02 23.86 -20.72
CA ALA B 144 5.89 22.74 -21.07
C ALA B 144 5.56 21.47 -20.29
N LYS B 145 5.20 21.64 -19.02
CA LYS B 145 4.83 20.51 -18.18
C LYS B 145 3.57 19.85 -18.71
N GLN B 146 2.62 20.66 -19.20
CA GLN B 146 1.38 20.12 -19.75
C GLN B 146 1.72 19.27 -20.98
N VAL B 147 2.75 19.69 -21.73
CA VAL B 147 3.14 18.99 -22.94
C VAL B 147 3.77 17.64 -22.60
N TYR B 148 4.63 17.62 -21.57
CA TYR B 148 5.21 16.38 -21.06
C TYR B 148 4.14 15.41 -20.58
N LEU B 149 3.09 15.94 -19.96
CA LEU B 149 1.94 15.14 -19.57
C LEU B 149 1.31 14.51 -20.81
N ASN B 150 1.18 15.28 -21.90
CA ASN B 150 0.66 14.75 -23.15
C ASN B 150 1.54 13.59 -23.66
N VAL B 151 2.87 13.77 -23.60
CA VAL B 151 3.81 12.73 -23.99
C VAL B 151 3.58 11.42 -23.21
N GLY B 152 3.41 11.54 -21.89
CA GLY B 152 3.26 10.39 -21.04
C GLY B 152 2.02 9.59 -21.44
N ASN B 153 0.92 10.34 -21.65
CA ASN B 153 -0.34 9.79 -22.15
C ASN B 153 -0.11 9.10 -23.50
N PHE B 154 0.65 9.76 -24.37
CA PHE B 154 0.88 9.28 -25.72
C PHE B 154 1.65 7.96 -25.74
N LEU B 155 2.70 7.87 -24.93
CA LEU B 155 3.56 6.69 -24.95
C LEU B 155 2.86 5.40 -24.54
N LEU B 156 2.00 5.52 -23.51
CA LEU B 156 1.18 4.41 -23.10
C LEU B 156 0.09 4.14 -24.14
N GLY B 157 -0.46 5.20 -24.72
CA GLY B 157 -1.48 5.06 -25.75
C GLY B 157 -0.95 4.25 -26.93
N VAL B 158 0.20 4.66 -27.48
CA VAL B 158 0.65 4.00 -28.69
C VAL B 158 1.08 2.56 -28.39
N ALA B 159 1.62 2.32 -27.20
CA ALA B 159 1.93 0.97 -26.76
C ALA B 159 0.66 0.12 -26.74
N ALA B 160 -0.42 0.69 -26.19
CA ALA B 160 -1.67 -0.03 -26.13
C ALA B 160 -2.30 -0.28 -27.50
N LEU B 161 -1.98 0.55 -28.51
CA LEU B 161 -2.37 0.28 -29.89
C LEU B 161 -1.55 -0.80 -30.61
N GLY B 162 -0.48 -1.27 -29.97
CA GLY B 162 0.43 -2.23 -30.58
C GLY B 162 1.59 -1.62 -31.37
N LEU B 163 1.92 -0.36 -31.09
CA LEU B 163 2.96 0.34 -31.83
C LEU B 163 4.19 0.56 -30.93
N ASP B 164 5.35 0.60 -31.57
CA ASP B 164 6.61 0.87 -30.90
C ASP B 164 6.88 2.37 -30.98
N ALA B 165 7.61 2.86 -29.99
CA ALA B 165 7.95 4.26 -29.96
C ALA B 165 9.17 4.50 -29.05
N VAL B 166 9.72 5.70 -29.18
CA VAL B 166 10.74 6.15 -28.27
C VAL B 166 10.61 7.65 -28.03
N PRO B 167 10.58 8.10 -26.76
CA PRO B 167 10.68 9.54 -26.46
C PRO B 167 12.12 10.01 -26.64
N ILE B 168 12.28 11.18 -27.22
CA ILE B 168 13.61 11.73 -27.45
C ILE B 168 13.71 13.17 -26.97
N GLU B 169 14.62 13.41 -26.02
CA GLU B 169 15.06 14.74 -25.65
C GLU B 169 16.43 15.08 -26.26
N GLY B 170 17.14 14.06 -26.73
CA GLY B 170 18.45 14.24 -27.33
C GLY B 170 18.33 14.74 -28.76
N PHE B 171 18.00 16.04 -28.87
CA PHE B 171 17.99 16.73 -30.15
C PHE B 171 18.24 18.21 -29.86
N ASP B 172 18.57 18.97 -30.91
CA ASP B 172 18.80 20.40 -30.79
C ASP B 172 17.51 21.15 -31.10
N ALA B 173 16.89 21.69 -30.06
CA ALA B 173 15.62 22.37 -30.20
C ALA B 173 15.72 23.66 -31.03
N ALA B 174 16.86 24.32 -30.95
CA ALA B 174 17.11 25.54 -31.71
C ALA B 174 17.10 25.24 -33.22
N ILE B 175 17.73 24.14 -33.63
CA ILE B 175 17.72 23.72 -35.01
C ILE B 175 16.31 23.33 -35.45
N LEU B 176 15.60 22.56 -34.62
CA LEU B 176 14.27 22.12 -34.98
C LEU B 176 13.29 23.29 -35.09
N ASP B 177 13.39 24.23 -34.13
CA ASP B 177 12.57 25.43 -34.14
C ASP B 177 12.83 26.27 -35.39
N ALA B 178 14.12 26.42 -35.73
CA ALA B 178 14.53 27.18 -36.90
C ALA B 178 13.98 26.53 -38.16
N GLU B 179 14.05 25.20 -38.25
CA GLU B 179 13.63 24.47 -39.44
C GLU B 179 12.15 24.58 -39.75
N PHE B 180 11.31 24.69 -38.72
CA PHE B 180 9.88 24.86 -38.92
C PHE B 180 9.34 26.25 -38.54
N GLY B 181 10.25 27.23 -38.39
CA GLY B 181 9.88 28.60 -38.05
C GLY B 181 8.96 28.72 -36.82
N LEU B 182 9.27 27.95 -35.78
CA LEU B 182 8.41 27.81 -34.61
C LEU B 182 8.40 29.03 -33.71
N LYS B 183 9.57 29.65 -33.48
CA LYS B 183 9.66 30.81 -32.62
C LYS B 183 8.71 31.93 -33.07
N GLU B 184 8.67 32.19 -34.37
CA GLU B 184 7.82 33.21 -34.97
C GLU B 184 6.33 32.91 -34.80
N LYS B 185 5.96 31.63 -34.79
CA LYS B 185 4.57 31.22 -34.61
C LYS B 185 4.13 31.03 -33.15
N GLY B 186 5.09 31.17 -32.22
CA GLY B 186 4.82 31.14 -30.79
C GLY B 186 4.97 29.77 -30.13
N TYR B 187 5.85 28.92 -30.67
CA TYR B 187 6.11 27.60 -30.12
C TYR B 187 7.60 27.27 -30.03
N THR B 188 7.88 26.23 -29.24
CA THR B 188 9.21 25.64 -29.10
C THR B 188 9.06 24.13 -28.93
N SER B 189 9.91 23.39 -29.65
CA SER B 189 9.97 21.95 -29.58
C SER B 189 10.60 21.49 -28.26
N LEU B 190 10.06 20.38 -27.73
CA LEU B 190 10.49 19.80 -26.47
C LEU B 190 10.84 18.31 -26.55
N VAL B 191 9.99 17.54 -27.22
CA VAL B 191 10.18 16.10 -27.29
C VAL B 191 9.82 15.64 -28.69
N VAL B 192 10.65 14.72 -29.21
CA VAL B 192 10.38 14.07 -30.47
C VAL B 192 10.07 12.61 -30.20
N VAL B 193 8.98 12.11 -30.76
CA VAL B 193 8.55 10.73 -30.58
C VAL B 193 8.32 10.04 -31.92
N PRO B 194 9.33 9.28 -32.41
CA PRO B 194 9.13 8.34 -33.51
C PRO B 194 8.22 7.19 -33.12
N VAL B 195 7.34 6.83 -34.04
CA VAL B 195 6.34 5.79 -33.84
C VAL B 195 6.42 4.84 -35.04
N GLY B 196 6.40 3.53 -34.75
CA GLY B 196 6.32 2.55 -35.81
C GLY B 196 6.46 1.13 -35.27
N HIS B 197 7.34 0.35 -35.90
CA HIS B 197 7.60 -1.01 -35.50
C HIS B 197 9.11 -1.17 -35.40
N HIS B 198 9.58 -1.84 -34.33
CA HIS B 198 10.98 -2.07 -34.09
C HIS B 198 11.51 -3.03 -35.15
N SER B 199 12.82 -2.89 -35.45
CA SER B 199 13.53 -3.83 -36.30
C SER B 199 14.28 -4.84 -35.42
N VAL B 200 14.91 -5.84 -36.05
CA VAL B 200 15.73 -6.81 -35.32
C VAL B 200 16.94 -6.16 -34.66
N GLU B 201 17.37 -5.00 -35.16
CA GLU B 201 18.45 -4.23 -34.55
C GLU B 201 18.09 -3.47 -33.27
N ASP B 202 16.85 -3.61 -32.79
CA ASP B 202 16.43 -3.00 -31.54
C ASP B 202 16.83 -3.88 -30.36
N PHE B 203 18.05 -3.67 -29.86
CA PHE B 203 18.61 -4.44 -28.76
C PHE B 203 17.78 -4.32 -27.49
N ASN B 204 17.08 -3.18 -27.31
CA ASN B 204 16.30 -2.93 -26.10
C ASN B 204 14.99 -3.71 -26.03
N ALA B 205 14.60 -4.36 -27.15
CA ALA B 205 13.36 -5.12 -27.20
C ALA B 205 13.40 -6.35 -26.30
N THR B 206 14.59 -6.92 -26.12
CA THR B 206 14.76 -8.17 -25.42
C THR B 206 15.50 -8.00 -24.09
N LEU B 207 15.86 -6.77 -23.74
CA LEU B 207 16.48 -6.47 -22.46
C LEU B 207 15.42 -6.36 -21.39
N PRO B 208 15.68 -6.85 -20.15
CA PRO B 208 14.71 -6.72 -19.08
C PRO B 208 14.56 -5.25 -18.65
N LYS B 209 13.35 -4.89 -18.26
CA LYS B 209 13.02 -3.55 -17.85
C LYS B 209 13.57 -3.33 -16.45
N SER B 210 14.00 -2.11 -16.12
CA SER B 210 14.56 -1.84 -14.81
C SER B 210 13.94 -0.61 -14.18
N ARG B 211 13.48 -0.76 -12.94
CA ARG B 211 13.03 0.37 -12.15
C ARG B 211 13.54 0.22 -10.73
N LEU B 212 13.84 1.37 -10.12
CA LEU B 212 14.05 1.45 -8.68
C LEU B 212 12.89 0.82 -7.92
N PRO B 213 13.16 0.16 -6.77
CA PRO B 213 12.11 -0.49 -6.00
C PRO B 213 11.18 0.50 -5.31
N GLN B 214 9.94 0.08 -5.06
CA GLN B 214 8.95 0.95 -4.41
C GLN B 214 9.34 1.36 -2.98
N ASN B 215 10.17 0.54 -2.30
CA ASN B 215 10.60 0.89 -0.96
C ASN B 215 11.50 2.13 -0.95
N ILE B 216 11.96 2.60 -2.11
CA ILE B 216 12.68 3.87 -2.23
C ILE B 216 11.79 5.01 -2.71
N THR B 217 11.04 4.76 -3.80
CA THR B 217 10.25 5.77 -4.47
C THR B 217 8.84 6.02 -3.94
N LEU B 218 8.35 5.16 -3.05
CA LEU B 218 6.94 5.20 -2.70
C LEU B 218 6.64 5.03 -1.21
N THR B 219 5.90 6.00 -0.67
CA THR B 219 5.46 6.01 0.72
C THR B 219 3.94 5.91 0.80
N GLU B 220 3.45 5.05 1.72
CA GLU B 220 2.03 4.87 1.93
C GLU B 220 1.61 5.47 3.27
N VAL B 221 0.47 6.18 3.29
CA VAL B 221 -0.02 6.83 4.50
C VAL B 221 -1.58 6.62 4.79
N ASP C 6 -30.50 -33.36 15.08
CA ASP C 6 -30.37 -33.06 16.52
C ASP C 6 -29.33 -31.96 16.81
N ILE C 7 -29.71 -30.97 17.61
CA ILE C 7 -28.87 -29.80 17.85
C ILE C 7 -27.67 -30.09 18.75
N ILE C 8 -27.73 -31.14 19.57
CA ILE C 8 -26.59 -31.49 20.41
C ILE C 8 -25.46 -32.06 19.56
N SER C 9 -25.82 -32.86 18.56
CA SER C 9 -24.88 -33.31 17.55
C SER C 9 -24.18 -32.15 16.87
N VAL C 10 -24.97 -31.16 16.45
CA VAL C 10 -24.41 -29.99 15.79
C VAL C 10 -23.40 -29.31 16.71
N ALA C 11 -23.78 -29.15 18.00
CA ALA C 11 -22.93 -28.49 18.98
C ALA C 11 -21.61 -29.23 19.22
N LEU C 12 -21.68 -30.58 19.24
CA LEU C 12 -20.53 -31.42 19.51
C LEU C 12 -19.61 -31.59 18.30
N LYS C 13 -20.14 -31.35 17.09
CA LYS C 13 -19.39 -31.59 15.88
C LYS C 13 -18.85 -30.34 15.19
N ARG C 14 -19.42 -29.18 15.49
CA ARG C 14 -18.96 -27.94 14.90
C ARG C 14 -17.56 -27.68 15.44
N HIS C 15 -16.79 -26.83 14.75
CA HIS C 15 -15.43 -26.52 15.17
C HIS C 15 -15.04 -25.20 14.54
N SER C 16 -14.11 -24.48 15.17
CA SER C 16 -13.52 -23.31 14.55
C SER C 16 -12.65 -23.75 13.37
N THR C 17 -13.10 -23.43 12.14
CA THR C 17 -12.35 -23.70 10.93
C THR C 17 -11.10 -22.83 10.81
N LYS C 18 -9.96 -23.48 10.54
CA LYS C 18 -8.69 -22.80 10.38
C LYS C 18 -8.29 -22.49 8.93
N ALA C 19 -8.99 -23.09 7.96
CA ALA C 19 -8.72 -22.84 6.56
C ALA C 19 -9.96 -23.15 5.73
N PHE C 20 -10.28 -22.23 4.81
CA PHE C 20 -11.44 -22.34 3.95
C PHE C 20 -11.10 -22.67 2.50
N ASP C 21 -12.03 -23.34 1.82
CA ASP C 21 -11.98 -23.62 0.41
C ASP C 21 -12.58 -22.47 -0.39
N ALA C 22 -11.73 -21.68 -1.04
CA ALA C 22 -12.17 -20.51 -1.76
C ALA C 22 -13.08 -20.82 -2.95
N SER C 23 -13.14 -22.09 -3.39
CA SER C 23 -13.97 -22.43 -4.53
C SER C 23 -15.41 -22.78 -4.13
N LYS C 24 -15.68 -22.88 -2.82
CA LYS C 24 -16.98 -23.30 -2.34
C LYS C 24 -17.77 -22.14 -1.73
N LYS C 25 -18.80 -21.71 -2.47
CA LYS C 25 -19.64 -20.60 -2.10
C LYS C 25 -20.88 -21.10 -1.36
N LEU C 26 -21.39 -20.25 -0.46
CA LEU C 26 -22.76 -20.37 0.00
C LEU C 26 -23.69 -20.36 -1.22
N THR C 27 -24.73 -21.19 -1.14
CA THR C 27 -25.85 -21.12 -2.07
C THR C 27 -26.55 -19.79 -1.86
N PRO C 28 -27.26 -19.26 -2.88
CA PRO C 28 -28.05 -18.03 -2.72
C PRO C 28 -29.00 -18.06 -1.53
N GLU C 29 -29.61 -19.24 -1.28
CA GLU C 29 -30.49 -19.46 -0.14
C GLU C 29 -29.76 -19.32 1.20
N GLN C 30 -28.62 -20.01 1.35
CA GLN C 30 -27.80 -19.85 2.55
C GLN C 30 -27.33 -18.43 2.79
N ALA C 31 -27.07 -17.67 1.72
CA ALA C 31 -26.66 -16.29 1.87
C ALA C 31 -27.78 -15.44 2.44
N GLU C 32 -29.04 -15.75 2.09
CA GLU C 32 -30.19 -15.11 2.71
C GLU C 32 -30.32 -15.54 4.18
N GLN C 33 -30.14 -16.84 4.44
CA GLN C 33 -30.36 -17.40 5.76
C GLN C 33 -29.39 -16.84 6.81
N ILE C 34 -28.12 -16.66 6.45
CA ILE C 34 -27.19 -16.13 7.43
C ILE C 34 -27.57 -14.70 7.83
N LYS C 35 -28.16 -13.95 6.88
CA LYS C 35 -28.61 -12.59 7.18
C LYS C 35 -29.82 -12.59 8.12
N THR C 36 -30.73 -13.56 7.92
CA THR C 36 -31.83 -13.79 8.83
C THR C 36 -31.35 -14.07 10.25
N LEU C 37 -30.32 -14.93 10.40
CA LEU C 37 -29.74 -15.20 11.71
C LEU C 37 -29.26 -13.94 12.43
N LEU C 38 -28.56 -13.07 11.70
CA LEU C 38 -28.01 -11.86 12.28
C LEU C 38 -29.13 -10.94 12.78
N GLN C 39 -30.14 -10.81 11.93
CA GLN C 39 -31.27 -9.93 12.18
C GLN C 39 -32.10 -10.33 13.39
N TYR C 40 -32.36 -11.64 13.51
CA TYR C 40 -33.37 -12.15 14.43
C TYR C 40 -32.85 -12.59 15.81
N SER C 41 -31.57 -12.33 16.06
CA SER C 41 -31.01 -12.56 17.38
C SER C 41 -31.74 -11.75 18.42
N PRO C 42 -31.93 -12.28 19.66
CA PRO C 42 -32.44 -11.50 20.77
C PRO C 42 -31.39 -10.50 21.24
N SER C 43 -31.85 -9.49 22.00
CA SER C 43 -31.02 -8.48 22.61
C SER C 43 -31.78 -7.85 23.77
N SER C 44 -31.05 -7.36 24.79
CA SER C 44 -31.67 -6.69 25.93
C SER C 44 -32.58 -5.58 25.41
N THR C 45 -33.86 -5.63 25.83
CA THR C 45 -34.90 -4.69 25.42
C THR C 45 -35.19 -4.62 23.93
N ASN C 46 -34.78 -5.64 23.17
CA ASN C 46 -34.83 -5.60 21.71
C ASN C 46 -34.12 -4.35 21.17
N SER C 47 -33.06 -3.93 21.87
CA SER C 47 -32.28 -2.75 21.53
C SER C 47 -31.50 -2.89 20.22
N GLN C 48 -31.15 -4.13 19.85
CA GLN C 48 -30.52 -4.41 18.57
C GLN C 48 -29.39 -3.43 18.26
N PRO C 49 -28.39 -3.26 19.17
CA PRO C 49 -27.44 -2.14 19.08
C PRO C 49 -26.26 -2.51 18.19
N TRP C 50 -26.56 -2.88 16.95
CA TRP C 50 -25.58 -3.51 16.10
C TRP C 50 -25.67 -3.13 14.62
N HIS C 51 -24.55 -3.37 13.94
CA HIS C 51 -24.45 -3.30 12.49
C HIS C 51 -23.62 -4.48 12.02
N PHE C 52 -24.01 -5.02 10.86
CA PHE C 52 -23.28 -6.12 10.25
C PHE C 52 -22.75 -5.70 8.90
N ILE C 53 -21.48 -6.01 8.65
CA ILE C 53 -20.94 -5.96 7.30
C ILE C 53 -20.79 -7.39 6.80
N VAL C 54 -21.42 -7.68 5.66
CA VAL C 54 -21.33 -8.99 5.05
C VAL C 54 -20.57 -8.87 3.73
N ALA C 55 -19.33 -9.35 3.75
CA ALA C 55 -18.42 -9.27 2.61
C ALA C 55 -18.45 -10.61 1.90
N SER C 56 -18.85 -10.62 0.65
CA SER C 56 -18.95 -11.82 -0.14
C SER C 56 -18.18 -11.73 -1.47
N THR C 57 -17.86 -10.49 -1.91
CA THR C 57 -16.99 -10.28 -3.05
C THR C 57 -15.52 -10.35 -2.64
N GLU C 58 -14.65 -10.54 -3.63
CA GLU C 58 -13.22 -10.70 -3.37
C GLU C 58 -12.64 -9.36 -2.92
N GLU C 59 -13.14 -8.26 -3.47
CA GLU C 59 -12.74 -6.92 -3.06
C GLU C 59 -13.16 -6.61 -1.64
N GLY C 60 -14.40 -6.96 -1.28
CA GLY C 60 -14.91 -6.74 0.06
C GLY C 60 -14.15 -7.53 1.11
N LYS C 61 -13.89 -8.81 0.84
CA LYS C 61 -13.21 -9.68 1.78
C LYS C 61 -11.77 -9.23 2.01
N ALA C 62 -11.14 -8.74 0.94
CA ALA C 62 -9.78 -8.22 1.01
C ALA C 62 -9.67 -6.94 1.85
N ARG C 63 -10.72 -6.11 1.82
CA ARG C 63 -10.80 -4.92 2.65
C ARG C 63 -10.86 -5.30 4.12
N VAL C 64 -11.68 -6.30 4.45
CA VAL C 64 -11.75 -6.82 5.81
C VAL C 64 -10.40 -7.38 6.25
N ALA C 65 -9.78 -8.19 5.37
CA ALA C 65 -8.54 -8.88 5.68
C ALA C 65 -7.34 -7.95 5.95
N LYS C 66 -7.43 -6.70 5.49
CA LYS C 66 -6.44 -5.69 5.85
C LYS C 66 -6.28 -5.56 7.36
N SER C 67 -7.37 -5.77 8.10
CA SER C 67 -7.34 -5.72 9.57
C SER C 67 -6.52 -6.84 10.21
N ALA C 68 -6.15 -7.87 9.44
CA ALA C 68 -5.40 -9.00 9.95
C ALA C 68 -3.93 -8.98 9.53
N ALA C 69 -3.49 -7.92 8.91
CA ALA C 69 -2.10 -7.82 8.61
C ALA C 69 -1.45 -7.50 9.93
N GLY C 70 -0.14 -7.65 10.04
CA GLY C 70 0.50 -7.25 11.28
C GLY C 70 0.75 -8.43 12.18
N ASN C 71 0.15 -8.39 13.37
CA ASN C 71 0.32 -9.46 14.34
C ASN C 71 -0.75 -10.49 14.22
N TYR C 72 -1.52 -10.44 13.15
CA TYR C 72 -2.66 -11.35 13.06
C TYR C 72 -2.72 -12.10 11.73
N VAL C 73 -1.55 -12.32 11.10
CA VAL C 73 -1.46 -12.84 9.74
C VAL C 73 -2.11 -14.22 9.59
N PHE C 74 -2.00 -15.06 10.61
CA PHE C 74 -2.61 -16.38 10.58
C PHE C 74 -4.12 -16.31 10.29
N ASN C 75 -4.77 -15.19 10.63
CA ASN C 75 -6.18 -14.99 10.35
C ASN C 75 -6.51 -14.37 9.00
N GLU C 76 -5.51 -13.86 8.31
CA GLU C 76 -5.75 -13.13 7.07
C GLU C 76 -6.31 -14.06 5.98
N ARG C 77 -5.70 -15.24 5.86
CA ARG C 77 -6.16 -16.17 4.84
C ARG C 77 -7.61 -16.53 5.07
N LYS C 78 -7.94 -16.91 6.30
CA LYS C 78 -9.31 -17.28 6.58
C LYS C 78 -10.33 -16.27 6.03
N MET C 79 -10.02 -14.98 6.18
CA MET C 79 -10.90 -13.93 5.70
C MET C 79 -10.93 -13.83 4.18
N LEU C 80 -9.83 -14.13 3.52
CA LEU C 80 -9.77 -14.06 2.06
C LEU C 80 -10.48 -15.25 1.39
N ASP C 81 -10.36 -16.43 2.01
CA ASP C 81 -10.72 -17.68 1.38
C ASP C 81 -12.14 -18.13 1.68
N ALA C 82 -12.75 -17.59 2.75
CA ALA C 82 -14.14 -17.91 3.06
C ALA C 82 -15.08 -17.36 2.00
N SER C 83 -16.28 -17.95 1.94
CA SER C 83 -17.31 -17.52 1.01
C SER C 83 -17.84 -16.15 1.41
N HIS C 84 -18.30 -16.06 2.66
CA HIS C 84 -18.90 -14.86 3.22
C HIS C 84 -18.18 -14.53 4.52
N VAL C 85 -17.96 -13.24 4.78
CA VAL C 85 -17.30 -12.81 6.00
C VAL C 85 -18.17 -11.76 6.68
N VAL C 86 -18.56 -12.05 7.92
CA VAL C 86 -19.41 -11.14 8.67
C VAL C 86 -18.60 -10.37 9.70
N VAL C 87 -18.70 -9.04 9.65
CA VAL C 87 -18.17 -8.20 10.70
C VAL C 87 -19.30 -7.80 11.65
N PHE C 88 -19.21 -8.25 12.90
CA PHE C 88 -20.13 -7.85 13.95
C PHE C 88 -19.65 -6.54 14.57
N CYS C 89 -20.50 -5.52 14.48
CA CYS C 89 -20.22 -4.19 15.02
C CYS C 89 -21.25 -3.81 16.07
N ALA C 90 -20.79 -3.16 17.15
CA ALA C 90 -21.66 -2.59 18.17
C ALA C 90 -21.74 -1.08 17.98
N LYS C 91 -22.89 -0.50 18.33
CA LYS C 91 -22.99 0.94 18.52
C LYS C 91 -22.01 1.39 19.60
N THR C 92 -21.49 2.61 19.43
CA THR C 92 -20.58 3.22 20.38
C THR C 92 -21.33 4.05 21.43
N ALA C 93 -22.56 4.45 21.12
CA ALA C 93 -23.41 5.14 22.08
C ALA C 93 -24.90 4.91 21.77
N MET C 94 -25.71 4.86 22.82
CA MET C 94 -27.13 4.63 22.66
C MET C 94 -27.86 5.97 22.66
N ASP C 95 -28.40 6.34 21.49
CA ASP C 95 -29.08 7.61 21.29
C ASP C 95 -30.59 7.43 21.25
N ASP C 96 -31.32 8.53 21.48
CA ASP C 96 -32.77 8.54 21.47
C ASP C 96 -33.37 8.27 20.09
N VAL C 97 -32.67 8.67 19.03
CA VAL C 97 -33.14 8.38 17.68
C VAL C 97 -33.31 6.87 17.49
N TRP C 98 -32.33 6.10 17.98
CA TRP C 98 -32.32 4.66 17.85
C TRP C 98 -33.44 4.00 18.67
N LEU C 99 -33.67 4.51 19.88
CA LEU C 99 -34.71 3.97 20.75
C LEU C 99 -36.11 4.17 20.16
N LYS C 100 -36.27 5.28 19.42
CA LYS C 100 -37.53 5.63 18.77
C LYS C 100 -37.75 4.72 17.55
N LEU C 101 -36.64 4.42 16.86
CA LEU C 101 -36.66 3.55 15.71
C LEU C 101 -37.15 2.16 16.07
N VAL C 102 -36.66 1.67 17.22
CA VAL C 102 -36.92 0.32 17.71
C VAL C 102 -38.39 0.18 18.12
N VAL C 103 -38.88 1.12 18.94
CA VAL C 103 -40.24 1.04 19.41
C VAL C 103 -41.24 1.29 18.27
N ASP C 104 -40.90 2.17 17.32
CA ASP C 104 -41.73 2.41 16.16
C ASP C 104 -41.81 1.15 15.29
N GLN C 105 -40.71 0.41 15.17
CA GLN C 105 -40.71 -0.86 14.48
C GLN C 105 -41.57 -1.92 15.21
N GLU C 106 -41.44 -2.00 16.53
CA GLU C 106 -42.29 -2.88 17.33
C GLU C 106 -43.76 -2.55 17.07
N ASP C 107 -44.08 -1.27 16.90
CA ASP C 107 -45.43 -0.80 16.60
C ASP C 107 -45.92 -1.22 15.22
N ALA C 108 -45.07 -0.98 14.21
CA ALA C 108 -45.32 -1.39 12.83
C ALA C 108 -45.55 -2.90 12.70
N ASP C 109 -44.81 -3.68 13.51
CA ASP C 109 -44.92 -5.13 13.51
C ASP C 109 -46.15 -5.65 14.26
N GLY C 110 -46.84 -4.76 14.98
CA GLY C 110 -48.12 -5.06 15.60
C GLY C 110 -48.09 -5.55 17.05
N ARG C 111 -47.06 -5.13 17.82
CA ARG C 111 -46.86 -5.62 19.18
C ARG C 111 -47.65 -4.85 20.24
N PHE C 112 -48.34 -3.77 19.86
CA PHE C 112 -49.05 -2.92 20.79
C PHE C 112 -50.53 -2.86 20.43
N ALA C 113 -51.40 -3.26 21.37
CA ALA C 113 -52.83 -3.15 21.14
C ALA C 113 -53.29 -1.69 21.28
N THR C 114 -52.56 -0.88 22.07
CA THR C 114 -52.95 0.48 22.41
C THR C 114 -51.79 1.47 22.25
N PRO C 115 -52.06 2.79 22.15
CA PRO C 115 -51.01 3.81 22.38
C PRO C 115 -50.35 3.74 23.78
N GLU C 116 -51.16 3.42 24.81
CA GLU C 116 -50.68 3.30 26.18
C GLU C 116 -49.55 2.28 26.29
N ALA C 117 -49.77 1.10 25.68
CA ALA C 117 -48.84 -0.02 25.69
C ALA C 117 -47.50 0.34 25.07
N LYS C 118 -47.56 1.13 23.99
CA LYS C 118 -46.39 1.64 23.31
C LYS C 118 -45.61 2.64 24.17
N ALA C 119 -46.32 3.59 24.80
CA ALA C 119 -45.72 4.55 25.71
C ALA C 119 -44.94 3.83 26.81
N ALA C 120 -45.57 2.77 27.38
CA ALA C 120 -45.02 2.01 28.49
C ALA C 120 -43.76 1.23 28.09
N ASN C 121 -43.79 0.64 26.89
CA ASN C 121 -42.62 -0.01 26.32
C ASN C 121 -41.43 0.95 26.17
N ASP C 122 -41.70 2.17 25.68
CA ASP C 122 -40.66 3.17 25.48
C ASP C 122 -40.09 3.68 26.80
N LYS C 123 -40.99 3.95 27.76
CA LYS C 123 -40.59 4.42 29.08
C LYS C 123 -39.73 3.34 29.73
N GLY C 124 -40.16 2.08 29.58
CA GLY C 124 -39.42 0.93 30.09
C GLY C 124 -38.01 0.83 29.50
N ARG C 125 -37.92 0.95 28.17
CA ARG C 125 -36.64 0.85 27.48
C ARG C 125 -35.70 2.02 27.75
N LYS C 126 -36.23 3.26 27.74
CA LYS C 126 -35.44 4.44 28.07
C LYS C 126 -34.91 4.37 29.50
N PHE C 127 -35.77 3.93 30.43
CA PHE C 127 -35.39 3.81 31.83
C PHE C 127 -34.19 2.87 31.92
N PPN C 128 -34.29 1.73 31.24
CA PPN C 128 -33.29 0.69 31.35
C PPN C 128 -32.00 1.12 30.66
O PPN C 128 -30.91 0.92 31.18
CB PPN C 128 -33.86 -0.66 30.89
CG PPN C 128 -32.92 -1.73 31.33
CD1 PPN C 128 -32.02 -2.28 30.44
CD2 PPN C 128 -32.83 -2.06 32.67
CE1 PPN C 128 -31.06 -3.19 30.85
CE2 PPN C 128 -31.90 -2.97 33.13
CZ PPN C 128 -31.03 -3.53 32.20
N1 PPN C 128 -29.98 -4.44 32.65
O1 PPN C 128 -29.15 -4.81 31.82
O2 PPN C 128 -29.89 -4.66 33.87
N ALA C 129 -32.13 1.76 29.48
CA ALA C 129 -30.97 2.31 28.77
C ALA C 129 -30.27 3.43 29.53
N ASP C 130 -31.06 4.34 30.11
CA ASP C 130 -30.56 5.46 30.90
C ASP C 130 -29.72 4.98 32.08
N MET C 131 -30.13 3.85 32.68
CA MET C 131 -29.37 3.25 33.75
C MET C 131 -27.94 2.99 33.29
N HIS C 132 -27.76 2.58 32.04
CA HIS C 132 -26.43 2.25 31.51
C HIS C 132 -25.65 3.50 31.05
N ARG C 133 -26.29 4.46 30.38
CA ARG C 133 -25.56 5.64 29.91
C ARG C 133 -25.38 6.69 31.02
N LYS C 134 -26.41 6.94 31.83
CA LYS C 134 -26.34 7.97 32.85
C LYS C 134 -25.63 7.53 34.14
N ASP C 135 -26.11 6.47 34.80
CA ASP C 135 -25.62 6.08 36.12
C ASP C 135 -24.32 5.27 36.09
N LEU C 136 -24.32 4.17 35.34
CA LEU C 136 -23.21 3.24 35.34
C LEU C 136 -22.11 3.64 34.35
N HIS C 137 -22.48 4.44 33.34
CA HIS C 137 -21.60 4.84 32.25
C HIS C 137 -20.91 3.63 31.61
N ASP C 138 -21.69 2.59 31.29
CA ASP C 138 -21.13 1.37 30.73
C ASP C 138 -21.88 0.93 29.49
N ASP C 139 -22.58 1.85 28.82
CA ASP C 139 -23.47 1.46 27.73
C ASP C 139 -22.74 0.89 26.53
N ALA C 140 -21.46 1.28 26.34
CA ALA C 140 -20.65 0.67 25.29
C ALA C 140 -20.42 -0.82 25.57
N GLU C 141 -20.04 -1.14 26.82
CA GLU C 141 -19.83 -2.51 27.23
C GLU C 141 -21.14 -3.30 27.13
N TRP C 142 -22.24 -2.68 27.56
CA TRP C 142 -23.55 -3.30 27.54
C TRP C 142 -23.98 -3.67 26.13
N MET C 143 -23.76 -2.76 25.19
CA MET C 143 -24.18 -2.96 23.82
C MET C 143 -23.32 -4.03 23.14
N ALA C 144 -22.03 -4.00 23.48
CA ALA C 144 -21.08 -4.99 22.98
C ALA C 144 -21.43 -6.42 23.42
N LYS C 145 -21.96 -6.55 24.63
CA LYS C 145 -22.37 -7.85 25.15
C LYS C 145 -23.50 -8.40 24.30
N GLN C 146 -24.43 -7.51 23.90
CA GLN C 146 -25.57 -7.92 23.09
C GLN C 146 -25.05 -8.46 21.76
N VAL C 147 -23.96 -7.86 21.26
CA VAL C 147 -23.40 -8.25 19.99
C VAL C 147 -22.75 -9.64 20.09
N TYR C 148 -22.03 -9.88 21.18
CA TYR C 148 -21.44 -11.19 21.45
C TYR C 148 -22.50 -12.28 21.54
N LEU C 149 -23.65 -11.92 22.13
CA LEU C 149 -24.79 -12.81 22.18
C LEU C 149 -25.26 -13.14 20.77
N ASN C 150 -25.30 -12.14 19.89
CA ASN C 150 -25.65 -12.36 18.50
C ASN C 150 -24.67 -13.34 17.84
N VAL C 151 -23.36 -13.15 18.09
CA VAL C 151 -22.34 -14.06 17.56
C VAL C 151 -22.60 -15.51 17.97
N GLY C 152 -22.91 -15.72 19.25
CA GLY C 152 -23.09 -17.05 19.78
C GLY C 152 -24.25 -17.74 19.07
N ASN C 153 -25.35 -17.00 18.91
CA ASN C 153 -26.52 -17.45 18.16
C ASN C 153 -26.12 -17.79 16.73
N PHE C 154 -25.31 -16.90 16.12
CA PHE C 154 -24.88 -17.06 14.75
C PHE C 154 -24.06 -18.35 14.52
N LEU C 155 -23.10 -18.59 15.40
CA LEU C 155 -22.18 -19.71 15.23
C LEU C 155 -22.88 -21.08 15.28
N LEU C 156 -23.84 -21.22 16.18
CA LEU C 156 -24.64 -22.43 16.24
C LEU C 156 -25.60 -22.48 15.04
N GLY C 157 -26.13 -21.33 14.65
CA GLY C 157 -27.00 -21.27 13.51
C GLY C 157 -26.31 -21.77 12.24
N VAL C 158 -25.13 -21.22 11.93
CA VAL C 158 -24.52 -21.57 10.67
C VAL C 158 -24.06 -23.03 10.69
N ALA C 159 -23.63 -23.51 11.87
CA ALA C 159 -23.31 -24.92 12.05
C ALA C 159 -24.53 -25.79 11.72
N ALA C 160 -25.69 -25.39 12.24
CA ALA C 160 -26.92 -26.14 11.99
C ALA C 160 -27.36 -26.08 10.54
N LEU C 161 -26.96 -25.05 9.78
CA LEU C 161 -27.19 -25.01 8.35
C LEU C 161 -26.22 -25.86 7.50
N GLY C 162 -25.21 -26.45 8.15
CA GLY C 162 -24.20 -27.24 7.47
C GLY C 162 -22.99 -26.46 6.99
N LEU C 163 -22.73 -25.28 7.57
CA LEU C 163 -21.63 -24.44 7.14
C LEU C 163 -20.51 -24.44 8.20
N ASP C 164 -19.27 -24.26 7.72
CA ASP C 164 -18.12 -24.07 8.58
C ASP C 164 -17.93 -22.58 8.84
N ALA C 165 -17.33 -22.29 9.99
CA ALA C 165 -17.12 -20.91 10.40
C ALA C 165 -16.04 -20.85 11.48
N VAL C 166 -15.58 -19.62 11.74
CA VAL C 166 -14.67 -19.38 12.84
C VAL C 166 -14.91 -17.97 13.39
N PRO C 167 -15.09 -17.81 14.71
CA PRO C 167 -15.08 -16.48 15.33
C PRO C 167 -13.67 -15.95 15.42
N ILE C 168 -13.47 -14.68 15.10
CA ILE C 168 -12.16 -14.08 15.17
C ILE C 168 -12.18 -12.77 15.94
N GLU C 169 -11.39 -12.73 17.01
CA GLU C 169 -11.04 -11.51 17.72
C GLU C 169 -9.64 -11.02 17.34
N GLY C 170 -8.83 -11.91 16.72
CA GLY C 170 -7.49 -11.57 16.31
C GLY C 170 -7.50 -10.73 15.04
N PHE C 171 -7.88 -9.46 15.20
CA PHE C 171 -7.80 -8.49 14.13
C PHE C 171 -7.64 -7.11 14.76
N ASP C 172 -7.24 -6.13 13.97
CA ASP C 172 -7.09 -4.77 14.45
C ASP C 172 -8.39 -4.00 14.18
N ALA C 173 -9.15 -3.73 15.25
CA ALA C 173 -10.44 -3.07 15.12
C ALA C 173 -10.29 -1.63 14.62
N ALA C 174 -9.20 -0.97 14.98
CA ALA C 174 -8.94 0.39 14.54
C ALA C 174 -8.79 0.47 13.02
N ILE C 175 -8.06 -0.50 12.46
CA ILE C 175 -7.91 -0.59 11.00
C ILE C 175 -9.24 -0.91 10.33
N LEU C 176 -9.99 -1.86 10.88
CA LEU C 176 -11.26 -2.23 10.28
C LEU C 176 -12.26 -1.09 10.34
N ASP C 177 -12.31 -0.40 11.48
CA ASP C 177 -13.19 0.75 11.66
C ASP C 177 -12.85 1.86 10.68
N ALA C 178 -11.55 2.12 10.53
CA ALA C 178 -11.07 3.13 9.59
C ALA C 178 -11.46 2.77 8.16
N GLU C 179 -11.30 1.49 7.79
CA GLU C 179 -11.55 1.02 6.44
C GLU C 179 -13.01 1.16 6.00
N PHE C 180 -13.95 1.01 6.94
CA PHE C 180 -15.36 1.17 6.62
C PHE C 180 -16.01 2.41 7.22
N GLY C 181 -15.20 3.36 7.70
CA GLY C 181 -15.68 4.61 8.28
C GLY C 181 -16.72 4.41 9.38
N LEU C 182 -16.45 3.45 10.26
CA LEU C 182 -17.41 3.03 11.28
C LEU C 182 -17.57 4.03 12.42
N LYS C 183 -16.44 4.60 12.89
CA LYS C 183 -16.47 5.57 13.97
C LYS C 183 -17.42 6.73 13.67
N GLU C 184 -17.34 7.25 12.44
CA GLU C 184 -18.17 8.36 11.99
C GLU C 184 -19.66 8.00 11.95
N LYS C 185 -19.99 6.75 11.66
CA LYS C 185 -21.36 6.27 11.62
C LYS C 185 -21.91 5.78 12.97
N GLY C 186 -21.05 5.73 14.00
CA GLY C 186 -21.46 5.39 15.36
C GLY C 186 -21.31 3.91 15.74
N TYR C 187 -20.35 3.22 15.12
CA TYR C 187 -20.09 1.82 15.39
C TYR C 187 -18.61 1.50 15.55
N THR C 188 -18.35 0.32 16.12
CA THR C 188 -17.02 -0.24 16.27
C THR C 188 -17.12 -1.76 16.06
N SER C 189 -16.18 -2.28 15.27
CA SER C 189 -16.07 -3.70 15.01
C SER C 189 -15.56 -4.46 16.25
N LEU C 190 -16.10 -5.68 16.44
CA LEU C 190 -15.77 -6.53 17.57
C LEU C 190 -15.34 -7.94 17.20
N VAL C 191 -16.09 -8.56 16.29
CA VAL C 191 -15.83 -9.94 15.91
C VAL C 191 -16.02 -10.09 14.42
N VAL C 192 -15.09 -10.82 13.81
CA VAL C 192 -15.18 -11.17 12.40
C VAL C 192 -15.45 -12.67 12.31
N VAL C 193 -16.47 -13.04 11.52
CA VAL C 193 -16.82 -14.43 11.34
C VAL C 193 -16.88 -14.81 9.86
N PRO C 194 -15.79 -15.41 9.34
CA PRO C 194 -15.81 -16.07 8.03
C PRO C 194 -16.69 -17.32 8.06
N VAL C 195 -17.44 -17.50 6.98
CA VAL C 195 -18.37 -18.60 6.81
C VAL C 195 -18.12 -19.24 5.45
N GLY C 196 -18.12 -20.58 5.41
CA GLY C 196 -18.02 -21.31 4.17
C GLY C 196 -17.86 -22.81 4.38
N HIS C 197 -16.86 -23.40 3.73
CA HIS C 197 -16.52 -24.81 3.84
C HIS C 197 -15.02 -24.92 4.05
N HIS C 198 -14.60 -25.78 4.97
CA HIS C 198 -13.20 -25.98 5.30
C HIS C 198 -12.47 -26.60 4.12
N SER C 199 -11.18 -26.31 4.01
CA SER C 199 -10.28 -26.95 3.08
C SER C 199 -9.50 -28.05 3.80
N VAL C 200 -8.69 -28.80 3.02
CA VAL C 200 -7.75 -29.76 3.52
C VAL C 200 -6.75 -29.19 4.52
N GLU C 201 -6.46 -27.90 4.44
CA GLU C 201 -5.52 -27.23 5.35
C GLU C 201 -6.09 -26.94 6.74
N ASP C 202 -7.36 -27.31 6.98
CA ASP C 202 -7.98 -27.06 8.29
C ASP C 202 -7.61 -28.17 9.28
N PHE C 203 -6.47 -27.98 9.97
CA PHE C 203 -5.98 -28.98 10.91
C PHE C 203 -6.95 -29.26 12.06
N ASN C 204 -7.78 -28.26 12.39
CA ASN C 204 -8.71 -28.37 13.51
C ASN C 204 -9.93 -29.24 13.21
N ALA C 205 -10.14 -29.61 11.95
CA ALA C 205 -11.28 -30.42 11.55
C ALA C 205 -11.17 -31.84 12.10
N THR C 206 -9.96 -32.33 12.31
CA THR C 206 -9.73 -33.71 12.72
C THR C 206 -9.25 -33.85 14.16
N LEU C 207 -9.08 -32.71 14.85
CA LEU C 207 -8.74 -32.72 16.26
C LEU C 207 -9.99 -32.94 17.10
N PRO C 208 -9.92 -33.70 18.20
CA PRO C 208 -11.05 -33.85 19.10
C PRO C 208 -11.34 -32.53 19.84
N LYS C 209 -12.62 -32.30 20.11
CA LYS C 209 -13.07 -31.12 20.83
C LYS C 209 -12.70 -31.23 22.31
N SER C 210 -12.37 -30.11 22.95
CA SER C 210 -11.97 -30.14 24.36
C SER C 210 -12.69 -29.07 25.17
N ARG C 211 -13.27 -29.49 26.29
CA ARG C 211 -13.88 -28.58 27.25
C ARG C 211 -13.57 -29.09 28.66
N LEU C 212 -13.42 -28.15 29.60
CA LEU C 212 -13.41 -28.46 31.01
C LEU C 212 -14.65 -29.25 31.41
N PRO C 213 -14.52 -30.21 32.35
CA PRO C 213 -15.65 -31.00 32.82
C PRO C 213 -16.65 -30.17 33.63
N GLN C 214 -17.91 -30.62 33.64
CA GLN C 214 -18.98 -29.97 34.38
C GLN C 214 -18.73 -29.92 35.90
N ASN C 215 -17.96 -30.87 36.44
CA ASN C 215 -17.68 -30.86 37.87
C ASN C 215 -16.82 -29.66 38.28
N ILE C 216 -16.24 -28.93 37.31
CA ILE C 216 -15.55 -27.69 37.59
C ILE C 216 -16.41 -26.45 37.29
N THR C 217 -17.03 -26.43 36.10
CA THR C 217 -17.76 -25.26 35.63
C THR C 217 -19.23 -25.15 36.03
N LEU C 218 -19.80 -26.19 36.63
CA LEU C 218 -21.23 -26.25 36.84
C LEU C 218 -21.64 -26.76 38.21
N THR C 219 -22.54 -26.02 38.87
CA THR C 219 -23.12 -26.37 40.15
C THR C 219 -24.62 -26.57 40.03
N GLU C 220 -25.13 -27.67 40.61
CA GLU C 220 -26.58 -27.89 40.68
C GLU C 220 -27.13 -27.64 42.08
N VAL C 221 -28.25 -26.91 42.13
CA VAL C 221 -28.90 -26.55 43.38
C VAL C 221 -30.48 -26.72 43.36
N ASP D 6 9.61 48.61 32.60
CA ASP D 6 8.39 47.97 32.04
C ASP D 6 8.65 47.24 30.72
N ILE D 7 8.17 46.01 30.57
CA ILE D 7 8.48 45.18 29.42
C ILE D 7 7.78 45.63 28.13
N ILE D 8 6.67 46.37 28.26
CA ILE D 8 5.96 46.86 27.09
C ILE D 8 6.75 48.00 26.45
N SER D 9 7.35 48.84 27.27
CA SER D 9 8.30 49.84 26.82
C SER D 9 9.45 49.20 26.05
N VAL D 10 10.03 48.15 26.60
CA VAL D 10 11.12 47.45 25.94
C VAL D 10 10.66 46.96 24.57
N ALA D 11 9.47 46.37 24.51
CA ALA D 11 8.93 45.84 23.27
C ALA D 11 8.68 46.92 22.21
N LEU D 12 8.22 48.09 22.66
CA LEU D 12 7.90 49.20 21.76
C LEU D 12 9.14 49.98 21.31
N LYS D 13 10.24 49.88 22.05
CA LYS D 13 11.43 50.67 21.78
C LYS D 13 12.58 49.91 21.15
N ARG D 14 12.57 48.57 21.24
CA ARG D 14 13.63 47.78 20.64
C ARG D 14 13.47 47.91 19.13
N HIS D 15 14.53 47.59 18.39
CA HIS D 15 14.51 47.69 16.95
C HIS D 15 15.62 46.78 16.40
N SER D 16 15.44 46.32 15.17
CA SER D 16 16.51 45.61 14.49
C SER D 16 17.62 46.61 14.14
N THR D 17 18.77 46.48 14.80
CA THR D 17 19.95 47.29 14.53
C THR D 17 20.58 46.97 13.17
N LYS D 18 20.80 48.02 12.37
CA LYS D 18 21.38 47.90 11.05
C LYS D 18 22.90 48.13 11.00
N ALA D 19 23.48 48.69 12.07
CA ALA D 19 24.91 48.89 12.15
C ALA D 19 25.36 48.95 13.60
N PHE D 20 26.46 48.24 13.89
CA PHE D 20 27.03 48.14 15.21
C PHE D 20 28.33 48.92 15.38
N ASP D 21 28.57 49.38 16.62
CA ASP D 21 29.80 50.03 17.03
C ASP D 21 30.83 48.98 17.47
N ALA D 22 31.84 48.76 16.63
CA ALA D 22 32.83 47.72 16.89
C ALA D 22 33.68 47.98 18.13
N SER D 23 33.64 49.19 18.69
CA SER D 23 34.45 49.50 19.86
C SER D 23 33.74 49.17 21.16
N LYS D 24 32.44 48.83 21.10
CA LYS D 24 31.63 48.62 22.29
C LYS D 24 31.30 47.16 22.51
N LYS D 25 31.94 46.59 23.53
CA LYS D 25 31.76 45.21 23.92
C LYS D 25 30.69 45.07 24.99
N LEU D 26 30.03 43.89 24.97
CA LEU D 26 29.30 43.43 26.14
C LEU D 26 30.27 43.40 27.32
N THR D 27 29.74 43.77 28.50
CA THR D 27 30.42 43.54 29.75
C THR D 27 30.54 42.04 29.98
N PRO D 28 31.53 41.57 30.77
CA PRO D 28 31.61 40.13 31.10
C PRO D 28 30.32 39.53 31.64
N GLU D 29 29.61 40.32 32.47
CA GLU D 29 28.32 39.97 33.03
C GLU D 29 27.25 39.75 31.95
N GLN D 30 27.10 40.74 31.05
CA GLN D 30 26.18 40.61 29.93
C GLN D 30 26.49 39.41 29.04
N ALA D 31 27.78 39.09 28.88
CA ALA D 31 28.15 37.95 28.06
C ALA D 31 27.70 36.64 28.69
N GLU D 32 27.70 36.57 30.04
CA GLU D 32 27.12 35.42 30.73
C GLU D 32 25.61 35.41 30.58
N GLN D 33 24.97 36.57 30.71
CA GLN D 33 23.53 36.65 30.71
C GLN D 33 22.91 36.21 29.40
N ILE D 34 23.51 36.61 28.27
CA ILE D 34 22.95 36.21 27.00
C ILE D 34 22.99 34.69 26.83
N LYS D 35 24.01 34.04 27.41
CA LYS D 35 24.10 32.58 27.37
C LYS D 35 23.01 31.92 28.22
N THR D 36 22.73 32.51 29.38
CA THR D 36 21.62 32.09 30.21
C THR D 36 20.29 32.16 29.47
N LEU D 37 20.04 33.26 28.73
CA LEU D 37 18.83 33.36 27.92
C LEU D 37 18.68 32.22 26.92
N LEU D 38 19.78 31.88 26.22
CA LEU D 38 19.73 30.85 25.21
C LEU D 38 19.38 29.51 25.84
N GLN D 39 20.05 29.23 26.96
CA GLN D 39 19.91 27.97 27.66
C GLN D 39 18.50 27.73 28.21
N TYR D 40 17.90 28.77 28.80
CA TYR D 40 16.70 28.64 29.60
C TYR D 40 15.39 28.89 28.87
N SER D 41 15.45 29.04 27.53
CA SER D 41 14.25 29.12 26.73
C SER D 41 13.43 27.85 26.89
N PRO D 42 12.07 27.94 26.88
CA PRO D 42 11.23 26.75 26.82
C PRO D 42 11.30 26.10 25.44
N SER D 43 10.86 24.85 25.37
CA SER D 43 10.78 24.08 24.14
C SER D 43 9.77 22.95 24.36
N SER D 44 9.13 22.49 23.28
CA SER D 44 8.19 21.37 23.35
C SER D 44 8.88 20.19 24.02
N THR D 45 8.27 19.68 25.10
CA THR D 45 8.77 18.58 25.92
C THR D 45 10.13 18.81 26.57
N ASN D 46 10.56 20.06 26.68
CA ASN D 46 11.91 20.39 27.13
C ASN D 46 12.95 19.66 26.28
N SER D 47 12.64 19.47 24.99
CA SER D 47 13.49 18.76 24.03
C SER D 47 14.80 19.50 23.73
N GLN D 48 14.78 20.83 23.84
CA GLN D 48 15.98 21.64 23.69
C GLN D 48 16.78 21.22 22.46
N PRO D 49 16.18 21.19 21.26
CA PRO D 49 16.79 20.55 20.10
C PRO D 49 17.70 21.53 19.35
N TRP D 50 18.68 22.07 20.08
CA TRP D 50 19.42 23.20 19.59
C TRP D 50 20.90 23.19 19.98
N HIS D 51 21.66 23.96 19.20
CA HIS D 51 23.04 24.29 19.50
C HIS D 51 23.23 25.77 19.21
N PHE D 52 24.06 26.43 20.04
CA PHE D 52 24.39 27.81 19.83
C PHE D 52 25.89 27.93 19.60
N ILE D 53 26.24 28.71 18.58
CA ILE D 53 27.60 29.22 18.46
C ILE D 53 27.60 30.67 18.89
N VAL D 54 28.43 31.00 19.87
CA VAL D 54 28.61 32.37 20.31
C VAL D 54 30.02 32.82 19.91
N ALA D 55 30.07 33.69 18.90
CA ALA D 55 31.31 34.20 18.37
C ALA D 55 31.53 35.58 18.97
N SER D 56 32.63 35.75 19.69
CA SER D 56 32.95 37.01 20.33
C SER D 56 34.34 37.54 19.96
N THR D 57 35.21 36.64 19.43
CA THR D 57 36.52 37.03 18.91
C THR D 57 36.38 37.51 17.46
N GLU D 58 37.41 38.24 17.02
CA GLU D 58 37.37 38.83 15.67
C GLU D 58 37.50 37.71 14.62
N GLU D 59 38.28 36.67 14.94
CA GLU D 59 38.40 35.51 14.05
C GLU D 59 37.09 34.73 13.97
N GLY D 60 36.44 34.51 15.11
CA GLY D 60 35.18 33.80 15.14
C GLY D 60 34.06 34.52 14.37
N LYS D 61 33.94 35.84 14.58
CA LYS D 61 32.91 36.61 13.92
C LYS D 61 33.10 36.66 12.41
N ALA D 62 34.37 36.71 11.99
CA ALA D 62 34.72 36.70 10.57
C ALA D 62 34.38 35.37 9.88
N ARG D 63 34.48 34.25 10.62
CA ARG D 63 34.09 32.95 10.13
C ARG D 63 32.59 32.90 9.88
N VAL D 64 31.81 33.43 10.84
CA VAL D 64 30.37 33.54 10.67
C VAL D 64 30.02 34.42 9.46
N ALA D 65 30.68 35.58 9.36
CA ALA D 65 30.40 36.55 8.32
C ALA D 65 30.67 36.08 6.88
N LYS D 66 31.47 35.04 6.74
CA LYS D 66 31.66 34.39 5.46
C LYS D 66 30.34 33.96 4.84
N SER D 67 29.37 33.57 5.70
CA SER D 67 28.04 33.18 5.25
C SER D 67 27.23 34.30 4.61
N ALA D 68 27.67 35.55 4.80
CA ALA D 68 26.97 36.71 4.28
C ALA D 68 27.63 37.33 3.06
N ALA D 69 28.74 36.76 2.57
CA ALA D 69 29.20 37.05 1.21
C ALA D 69 28.12 36.59 0.21
N GLY D 70 28.33 36.91 -1.07
CA GLY D 70 27.33 36.65 -2.10
C GLY D 70 26.20 37.68 -2.06
N ASN D 71 24.94 37.21 -2.05
CA ASN D 71 23.80 38.10 -2.12
C ASN D 71 23.47 38.82 -0.82
N TYR D 72 24.22 38.56 0.25
CA TYR D 72 23.79 38.99 1.57
C TYR D 72 24.76 39.98 2.21
N VAL D 73 25.48 40.74 1.37
CA VAL D 73 26.58 41.59 1.83
C VAL D 73 26.13 42.65 2.83
N PHE D 74 24.92 43.17 2.67
CA PHE D 74 24.38 44.16 3.61
C PHE D 74 24.41 43.65 5.05
N ASN D 75 24.35 42.32 5.25
CA ASN D 75 24.41 41.72 6.58
C ASN D 75 25.80 41.39 7.08
N GLU D 76 26.80 41.44 6.20
CA GLU D 76 28.14 41.01 6.56
C GLU D 76 28.76 41.92 7.63
N ARG D 77 28.55 43.24 7.46
CA ARG D 77 29.15 44.23 8.34
C ARG D 77 28.54 44.17 9.74
N LYS D 78 27.24 43.84 9.83
CA LYS D 78 26.61 43.63 11.12
C LYS D 78 27.29 42.53 11.92
N MET D 79 27.63 41.43 11.25
CA MET D 79 28.25 40.28 11.90
C MET D 79 29.69 40.57 12.32
N LEU D 80 30.40 41.39 11.55
CA LEU D 80 31.79 41.71 11.89
C LEU D 80 31.90 42.71 13.05
N ASP D 81 30.96 43.66 13.10
CA ASP D 81 31.07 44.83 13.95
C ASP D 81 30.41 44.66 15.31
N ALA D 82 29.48 43.71 15.43
CA ALA D 82 28.85 43.43 16.70
C ALA D 82 29.83 42.85 17.70
N SER D 83 29.49 42.97 18.98
CA SER D 83 30.33 42.46 20.06
C SER D 83 30.29 40.94 20.06
N HIS D 84 29.07 40.38 20.11
CA HIS D 84 28.85 38.95 20.16
C HIS D 84 27.87 38.58 19.06
N VAL D 85 28.10 37.44 18.41
CA VAL D 85 27.22 36.98 17.36
C VAL D 85 26.78 35.56 17.68
N VAL D 86 25.46 35.37 17.79
CA VAL D 86 24.91 34.07 18.13
C VAL D 86 24.35 33.39 16.89
N VAL D 87 24.81 32.17 16.62
CA VAL D 87 24.23 31.33 15.58
C VAL D 87 23.28 30.34 16.24
N PHE D 88 21.99 30.47 15.92
CA PHE D 88 20.98 29.52 16.36
C PHE D 88 20.93 28.35 15.39
N CYS D 89 21.19 27.14 15.91
CA CYS D 89 21.18 25.90 15.14
C CYS D 89 20.15 24.93 15.69
N ALA D 90 19.46 24.23 14.77
CA ALA D 90 18.56 23.16 15.14
C ALA D 90 19.24 21.82 14.88
N LYS D 91 18.90 20.81 15.70
CA LYS D 91 19.19 19.43 15.35
C LYS D 91 18.50 19.07 14.03
N THR D 92 19.16 18.18 13.26
CA THR D 92 18.63 17.69 12.01
C THR D 92 17.84 16.40 12.20
N ALA D 93 18.05 15.71 13.32
CA ALA D 93 17.28 14.53 13.68
C ALA D 93 17.19 14.34 15.18
N MET D 94 16.03 13.85 15.64
CA MET D 94 15.82 13.62 17.05
C MET D 94 16.12 12.15 17.38
N ASP D 95 17.23 11.94 18.09
CA ASP D 95 17.74 10.61 18.39
C ASP D 95 17.46 10.26 19.86
N ASP D 96 17.49 8.95 20.15
CA ASP D 96 17.26 8.45 21.50
C ASP D 96 18.32 8.86 22.51
N VAL D 97 19.56 9.01 22.03
CA VAL D 97 20.63 9.45 22.90
C VAL D 97 20.27 10.80 23.54
N TRP D 98 19.75 11.71 22.70
CA TRP D 98 19.37 13.05 23.14
C TRP D 98 18.21 13.05 24.13
N LEU D 99 17.20 12.21 23.86
CA LEU D 99 16.04 12.11 24.74
C LEU D 99 16.40 11.59 26.12
N LYS D 100 17.41 10.72 26.17
CA LYS D 100 17.90 10.13 27.41
C LYS D 100 18.69 11.18 28.19
N LEU D 101 19.43 12.00 27.45
CA LEU D 101 20.22 13.08 28.03
C LEU D 101 19.33 14.08 28.76
N VAL D 102 18.19 14.40 28.12
CA VAL D 102 17.23 15.39 28.60
C VAL D 102 16.54 14.90 29.87
N VAL D 103 16.03 13.68 29.84
CA VAL D 103 15.31 13.16 31.00
C VAL D 103 16.27 12.88 32.15
N ASP D 104 17.51 12.46 31.86
CA ASP D 104 18.51 12.24 32.89
C ASP D 104 18.90 13.57 33.54
N GLN D 105 18.96 14.66 32.76
CA GLN D 105 19.18 15.99 33.31
C GLN D 105 18.00 16.45 34.18
N GLU D 106 16.76 16.22 33.71
CA GLU D 106 15.58 16.54 34.51
C GLU D 106 15.65 15.80 35.86
N ASP D 107 16.18 14.58 35.83
CA ASP D 107 16.35 13.77 37.04
C ASP D 107 17.41 14.33 38.00
N ALA D 108 18.58 14.65 37.45
CA ALA D 108 19.67 15.28 38.17
C ALA D 108 19.26 16.61 38.82
N ASP D 109 18.40 17.36 38.14
CA ASP D 109 17.90 18.64 38.63
C ASP D 109 16.80 18.52 39.68
N GLY D 110 16.30 17.28 39.88
CA GLY D 110 15.38 16.97 40.97
C GLY D 110 13.89 17.08 40.66
N ARG D 111 13.51 16.84 39.37
CA ARG D 111 12.13 17.00 38.95
C ARG D 111 11.25 15.76 39.16
N PHE D 112 11.86 14.65 39.62
CA PHE D 112 11.14 13.40 39.79
C PHE D 112 11.22 12.93 41.25
N ALA D 113 10.05 12.75 41.88
CA ALA D 113 10.00 12.22 43.22
C ALA D 113 10.29 10.72 43.23
N THR D 114 9.98 10.02 42.13
CA THR D 114 10.07 8.56 42.04
C THR D 114 10.77 8.12 40.75
N PRO D 115 11.27 6.85 40.66
CA PRO D 115 11.60 6.26 39.36
C PRO D 115 10.41 6.15 38.39
N GLU D 116 9.21 5.89 38.92
CA GLU D 116 7.99 5.78 38.13
C GLU D 116 7.72 7.06 37.35
N ALA D 117 7.83 8.20 38.04
CA ALA D 117 7.59 9.52 37.49
C ALA D 117 8.53 9.85 36.33
N LYS D 118 9.79 9.41 36.47
CA LYS D 118 10.80 9.54 35.43
C LYS D 118 10.47 8.69 34.20
N ALA D 119 10.10 7.42 34.43
CA ALA D 119 9.70 6.53 33.36
C ALA D 119 8.55 7.14 32.53
N ALA D 120 7.57 7.72 33.25
CA ALA D 120 6.37 8.30 32.66
C ALA D 120 6.67 9.54 31.82
N ASN D 121 7.57 10.38 32.33
CA ASN D 121 8.07 11.52 31.60
C ASN D 121 8.75 11.11 30.28
N ASP D 122 9.57 10.05 30.32
CA ASP D 122 10.29 9.56 29.15
C ASP D 122 9.33 8.95 28.12
N LYS D 123 8.38 8.15 28.60
CA LYS D 123 7.38 7.52 27.75
C LYS D 123 6.57 8.63 27.08
N GLY D 124 6.21 9.64 27.85
CA GLY D 124 5.48 10.81 27.36
C GLY D 124 6.23 11.54 26.27
N ARG D 125 7.52 11.82 26.51
CA ARG D 125 8.36 12.53 25.56
C ARG D 125 8.65 11.73 24.30
N LYS D 126 9.00 10.44 24.44
CA LYS D 126 9.24 9.56 23.30
C LYS D 126 7.97 9.44 22.47
N PHE D 127 6.82 9.29 23.10
CA PHE D 127 5.56 9.16 22.39
C PHE D 127 5.35 10.38 21.51
N PPN D 128 5.57 11.56 22.10
CA PPN D 128 5.29 12.80 21.41
C PPN D 128 6.34 13.04 20.29
O PPN D 128 6.00 13.44 19.18
CB PPN D 128 5.14 13.96 22.40
CG PPN D 128 4.55 15.13 21.66
CD1 PPN D 128 5.38 16.16 21.23
CD2 PPN D 128 3.23 15.09 21.24
CE1 PPN D 128 4.89 17.19 20.44
CE2 PPN D 128 2.72 16.06 20.41
CZ PPN D 128 3.55 17.13 20.05
N1 PPN D 128 3.02 18.19 19.21
O1 PPN D 128 1.81 18.18 18.96
O2 PPN D 128 3.82 19.01 18.77
N ALA D 129 7.61 12.73 20.58
CA ALA D 129 8.68 12.82 19.60
C ALA D 129 8.51 11.84 18.44
N ASP D 130 8.15 10.59 18.77
CA ASP D 130 7.91 9.54 17.79
C ASP D 130 6.83 9.94 16.80
N MET D 131 5.81 10.65 17.29
CA MET D 131 4.76 11.16 16.42
C MET D 131 5.39 11.99 15.29
N HIS D 132 6.44 12.77 15.59
CA HIS D 132 7.06 13.63 14.60
C HIS D 132 8.07 12.90 13.70
N ARG D 133 8.85 11.98 14.26
CA ARG D 133 9.85 11.31 13.44
C ARG D 133 9.27 10.11 12.70
N LYS D 134 8.44 9.32 13.37
CA LYS D 134 7.90 8.10 12.75
C LYS D 134 6.70 8.32 11.83
N ASP D 135 5.63 8.95 12.34
CA ASP D 135 4.38 9.10 11.60
C ASP D 135 4.38 10.25 10.59
N LEU D 136 4.67 11.45 11.08
CA LEU D 136 4.54 12.66 10.27
C LEU D 136 5.80 12.93 9.44
N HIS D 137 6.94 12.39 9.89
CA HIS D 137 8.26 12.65 9.29
C HIS D 137 8.51 14.14 9.13
N ASP D 138 8.27 14.93 10.19
CA ASP D 138 8.43 16.37 10.12
C ASP D 138 9.27 16.91 11.29
N ASP D 139 10.09 16.03 11.88
CA ASP D 139 10.79 16.38 13.10
C ASP D 139 11.82 17.48 12.90
N ALA D 140 12.35 17.62 11.68
CA ALA D 140 13.26 18.72 11.39
C ALA D 140 12.53 20.07 11.48
N GLU D 141 11.33 20.14 10.87
CA GLU D 141 10.52 21.33 10.93
C GLU D 141 10.12 21.63 12.39
N TRP D 142 9.73 20.58 13.10
CA TRP D 142 9.30 20.71 14.48
C TRP D 142 10.40 21.29 15.38
N MET D 143 11.62 20.79 15.19
CA MET D 143 12.74 21.18 16.01
C MET D 143 13.15 22.61 15.69
N ALA D 144 13.10 22.95 14.40
CA ALA D 144 13.38 24.29 13.93
C ALA D 144 12.45 25.35 14.52
N LYS D 145 11.17 24.97 14.70
CA LYS D 145 10.19 25.86 15.29
C LYS D 145 10.58 26.18 16.74
N GLN D 146 11.08 25.18 17.46
CA GLN D 146 11.48 25.36 18.84
C GLN D 146 12.65 26.35 18.89
N VAL D 147 13.49 26.31 17.85
CA VAL D 147 14.65 27.19 17.80
C VAL D 147 14.22 28.63 17.57
N TYR D 148 13.26 28.83 16.66
CA TYR D 148 12.70 30.15 16.41
C TYR D 148 12.05 30.73 17.66
N LEU D 149 11.41 29.85 18.44
CA LEU D 149 10.86 30.25 19.72
C LEU D 149 11.97 30.75 20.64
N ASN D 150 13.12 30.05 20.65
CA ASN D 150 14.26 30.49 21.42
C ASN D 150 14.73 31.89 20.98
N VAL D 151 14.80 32.11 19.64
CA VAL D 151 15.16 33.42 19.10
C VAL D 151 14.26 34.53 19.63
N GLY D 152 12.95 34.28 19.61
CA GLY D 152 11.98 35.28 20.01
C GLY D 152 12.19 35.69 21.46
N ASN D 153 12.38 34.67 22.30
CA ASN D 153 12.70 34.85 23.71
C ASN D 153 13.99 35.68 23.85
N PHE D 154 15.01 35.31 23.04
CA PHE D 154 16.30 35.95 23.09
C PHE D 154 16.23 37.45 22.74
N LEU D 155 15.51 37.79 21.67
CA LEU D 155 15.49 39.17 21.20
C LEU D 155 14.85 40.15 22.19
N LEU D 156 13.78 39.71 22.86
CA LEU D 156 13.18 40.51 23.91
C LEU D 156 14.10 40.54 25.14
N GLY D 157 14.74 39.40 25.42
CA GLY D 157 15.67 39.34 26.54
C GLY D 157 16.80 40.36 26.39
N VAL D 158 17.48 40.36 25.23
CA VAL D 158 18.64 41.20 25.09
C VAL D 158 18.24 42.67 25.08
N ALA D 159 17.05 42.95 24.50
CA ALA D 159 16.49 44.30 24.55
C ALA D 159 16.30 44.73 25.99
N ALA D 160 15.73 43.83 26.82
CA ALA D 160 15.50 44.15 28.21
C ALA D 160 16.79 44.31 29.01
N LEU D 161 17.90 43.71 28.57
CA LEU D 161 19.21 43.95 29.17
C LEU D 161 19.87 45.28 28.77
N GLY D 162 19.26 45.99 27.82
CA GLY D 162 19.81 47.24 27.30
C GLY D 162 20.73 47.08 26.10
N LEU D 163 20.64 45.96 25.38
CA LEU D 163 21.54 45.67 24.27
C LEU D 163 20.77 45.78 22.96
N ASP D 164 21.52 46.16 21.91
CA ASP D 164 20.98 46.21 20.57
C ASP D 164 21.25 44.87 19.90
N ALA D 165 20.38 44.51 18.96
CA ALA D 165 20.49 43.25 18.26
C ALA D 165 19.72 43.28 16.96
N VAL D 166 19.98 42.27 16.11
CA VAL D 166 19.20 42.09 14.92
C VAL D 166 19.12 40.61 14.57
N PRO D 167 17.91 40.06 14.34
CA PRO D 167 17.78 38.72 13.79
C PRO D 167 18.12 38.73 12.31
N ILE D 168 18.87 37.72 11.85
CA ILE D 168 19.24 37.61 10.45
C ILE D 168 18.94 36.23 9.90
N GLU D 169 18.10 36.18 8.87
CA GLU D 169 17.92 35.02 8.01
C GLU D 169 18.69 35.17 6.70
N GLY D 170 19.09 36.41 6.36
CA GLY D 170 19.82 36.68 5.14
C GLY D 170 21.28 36.25 5.27
N PHE D 171 21.49 34.93 5.22
CA PHE D 171 22.83 34.36 5.16
C PHE D 171 22.72 33.02 4.45
N ASP D 172 23.86 32.47 4.03
CA ASP D 172 23.88 31.17 3.38
C ASP D 172 24.14 30.10 4.43
N ALA D 173 23.11 29.32 4.76
CA ALA D 173 23.21 28.31 5.82
C ALA D 173 24.18 27.20 5.43
N ALA D 174 24.25 26.88 4.13
CA ALA D 174 25.15 25.84 3.64
C ALA D 174 26.60 26.23 3.89
N ILE D 175 26.95 27.50 3.65
CA ILE D 175 28.29 27.99 3.93
C ILE D 175 28.58 27.98 5.43
N LEU D 176 27.63 28.45 6.24
CA LEU D 176 27.82 28.49 7.68
C LEU D 176 27.96 27.09 8.26
N ASP D 177 27.12 26.16 7.80
CA ASP D 177 27.17 24.77 8.24
C ASP D 177 28.51 24.15 7.87
N ALA D 178 28.97 24.41 6.65
CA ALA D 178 30.24 23.88 6.17
C ALA D 178 31.39 24.43 7.02
N GLU D 179 31.34 25.73 7.34
CA GLU D 179 32.41 26.39 8.08
C GLU D 179 32.60 25.85 9.50
N PHE D 180 31.51 25.43 10.15
CA PHE D 180 31.60 24.88 11.49
C PHE D 180 31.32 23.37 11.57
N GLY D 181 31.34 22.69 10.42
CA GLY D 181 31.13 21.26 10.34
C GLY D 181 29.87 20.79 11.03
N LEU D 182 28.77 21.54 10.84
CA LEU D 182 27.52 21.30 11.55
C LEU D 182 26.77 20.06 11.09
N LYS D 183 26.72 19.82 9.77
CA LYS D 183 26.00 18.66 9.23
C LYS D 183 26.49 17.36 9.86
N GLU D 184 27.81 17.21 9.96
N GLU D 184 27.81 17.21 9.96
CA GLU D 184 28.45 16.03 10.54
CA GLU D 184 28.45 16.04 10.53
C GLU D 184 28.12 15.84 12.02
C GLU D 184 28.14 15.85 12.02
N LYS D 185 27.95 16.94 12.75
CA LYS D 185 27.59 16.90 14.16
C LYS D 185 26.09 16.81 14.47
N GLY D 186 25.26 16.89 13.42
CA GLY D 186 23.82 16.73 13.53
C GLY D 186 23.03 18.03 13.73
N TYR D 187 23.54 19.15 13.20
CA TYR D 187 22.88 20.45 13.26
C TYR D 187 22.88 21.18 11.93
N THR D 188 22.00 22.20 11.87
CA THR D 188 21.91 23.15 10.78
C THR D 188 21.58 24.52 11.34
N SER D 189 22.29 25.54 10.83
CA SER D 189 22.08 26.92 11.19
C SER D 189 20.79 27.47 10.60
N LEU D 190 20.11 28.32 11.37
CA LEU D 190 18.85 28.92 11.00
C LEU D 190 18.81 30.45 11.10
N VAL D 191 19.31 30.98 12.22
CA VAL D 191 19.26 32.41 12.44
C VAL D 191 20.57 32.85 13.08
N VAL D 192 21.06 34.00 12.61
CA VAL D 192 22.22 34.63 13.21
C VAL D 192 21.76 35.92 13.88
N VAL D 193 22.18 36.10 15.13
CA VAL D 193 21.83 37.28 15.91
C VAL D 193 23.06 37.98 16.48
N PRO D 194 23.54 39.02 15.79
CA PRO D 194 24.53 39.93 16.35
C PRO D 194 23.94 40.75 17.50
N VAL D 195 24.75 40.92 18.53
CA VAL D 195 24.38 41.63 19.74
C VAL D 195 25.48 42.63 20.07
N GLY D 196 25.07 43.86 20.44
CA GLY D 196 26.00 44.87 20.89
C GLY D 196 25.34 46.22 21.14
N HIS D 197 25.93 47.26 20.56
CA HIS D 197 25.45 48.62 20.62
C HIS D 197 25.46 49.18 19.20
N HIS D 198 24.39 49.88 18.81
CA HIS D 198 24.27 50.46 17.48
C HIS D 198 25.29 51.59 17.31
N SER D 199 25.72 51.81 16.07
CA SER D 199 26.54 52.94 15.68
C SER D 199 25.66 54.02 15.06
N VAL D 200 26.29 55.17 14.72
CA VAL D 200 25.64 56.23 13.99
C VAL D 200 25.07 55.81 12.64
N GLU D 201 25.62 54.76 12.03
CA GLU D 201 25.15 54.25 10.76
C GLU D 201 23.86 53.44 10.82
N ASP D 202 23.29 53.25 12.03
CA ASP D 202 22.05 52.53 12.18
C ASP D 202 20.84 53.41 11.88
N PHE D 203 20.44 53.44 10.59
CA PHE D 203 19.34 54.29 10.15
C PHE D 203 18.01 53.93 10.82
N ASN D 204 17.88 52.66 11.22
CA ASN D 204 16.64 52.15 11.82
C ASN D 204 16.42 52.57 13.26
N ALA D 205 17.44 53.14 13.90
CA ALA D 205 17.35 53.58 15.28
C ALA D 205 16.39 54.75 15.45
N THR D 206 16.23 55.56 14.40
CA THR D 206 15.43 56.78 14.49
C THR D 206 14.13 56.70 13.70
N LEU D 207 13.91 55.57 13.00
CA LEU D 207 12.68 55.36 12.26
C LEU D 207 11.58 54.89 13.21
N PRO D 208 10.33 55.33 13.02
CA PRO D 208 9.23 54.85 13.85
C PRO D 208 8.93 53.39 13.55
N LYS D 209 8.51 52.66 14.58
CA LYS D 209 8.17 51.25 14.48
C LYS D 209 6.84 51.12 13.74
N SER D 210 6.66 50.06 12.93
CA SER D 210 5.42 49.90 12.20
C SER D 210 4.87 48.49 12.34
N ARG D 211 3.58 48.41 12.71
CA ARG D 211 2.88 47.14 12.75
C ARG D 211 1.49 47.31 12.18
N LEU D 212 1.00 46.26 11.52
CA LEU D 212 -0.41 46.13 11.18
C LEU D 212 -1.29 46.35 12.41
N PRO D 213 -2.47 46.95 12.22
CA PRO D 213 -3.42 47.14 13.32
C PRO D 213 -4.02 45.81 13.80
N GLN D 214 -4.43 45.79 15.08
CA GLN D 214 -5.08 44.63 15.65
C GLN D 214 -6.40 44.27 14.98
N ASN D 215 -7.08 45.26 14.36
CA ASN D 215 -8.34 44.97 13.69
C ASN D 215 -8.15 44.07 12.47
N ILE D 216 -6.89 43.88 12.02
CA ILE D 216 -6.59 42.89 10.98
C ILE D 216 -6.07 41.57 11.53
N THR D 217 -5.08 41.64 12.43
CA THR D 217 -4.40 40.46 12.93
C THR D 217 -5.01 39.75 14.13
N LEU D 218 -6.03 40.35 14.76
CA LEU D 218 -6.50 39.84 16.04
C LEU D 218 -8.02 39.81 16.18
N THR D 219 -8.54 38.64 16.57
CA THR D 219 -9.96 38.43 16.85
C THR D 219 -10.18 38.07 18.31
N GLU D 220 -11.18 38.70 18.95
CA GLU D 220 -11.55 38.33 20.32
C GLU D 220 -12.85 37.54 20.36
N VAL D 221 -12.87 36.47 21.15
CA VAL D 221 -14.05 35.63 21.34
C VAL D 221 -14.39 35.27 22.86
N ASP E 6 14.74 42.92 36.50
CA ASP E 6 15.74 42.17 35.81
C ASP E 6 15.16 40.97 35.04
N ILE E 7 15.46 40.92 33.74
CA ILE E 7 14.87 39.97 32.82
C ILE E 7 15.43 38.56 32.99
N ILE E 8 16.63 38.43 33.56
CA ILE E 8 17.21 37.11 33.79
C ILE E 8 16.47 36.39 34.91
N SER E 9 16.10 37.15 35.95
CA SER E 9 15.20 36.65 36.98
C SER E 9 13.90 36.11 36.38
N VAL E 10 13.29 36.92 35.52
CA VAL E 10 12.04 36.53 34.89
C VAL E 10 12.22 35.21 34.14
N ALA E 11 13.32 35.10 33.39
CA ALA E 11 13.60 33.93 32.58
C ALA E 11 13.81 32.67 33.42
N LEU E 12 14.47 32.84 34.57
CA LEU E 12 14.78 31.72 35.46
C LEU E 12 13.60 31.29 36.33
N LYS E 13 12.62 32.18 36.52
CA LYS E 13 11.52 31.93 37.42
C LYS E 13 10.19 31.57 36.75
N ARG E 14 10.05 31.91 35.46
CA ARG E 14 8.84 31.55 34.73
C ARG E 14 8.80 30.03 34.62
N HIS E 15 7.62 29.49 34.36
CA HIS E 15 7.46 28.05 34.23
C HIS E 15 6.18 27.78 33.45
N SER E 16 6.11 26.64 32.77
CA SER E 16 4.87 26.21 32.16
C SER E 16 3.88 25.82 33.25
N THR E 17 2.82 26.64 33.39
CA THR E 17 1.74 26.37 34.34
C THR E 17 0.91 25.15 33.95
N LYS E 18 0.72 24.24 34.90
CA LYS E 18 -0.09 23.05 34.67
C LYS E 18 -1.56 23.15 35.11
N ALA E 19 -1.84 24.15 35.96
CA ALA E 19 -3.21 24.35 36.44
C ALA E 19 -3.43 25.83 36.74
N PHE E 20 -4.57 26.34 36.27
CA PHE E 20 -4.96 27.72 36.44
C PHE E 20 -6.09 27.88 37.44
N ASP E 21 -6.11 29.05 38.09
CA ASP E 21 -7.18 29.47 38.97
C ASP E 21 -8.24 30.21 38.16
N ALA E 22 -9.38 29.54 37.93
CA ALA E 22 -10.45 30.09 37.12
C ALA E 22 -11.06 31.37 37.68
N SER E 23 -10.80 31.70 38.94
CA SER E 23 -11.40 32.89 39.54
C SER E 23 -10.54 34.14 39.32
N LYS E 24 -9.32 33.97 38.80
CA LYS E 24 -8.38 35.08 38.68
C LYS E 24 -8.18 35.54 37.25
N LYS E 25 -8.74 36.71 36.96
CA LYS E 25 -8.70 37.30 35.62
C LYS E 25 -7.51 38.25 35.47
N LEU E 26 -7.02 38.38 34.24
CA LEU E 26 -6.23 39.53 33.85
C LEU E 26 -7.03 40.79 34.16
N THR E 27 -6.31 41.82 34.62
CA THR E 27 -6.84 43.17 34.73
C THR E 27 -7.12 43.67 33.31
N PRO E 28 -8.06 44.61 33.13
CA PRO E 28 -8.31 45.20 31.80
C PRO E 28 -7.06 45.72 31.10
N GLU E 29 -6.15 46.30 31.89
CA GLU E 29 -4.85 46.78 31.41
C GLU E 29 -3.96 45.67 30.88
N GLN E 30 -3.79 44.59 31.66
CA GLN E 30 -3.04 43.41 31.21
C GLN E 30 -3.64 42.79 29.95
N ALA E 31 -4.96 42.83 29.81
CA ALA E 31 -5.59 42.29 28.61
C ALA E 31 -5.21 43.09 27.37
N GLU E 32 -5.05 44.41 27.53
CA GLU E 32 -4.52 45.24 26.45
C GLU E 32 -3.04 44.97 26.19
N GLN E 33 -2.26 44.80 27.26
CA GLN E 33 -0.83 44.60 27.14
C GLN E 33 -0.45 43.33 26.41
N ILE E 34 -1.17 42.24 26.68
CA ILE E 34 -0.84 40.99 26.00
C ILE E 34 -1.07 41.12 24.49
N LYS E 35 -2.05 41.93 24.10
CA LYS E 35 -2.33 42.17 22.68
C LYS E 35 -1.22 43.00 22.03
N THR E 36 -0.70 43.98 22.77
CA THR E 36 0.46 44.73 22.35
C THR E 36 1.68 43.82 22.09
N LEU E 37 1.95 42.87 22.99
CA LEU E 37 3.00 41.90 22.79
C LEU E 37 2.86 41.10 21.48
N LEU E 38 1.64 40.64 21.21
CA LEU E 38 1.39 39.83 20.01
C LEU E 38 1.67 40.67 18.75
N GLN E 39 1.18 41.90 18.79
CA GLN E 39 1.28 42.82 17.66
C GLN E 39 2.72 43.20 17.31
N TYR E 40 3.52 43.50 18.35
CA TYR E 40 4.80 44.16 18.17
C TYR E 40 6.01 43.21 18.11
N SER E 41 5.75 41.90 18.05
CA SER E 41 6.80 40.94 17.81
C SER E 41 7.49 41.23 16.48
N PRO E 42 8.82 41.03 16.39
CA PRO E 42 9.51 41.10 15.11
C PRO E 42 9.15 39.91 14.23
N SER E 43 9.42 40.06 12.93
CA SER E 43 9.21 39.02 11.94
C SER E 43 10.10 39.33 10.74
N SER E 44 10.51 38.27 10.02
CA SER E 44 11.29 38.44 8.81
C SER E 44 10.57 39.40 7.87
N THR E 45 11.27 40.48 7.46
CA THR E 45 10.77 41.55 6.60
C THR E 45 9.54 42.31 7.13
N ASN E 46 9.30 42.23 8.44
CA ASN E 46 8.07 42.77 9.02
C ASN E 46 6.83 42.22 8.31
N SER E 47 6.93 40.95 7.86
CA SER E 47 5.88 40.25 7.14
C SER E 47 4.66 39.96 8.00
N GLN E 48 4.84 39.82 9.31
CA GLN E 48 3.74 39.66 10.24
C GLN E 48 2.71 38.63 9.75
N PRO E 49 3.14 37.39 9.42
CA PRO E 49 2.28 36.45 8.70
C PRO E 49 1.42 35.63 9.65
N TRP E 50 0.62 36.34 10.44
CA TRP E 50 -0.03 35.73 11.57
C TRP E 50 -1.44 36.28 11.85
N HIS E 51 -2.20 35.47 12.60
CA HIS E 51 -3.48 35.84 13.17
C HIS E 51 -3.52 35.31 14.60
N PHE E 52 -4.13 36.08 15.50
CA PHE E 52 -4.30 35.65 16.87
C PHE E 52 -5.79 35.60 17.19
N ILE E 53 -6.20 34.50 17.82
CA ILE E 53 -7.50 34.43 18.44
C ILE E 53 -7.28 34.54 19.95
N VAL E 54 -7.96 35.52 20.57
CA VAL E 54 -7.88 35.71 22.01
C VAL E 54 -9.25 35.41 22.61
N ALA E 55 -9.33 34.26 23.28
CA ALA E 55 -10.55 33.80 23.91
C ALA E 55 -10.51 34.16 25.38
N SER E 56 -11.49 34.96 25.82
CA SER E 56 -11.56 35.38 27.21
C SER E 56 -12.90 35.05 27.88
N THR E 57 -13.94 34.84 27.06
CA THR E 57 -15.25 34.43 27.56
C THR E 57 -15.33 32.91 27.74
N GLU E 58 -16.36 32.45 28.45
CA GLU E 58 -16.57 31.04 28.70
C GLU E 58 -16.92 30.32 27.39
N GLU E 59 -17.70 30.97 26.53
CA GLU E 59 -18.06 30.41 25.24
C GLU E 59 -16.84 30.30 24.33
N GLY E 60 -16.03 31.36 24.30
CA GLY E 60 -14.83 31.38 23.47
C GLY E 60 -13.82 30.31 23.89
N LYS E 61 -13.57 30.22 25.20
CA LYS E 61 -12.58 29.28 25.71
C LYS E 61 -13.01 27.85 25.46
N ALA E 62 -14.32 27.59 25.56
CA ALA E 62 -14.87 26.26 25.34
C ALA E 62 -14.74 25.82 23.88
N ARG E 63 -14.84 26.79 22.94
CA ARG E 63 -14.65 26.51 21.53
C ARG E 63 -13.20 26.07 21.26
N VAL E 64 -12.25 26.81 21.84
CA VAL E 64 -10.85 26.45 21.74
C VAL E 64 -10.59 25.06 22.35
N ALA E 65 -11.14 24.82 23.55
CA ALA E 65 -10.88 23.60 24.31
C ALA E 65 -11.41 22.34 23.65
N LYS E 66 -12.35 22.48 22.69
CA LYS E 66 -12.76 21.36 21.87
C LYS E 66 -11.57 20.68 21.20
N SER E 67 -10.55 21.47 20.84
CA SER E 67 -9.35 20.95 20.21
C SER E 67 -8.52 20.05 21.11
N ALA E 68 -8.80 20.05 22.42
CA ALA E 68 -8.07 19.23 23.37
C ALA E 68 -8.84 18.00 23.85
N ALA E 69 -10.06 17.78 23.37
CA ALA E 69 -10.69 16.47 23.46
C ALA E 69 -9.87 15.46 22.64
N GLY E 70 -10.23 14.18 22.73
CA GLY E 70 -9.43 13.10 22.15
C GLY E 70 -8.20 12.80 23.01
N ASN E 71 -7.04 12.73 22.36
CA ASN E 71 -5.81 12.33 23.03
C ASN E 71 -5.18 13.40 23.91
N TYR E 72 -5.78 14.60 23.95
CA TYR E 72 -5.10 15.74 24.53
C TYR E 72 -5.79 16.30 25.76
N VAL E 73 -6.53 15.43 26.48
CA VAL E 73 -7.40 15.85 27.58
C VAL E 73 -6.62 16.52 28.71
N PHE E 74 -5.39 16.09 28.97
CA PHE E 74 -4.56 16.72 29.99
C PHE E 74 -4.43 18.23 29.79
N ASN E 75 -4.54 18.70 28.54
CA ASN E 75 -4.48 20.12 28.23
C ASN E 75 -5.82 20.87 28.24
N GLU E 76 -6.91 20.13 28.31
CA GLU E 76 -8.24 20.73 28.20
C GLU E 76 -8.55 21.68 29.36
N ARG E 77 -8.18 21.27 30.56
CA ARG E 77 -8.47 22.04 31.77
C ARG E 77 -7.69 23.35 31.81
N LYS E 78 -6.47 23.34 31.28
CA LYS E 78 -5.70 24.57 31.15
C LYS E 78 -6.41 25.63 30.31
N MET E 79 -7.00 25.18 29.19
CA MET E 79 -7.70 26.07 28.28
C MET E 79 -9.01 26.61 28.87
N LEU E 80 -9.68 25.79 29.68
CA LEU E 80 -10.94 26.24 30.28
C LEU E 80 -10.74 27.20 31.45
N ASP E 81 -9.68 26.97 32.23
CA ASP E 81 -9.54 27.61 33.53
C ASP E 81 -8.72 28.89 33.50
N ALA E 82 -7.90 29.07 32.47
CA ALA E 82 -7.14 30.29 32.31
C ALA E 82 -8.08 31.47 32.02
N SER E 83 -7.55 32.67 32.28
CA SER E 83 -8.28 33.89 32.06
C SER E 83 -8.45 34.16 30.57
N HIS E 84 -7.34 34.16 29.85
CA HIS E 84 -7.28 34.47 28.43
C HIS E 84 -6.51 33.35 27.75
N VAL E 85 -6.96 32.96 26.56
CA VAL E 85 -6.32 31.88 25.82
C VAL E 85 -6.01 32.41 24.41
N VAL E 86 -4.73 32.40 24.05
CA VAL E 86 -4.31 32.90 22.75
C VAL E 86 -4.01 31.74 21.79
N VAL E 87 -4.66 31.75 20.63
CA VAL E 87 -4.33 30.85 19.54
C VAL E 87 -3.42 31.56 18.55
N PHE E 88 -2.17 31.08 18.43
CA PHE E 88 -1.25 31.58 17.44
C PHE E 88 -1.48 30.82 16.12
N CYS E 89 -1.82 31.60 15.06
CA CYS E 89 -2.06 31.07 13.74
C CYS E 89 -1.09 31.67 12.72
N ALA E 90 -0.64 30.84 11.79
CA ALA E 90 0.19 31.29 10.68
C ALA E 90 -0.65 31.35 9.42
N LYS E 91 -0.34 32.30 8.53
CA LYS E 91 -0.80 32.25 7.15
C LYS E 91 -0.27 30.98 6.50
N THR E 92 -1.08 30.40 5.59
CA THR E 92 -0.72 29.20 4.85
C THR E 92 -0.10 29.56 3.52
N ALA E 93 -0.32 30.80 3.04
CA ALA E 93 0.32 31.28 1.81
C ALA E 93 0.51 32.80 1.84
N MET E 94 1.63 33.24 1.26
CA MET E 94 1.98 34.65 1.28
C MET E 94 1.54 35.28 -0.04
N ASP E 95 0.52 36.15 0.04
CA ASP E 95 -0.06 36.78 -1.14
C ASP E 95 0.41 38.24 -1.27
N ASP E 96 0.30 38.77 -2.48
CA ASP E 96 0.65 40.14 -2.78
C ASP E 96 -0.25 41.16 -2.09
N VAL E 97 -1.51 40.81 -1.84
CA VAL E 97 -2.40 41.69 -1.10
C VAL E 97 -1.80 42.04 0.26
N TRP E 98 -1.27 41.02 0.93
CA TRP E 98 -0.71 41.15 2.26
C TRP E 98 0.57 41.98 2.26
N LEU E 99 1.41 41.76 1.25
CA LEU E 99 2.66 42.48 1.13
C LEU E 99 2.45 43.98 0.91
N LYS E 100 1.34 44.32 0.22
CA LYS E 100 0.97 45.69 -0.08
C LYS E 100 0.43 46.35 1.19
N LEU E 101 -0.30 45.56 1.97
CA LEU E 101 -0.85 46.03 3.23
C LEU E 101 0.25 46.46 4.21
N VAL E 102 1.31 45.63 4.26
CA VAL E 102 2.44 45.80 5.15
C VAL E 102 3.25 47.05 4.78
N VAL E 103 3.60 47.18 3.50
CA VAL E 103 4.41 48.31 3.07
C VAL E 103 3.62 49.62 3.12
N ASP E 104 2.31 49.54 2.86
CA ASP E 104 1.45 50.71 2.96
C ASP E 104 1.35 51.18 4.43
N GLN E 105 1.30 50.21 5.36
CA GLN E 105 1.35 50.52 6.78
C GLN E 105 2.69 51.14 7.20
N GLU E 106 3.80 50.58 6.73
CA GLU E 106 5.12 51.14 6.98
C GLU E 106 5.16 52.59 6.51
N ASP E 107 4.48 52.88 5.38
CA ASP E 107 4.41 54.22 4.82
C ASP E 107 3.60 55.18 5.67
N ALA E 108 2.41 54.73 6.08
CA ALA E 108 1.52 55.47 6.96
C ALA E 108 2.19 55.81 8.29
N ASP E 109 3.02 54.89 8.79
CA ASP E 109 3.73 55.05 10.05
C ASP E 109 4.96 55.95 9.94
N GLY E 110 5.35 56.31 8.71
CA GLY E 110 6.36 57.32 8.47
C GLY E 110 7.79 56.80 8.27
N ARG E 111 7.93 55.57 7.77
CA ARG E 111 9.24 54.95 7.61
C ARG E 111 9.95 55.28 6.31
N PHE E 112 9.29 56.01 5.40
CA PHE E 112 9.85 56.33 4.09
C PHE E 112 9.85 57.83 3.88
N ALA E 113 11.03 58.38 3.56
CA ALA E 113 11.12 59.80 3.24
C ALA E 113 10.54 60.11 1.86
N THR E 114 10.61 59.13 0.95
CA THR E 114 10.28 59.32 -0.47
C THR E 114 9.40 58.19 -1.00
N PRO E 115 8.73 58.36 -2.17
CA PRO E 115 8.18 57.21 -2.91
C PRO E 115 9.22 56.17 -3.34
N GLU E 116 10.44 56.63 -3.70
CA GLU E 116 11.53 55.76 -4.11
C GLU E 116 11.87 54.75 -3.02
N ALA E 117 12.00 55.25 -1.78
CA ALA E 117 12.36 54.46 -0.62
C ALA E 117 11.34 53.34 -0.34
N LYS E 118 10.06 53.69 -0.56
CA LYS E 118 8.97 52.74 -0.43
C LYS E 118 9.00 51.65 -1.51
N ALA E 119 9.22 52.04 -2.76
CA ALA E 119 9.38 51.11 -3.87
C ALA E 119 10.48 50.10 -3.56
N ALA E 120 11.62 50.60 -3.05
CA ALA E 120 12.79 49.80 -2.75
C ALA E 120 12.56 48.79 -1.63
N ASN E 121 11.83 49.25 -0.59
CA ASN E 121 11.39 48.36 0.48
C ASN E 121 10.51 47.21 -0.03
N ASP E 122 9.58 47.53 -0.93
CA ASP E 122 8.67 46.54 -1.49
C ASP E 122 9.39 45.56 -2.40
N LYS E 123 10.29 46.06 -3.24
CA LYS E 123 11.09 45.25 -4.14
C LYS E 123 11.93 44.30 -3.30
N GLY E 124 12.51 44.83 -2.21
CA GLY E 124 13.29 44.06 -1.26
C GLY E 124 12.49 42.92 -0.63
N ARG E 125 11.28 43.25 -0.15
CA ARG E 125 10.42 42.28 0.50
C ARG E 125 9.85 41.23 -0.47
N LYS E 126 9.38 41.65 -1.65
CA LYS E 126 8.90 40.73 -2.67
C LYS E 126 10.00 39.79 -3.12
N PHE E 127 11.22 40.31 -3.30
CA PHE E 127 12.34 39.49 -3.71
C PHE E 127 12.56 38.38 -2.69
N PPN E 128 12.56 38.78 -1.41
CA PPN E 128 12.87 37.85 -0.35
C PPN E 128 11.72 36.84 -0.17
O PPN E 128 11.96 35.65 0.00
CB PPN E 128 13.28 38.61 0.92
CG PPN E 128 13.87 37.62 1.89
CD1 PPN E 128 13.11 37.09 2.93
CD2 PPN E 128 15.13 37.10 1.62
CE1 PPN E 128 13.61 36.10 3.75
CE2 PPN E 128 15.68 36.12 2.43
CZ PPN E 128 14.90 35.63 3.49
N1 PPN E 128 15.42 34.54 4.30
O1 PPN E 128 14.68 34.09 5.17
O2 PPN E 128 16.50 34.02 3.98
N ALA E 129 10.48 37.30 -0.26
CA ALA E 129 9.30 36.45 -0.20
C ALA E 129 9.21 35.46 -1.35
N ASP E 130 9.48 35.95 -2.57
CA ASP E 130 9.46 35.16 -3.78
C ASP E 130 10.47 34.02 -3.71
N MET E 131 11.61 34.27 -3.07
CA MET E 131 12.59 33.22 -2.86
C MET E 131 11.95 32.04 -2.13
N HIS E 132 11.03 32.31 -1.17
CA HIS E 132 10.40 31.25 -0.40
C HIS E 132 9.21 30.60 -1.14
N ARG E 133 8.35 31.38 -1.83
CA ARG E 133 7.21 30.79 -2.50
C ARG E 133 7.58 30.19 -3.86
N LYS E 134 8.42 30.89 -4.65
CA LYS E 134 8.78 30.43 -5.99
C LYS E 134 9.87 29.36 -6.02
N ASP E 135 11.06 29.65 -5.47
CA ASP E 135 12.21 28.77 -5.61
C ASP E 135 12.23 27.60 -4.62
N LEU E 136 12.13 27.91 -3.31
CA LEU E 136 12.25 26.90 -2.28
C LEU E 136 10.95 26.17 -1.99
N HIS E 137 9.82 26.81 -2.34
CA HIS E 137 8.47 26.33 -2.03
C HIS E 137 8.34 25.95 -0.55
N ASP E 138 8.77 26.84 0.34
CA ASP E 138 8.75 26.57 1.77
C ASP E 138 8.10 27.70 2.56
N ASP E 139 7.29 28.54 1.90
CA ASP E 139 6.82 29.75 2.54
C ASP E 139 5.89 29.49 3.72
N ALA E 140 5.20 28.34 3.71
CA ALA E 140 4.36 27.94 4.83
C ALA E 140 5.23 27.69 6.06
N GLU E 141 6.30 26.92 5.88
CA GLU E 141 7.23 26.64 6.95
C GLU E 141 7.89 27.92 7.46
N TRP E 142 8.28 28.78 6.51
CA TRP E 142 8.94 30.04 6.83
C TRP E 142 8.05 30.93 7.71
N MET E 143 6.77 31.01 7.34
CA MET E 143 5.83 31.88 8.01
C MET E 143 5.53 31.32 9.41
N ALA E 144 5.43 29.99 9.50
CA ALA E 144 5.21 29.30 10.77
C ALA E 144 6.33 29.56 11.79
N LYS E 145 7.57 29.64 11.26
CA LYS E 145 8.72 29.93 12.11
C LYS E 145 8.59 31.31 12.73
N GLN E 146 8.10 32.27 11.94
CA GLN E 146 7.92 33.63 12.42
C GLN E 146 6.91 33.62 13.56
N VAL E 147 5.91 32.74 13.46
CA VAL E 147 4.88 32.66 14.48
C VAL E 147 5.43 32.10 15.79
N TYR E 148 6.27 31.06 15.69
CA TYR E 148 6.94 30.50 16.84
C TYR E 148 7.84 31.54 17.53
N LEU E 149 8.47 32.38 16.72
CA LEU E 149 9.25 33.48 17.26
C LEU E 149 8.34 34.42 18.06
N ASN E 150 7.14 34.71 17.55
CA ASN E 150 6.18 35.51 18.28
C ASN E 150 5.82 34.86 19.62
N VAL E 151 5.59 33.55 19.62
CA VAL E 151 5.32 32.81 20.85
C VAL E 151 6.42 32.99 21.91
N GLY E 152 7.68 32.86 21.46
CA GLY E 152 8.81 32.94 22.36
C GLY E 152 8.85 34.31 23.02
N ASN E 153 8.67 35.34 22.20
CA ASN E 153 8.57 36.72 22.67
C ASN E 153 7.44 36.85 23.68
N PHE E 154 6.30 36.25 23.35
CA PHE E 154 5.11 36.32 24.19
C PHE E 154 5.31 35.71 25.56
N LEU E 155 5.91 34.53 25.60
CA LEU E 155 6.07 33.80 26.86
C LEU E 155 6.93 34.54 27.90
N LEU E 156 8.02 35.16 27.42
CA LEU E 156 8.86 35.97 28.27
C LEU E 156 8.13 37.28 28.62
N GLY E 157 7.39 37.83 27.65
CA GLY E 157 6.63 39.04 27.89
C GLY E 157 5.62 38.86 29.02
N VAL E 158 4.80 37.81 28.94
CA VAL E 158 3.73 37.67 29.92
C VAL E 158 4.33 37.36 31.28
N ALA E 159 5.44 36.61 31.31
CA ALA E 159 6.15 36.36 32.54
C ALA E 159 6.61 37.69 33.17
N ALA E 160 7.16 38.57 32.34
CA ALA E 160 7.62 39.86 32.81
C ALA E 160 6.50 40.76 33.28
N LEU E 161 5.26 40.56 32.80
CA LEU E 161 4.10 41.26 33.32
C LEU E 161 3.55 40.70 34.64
N GLY E 162 4.12 39.58 35.11
CA GLY E 162 3.63 38.92 36.32
C GLY E 162 2.56 37.87 36.11
N LEU E 163 2.43 37.34 34.88
CA LEU E 163 1.35 36.42 34.55
C LEU E 163 1.90 35.03 34.29
N ASP E 164 1.08 34.03 34.58
CA ASP E 164 1.43 32.64 34.34
C ASP E 164 0.90 32.24 32.96
N ALA E 165 1.58 31.28 32.35
CA ALA E 165 1.19 30.80 31.05
C ALA E 165 1.76 29.41 30.78
N VAL E 166 1.24 28.79 29.74
CA VAL E 166 1.81 27.56 29.23
C VAL E 166 1.64 27.50 27.71
N PRO E 167 2.74 27.23 26.96
CA PRO E 167 2.61 26.93 25.53
C PRO E 167 2.05 25.53 25.34
N ILE E 168 1.14 25.37 24.39
CA ILE E 168 0.55 24.08 24.10
C ILE E 168 0.60 23.75 22.61
N GLU E 169 1.28 22.66 22.29
CA GLU E 169 1.21 22.01 20.98
C GLU E 169 0.28 20.80 21.00
N GLY E 170 -0.02 20.28 22.19
CA GLY E 170 -0.89 19.13 22.35
C GLY E 170 -2.35 19.52 22.18
N PHE E 171 -2.73 19.75 20.92
CA PHE E 171 -4.11 19.99 20.58
C PHE E 171 -4.29 19.54 19.12
N ASP E 172 -5.55 19.40 18.71
CA ASP E 172 -5.84 18.98 17.35
C ASP E 172 -6.07 20.22 16.49
N ALA E 173 -5.10 20.53 15.64
CA ALA E 173 -5.14 21.73 14.83
C ALA E 173 -6.28 21.68 13.80
N ALA E 174 -6.61 20.46 13.32
CA ALA E 174 -7.69 20.28 12.36
C ALA E 174 -9.03 20.68 12.97
N ILE E 175 -9.26 20.26 14.23
CA ILE E 175 -10.47 20.63 14.95
C ILE E 175 -10.52 22.15 15.19
N LEU E 176 -9.40 22.72 15.63
CA LEU E 176 -9.36 24.14 15.92
C LEU E 176 -9.58 24.98 14.67
N ASP E 177 -8.92 24.57 13.57
CA ASP E 177 -9.07 25.25 12.30
C ASP E 177 -10.51 25.18 11.80
N ALA E 178 -11.13 24.00 11.94
CA ALA E 178 -12.52 23.80 11.54
C ALA E 178 -13.45 24.69 12.37
N GLU E 179 -13.20 24.78 13.68
CA GLU E 179 -14.04 25.54 14.59
C GLU E 179 -14.07 27.04 14.30
N PHE E 180 -12.94 27.60 13.83
CA PHE E 180 -12.87 29.01 13.49
C PHE E 180 -12.75 29.30 11.99
N GLY E 181 -13.04 28.29 11.16
CA GLY E 181 -13.00 28.41 9.71
C GLY E 181 -11.70 28.99 9.16
N LEU E 182 -10.57 28.54 9.72
CA LEU E 182 -9.26 29.10 9.44
C LEU E 182 -8.73 28.73 8.05
N LYS E 183 -8.89 27.46 7.66
CA LYS E 183 -8.39 26.98 6.38
C LYS E 183 -8.88 27.82 5.22
N GLU E 184 -10.21 28.11 5.23
CA GLU E 184 -10.87 28.91 4.22
C GLU E 184 -10.34 30.34 4.13
N LYS E 185 -9.96 30.91 5.28
CA LYS E 185 -9.46 32.27 5.38
C LYS E 185 -7.95 32.41 5.19
N GLY E 186 -7.25 31.26 5.05
CA GLY E 186 -5.83 31.23 4.75
C GLY E 186 -4.90 31.18 5.96
N TYR E 187 -5.36 30.55 7.04
CA TYR E 187 -4.58 30.36 8.26
C TYR E 187 -4.66 28.92 8.78
N THR E 188 -3.73 28.61 9.68
CA THR E 188 -3.69 27.37 10.43
C THR E 188 -3.17 27.65 11.84
N SER E 189 -3.81 27.05 12.83
CA SER E 189 -3.40 27.13 14.22
C SER E 189 -2.16 26.29 14.46
N LEU E 190 -1.26 26.80 15.32
CA LEU E 190 -0.01 26.16 15.66
C LEU E 190 0.23 25.98 17.16
N VAL E 191 -0.05 27.03 17.93
CA VAL E 191 0.23 27.00 19.36
C VAL E 191 -0.92 27.69 20.08
N VAL E 192 -1.33 27.08 21.20
CA VAL E 192 -2.32 27.67 22.08
C VAL E 192 -1.62 28.03 23.38
N VAL E 193 -1.84 29.27 23.84
CA VAL E 193 -1.21 29.76 25.05
C VAL E 193 -2.26 30.34 26.01
N PRO E 194 -2.70 29.53 27.00
CA PRO E 194 -3.47 30.05 28.13
C PRO E 194 -2.62 30.94 29.03
N VAL E 195 -3.24 32.04 29.47
CA VAL E 195 -2.59 33.05 30.28
C VAL E 195 -3.50 33.34 31.48
N GLY E 196 -2.90 33.40 32.67
CA GLY E 196 -3.63 33.78 33.87
C GLY E 196 -2.76 33.69 35.11
N HIS E 197 -3.29 33.03 36.14
CA HIS E 197 -2.60 32.81 37.39
C HIS E 197 -2.76 31.33 37.72
N HIS E 198 -1.64 30.71 38.17
CA HIS E 198 -1.61 29.30 38.53
C HIS E 198 -2.46 29.10 39.77
N SER E 199 -3.01 27.89 39.92
CA SER E 199 -3.68 27.44 41.12
C SER E 199 -2.72 26.63 41.99
N VAL E 200 -3.18 26.25 43.19
CA VAL E 200 -2.42 25.37 44.06
C VAL E 200 -2.11 24.01 43.46
N GLU E 201 -2.95 23.57 42.50
CA GLU E 201 -2.75 22.31 41.81
C GLU E 201 -1.70 22.32 40.71
N ASP E 202 -0.99 23.45 40.53
CA ASP E 202 0.10 23.54 39.57
C ASP E 202 1.39 22.98 40.20
N PHE E 203 1.60 21.67 40.04
CA PHE E 203 2.75 20.99 40.61
C PHE E 203 4.08 21.54 40.08
N ASN E 204 4.08 22.08 38.85
CA ASN E 204 5.28 22.59 38.22
C ASN E 204 5.77 23.92 38.77
N ALA E 205 4.95 24.59 39.59
CA ALA E 205 5.30 25.87 40.18
C ALA E 205 6.44 25.76 41.19
N THR E 206 6.57 24.60 41.83
CA THR E 206 7.57 24.42 42.88
C THR E 206 8.71 23.47 42.47
N LEU E 207 8.64 22.93 41.24
CA LEU E 207 9.67 22.05 40.74
C LEU E 207 10.83 22.88 40.21
N PRO E 208 12.10 22.42 40.41
CA PRO E 208 13.24 23.11 39.83
C PRO E 208 13.22 22.99 38.30
N LYS E 209 13.71 24.05 37.65
CA LYS E 209 13.77 24.12 36.20
C LYS E 209 14.92 23.23 35.73
N SER E 210 14.78 22.62 34.55
CA SER E 210 15.85 21.76 34.06
C SER E 210 16.25 22.09 32.62
N ARG E 211 17.56 22.32 32.45
CA ARG E 211 18.12 22.57 31.13
C ARG E 211 19.45 21.83 31.03
N LEU E 212 19.71 21.31 29.83
CA LEU E 212 21.03 20.78 29.51
C LEU E 212 22.10 21.83 29.78
N PRO E 213 23.31 21.41 30.22
CA PRO E 213 24.40 22.35 30.47
C PRO E 213 24.96 22.95 29.17
N GLN E 214 25.51 24.16 29.29
CA GLN E 214 26.11 24.86 28.15
C GLN E 214 27.28 24.10 27.52
N ASN E 215 27.98 23.26 28.28
CA ASN E 215 29.08 22.50 27.70
C ASN E 215 28.61 21.47 26.67
N ILE E 216 27.29 21.22 26.57
CA ILE E 216 26.72 20.40 25.50
C ILE E 216 26.12 21.23 24.38
N THR E 217 25.30 22.23 24.74
CA THR E 217 24.53 23.01 23.77
C THR E 217 25.23 24.24 23.17
N LEU E 218 26.40 24.63 23.71
CA LEU E 218 26.97 25.91 23.36
C LEU E 218 28.48 25.87 23.15
N THR E 219 28.91 26.42 22.00
CA THR E 219 30.31 26.54 21.63
C THR E 219 30.71 28.00 21.53
N GLU E 220 31.87 28.35 22.08
CA GLU E 220 32.40 29.70 21.99
C GLU E 220 33.58 29.78 21.03
N VAL E 221 33.58 30.80 20.15
CA VAL E 221 34.58 30.92 19.08
C VAL E 221 35.16 32.39 18.91
N ASP F 6 25.29 -18.43 -14.48
CA ASP F 6 25.58 -19.64 -15.24
C ASP F 6 24.44 -20.66 -15.13
N ILE F 7 23.99 -21.17 -16.28
CA ILE F 7 22.82 -22.03 -16.35
C ILE F 7 23.07 -23.43 -15.81
N ILE F 8 24.32 -23.89 -15.75
CA ILE F 8 24.62 -25.20 -15.19
C ILE F 8 24.44 -25.18 -13.68
N SER F 9 24.85 -24.08 -13.05
CA SER F 9 24.54 -23.85 -11.65
C SER F 9 23.03 -23.94 -11.37
N VAL F 10 22.25 -23.23 -12.20
CA VAL F 10 20.81 -23.22 -12.03
C VAL F 10 20.28 -24.65 -12.12
N ALA F 11 20.77 -25.41 -13.11
CA ALA F 11 20.33 -26.78 -13.33
C ALA F 11 20.65 -27.72 -12.18
N LEU F 12 21.83 -27.52 -11.57
CA LEU F 12 22.28 -28.35 -10.46
C LEU F 12 21.63 -27.98 -9.12
N LYS F 13 21.12 -26.76 -9.00
CA LYS F 13 20.59 -26.27 -7.73
C LYS F 13 19.07 -26.21 -7.64
N ARG F 14 18.38 -26.23 -8.79
CA ARG F 14 16.92 -26.16 -8.79
C ARG F 14 16.42 -27.46 -8.17
N HIS F 15 15.17 -27.46 -7.71
CA HIS F 15 14.61 -28.63 -7.08
C HIS F 15 13.08 -28.51 -7.13
N SER F 16 12.42 -29.65 -7.12
CA SER F 16 10.97 -29.68 -6.97
C SER F 16 10.63 -29.25 -5.54
N THR F 17 10.01 -28.06 -5.41
CA THR F 17 9.54 -27.55 -4.15
C THR F 17 8.35 -28.36 -3.59
N LYS F 18 8.47 -28.77 -2.32
CA LYS F 18 7.42 -29.54 -1.66
C LYS F 18 6.47 -28.71 -0.80
N ALA F 19 6.86 -27.46 -0.49
CA ALA F 19 6.03 -26.57 0.29
C ALA F 19 6.34 -25.11 -0.08
N PHE F 20 5.28 -24.34 -0.30
CA PHE F 20 5.36 -22.94 -0.65
C PHE F 20 4.95 -22.03 0.50
N ASP F 21 5.53 -20.82 0.52
CA ASP F 21 5.16 -19.76 1.43
C ASP F 21 4.05 -18.93 0.79
N ALA F 22 2.83 -19.08 1.30
CA ALA F 22 1.68 -18.40 0.72
C ALA F 22 1.75 -16.88 0.76
N SER F 23 2.65 -16.31 1.57
CA SER F 23 2.71 -14.87 1.72
C SER F 23 3.64 -14.22 0.71
N LYS F 24 4.38 -15.04 -0.05
CA LYS F 24 5.36 -14.53 -1.00
C LYS F 24 4.89 -14.64 -2.45
N LYS F 25 4.55 -13.48 -3.03
CA LYS F 25 4.01 -13.39 -4.37
C LYS F 25 5.10 -13.12 -5.39
N LEU F 26 4.87 -13.57 -6.63
CA LEU F 26 5.58 -13.04 -7.77
C LEU F 26 5.39 -11.53 -7.82
N THR F 27 6.47 -10.82 -8.19
CA THR F 27 6.40 -9.42 -8.55
C THR F 27 5.58 -9.30 -9.83
N PRO F 28 4.93 -8.16 -10.11
CA PRO F 28 4.22 -7.95 -11.38
C PRO F 28 5.01 -8.29 -12.62
N GLU F 29 6.31 -7.94 -12.60
CA GLU F 29 7.25 -8.23 -13.66
C GLU F 29 7.47 -9.73 -13.86
N GLN F 30 7.76 -10.46 -12.77
CA GLN F 30 7.88 -11.91 -12.85
C GLN F 30 6.62 -12.60 -13.35
N ALA F 31 5.45 -12.04 -13.01
CA ALA F 31 4.21 -12.62 -13.50
C ALA F 31 4.07 -12.48 -15.01
N GLU F 32 4.59 -11.39 -15.58
CA GLU F 32 4.65 -11.24 -17.02
C GLU F 32 5.69 -12.17 -17.63
N GLN F 33 6.85 -12.30 -16.98
CA GLN F 33 7.95 -13.10 -17.49
C GLN F 33 7.58 -14.59 -17.61
N ILE F 34 6.88 -15.14 -16.61
CA ILE F 34 6.53 -16.54 -16.70
C ILE F 34 5.60 -16.79 -17.89
N LYS F 35 4.75 -15.81 -18.23
CA LYS F 35 3.87 -15.91 -19.37
C LYS F 35 4.63 -15.87 -20.69
N THR F 36 5.67 -15.03 -20.75
CA THR F 36 6.60 -15.01 -21.87
C THR F 36 7.25 -16.38 -22.09
N LEU F 37 7.71 -17.03 -21.01
CA LEU F 37 8.28 -18.36 -21.11
C LEU F 37 7.32 -19.37 -21.74
N LEU F 38 6.06 -19.35 -21.31
CA LEU F 38 5.07 -20.29 -21.81
C LEU F 38 4.84 -20.08 -23.30
N GLN F 39 4.71 -18.80 -23.67
CA GLN F 39 4.42 -18.41 -25.04
C GLN F 39 5.53 -18.77 -26.03
N TYR F 40 6.79 -18.54 -25.62
CA TYR F 40 7.92 -18.57 -26.53
C TYR F 40 8.66 -19.90 -26.63
N SER F 41 8.12 -20.95 -25.99
CA SER F 41 8.66 -22.29 -26.13
C SER F 41 8.61 -22.72 -27.60
N PRO F 42 9.61 -23.47 -28.09
CA PRO F 42 9.53 -24.08 -29.40
C PRO F 42 8.52 -25.24 -29.39
N SER F 43 8.12 -25.67 -30.60
CA SER F 43 7.21 -26.78 -30.82
C SER F 43 7.39 -27.27 -32.25
N SER F 44 7.13 -28.56 -32.50
CA SER F 44 7.20 -29.14 -33.83
C SER F 44 6.32 -28.31 -34.76
N THR F 45 6.92 -27.82 -35.85
CA THR F 45 6.30 -26.96 -36.86
C THR F 45 5.74 -25.64 -36.34
N ASN F 46 6.20 -25.19 -35.17
CA ASN F 46 5.62 -24.03 -34.52
C ASN F 46 4.10 -24.18 -34.35
N SER F 47 3.67 -25.43 -34.14
CA SER F 47 2.25 -25.79 -34.01
C SER F 47 1.62 -25.24 -32.73
N GLN F 48 2.43 -25.04 -31.67
CA GLN F 48 1.97 -24.41 -30.45
C GLN F 48 0.64 -24.99 -29.98
N PRO F 49 0.51 -26.33 -29.82
CA PRO F 49 -0.78 -26.98 -29.66
C PRO F 49 -1.21 -27.00 -28.19
N TRP F 50 -1.27 -25.81 -27.61
CA TRP F 50 -1.38 -25.70 -26.16
C TRP F 50 -2.26 -24.55 -25.68
N HIS F 51 -2.70 -24.72 -24.42
CA HIS F 51 -3.37 -23.67 -23.67
C HIS F 51 -2.79 -23.67 -22.25
N PHE F 52 -2.67 -22.48 -21.69
CA PHE F 52 -2.21 -22.34 -20.31
C PHE F 52 -3.32 -21.69 -19.49
N ILE F 53 -3.60 -22.28 -18.33
CA ILE F 53 -4.35 -21.59 -17.29
C ILE F 53 -3.37 -21.10 -16.24
N VAL F 54 -3.39 -19.81 -15.94
CA VAL F 54 -2.57 -19.24 -14.90
C VAL F 54 -3.48 -18.74 -13.78
N ALA F 55 -3.49 -19.50 -12.67
CA ALA F 55 -4.32 -19.22 -11.53
C ALA F 55 -3.46 -18.49 -10.50
N SER F 56 -3.88 -17.29 -10.14
CA SER F 56 -3.12 -16.47 -9.20
C SER F 56 -3.97 -15.99 -8.01
N THR F 57 -5.29 -16.01 -8.16
CA THR F 57 -6.22 -15.69 -7.09
C THR F 57 -6.50 -16.89 -6.19
N GLU F 58 -7.09 -16.65 -5.02
CA GLU F 58 -7.40 -17.70 -4.06
C GLU F 58 -8.49 -18.62 -4.61
N GLU F 59 -9.47 -18.02 -5.30
CA GLU F 59 -10.57 -18.76 -5.92
C GLU F 59 -10.04 -19.60 -7.07
N GLY F 60 -9.18 -19.02 -7.92
CA GLY F 60 -8.62 -19.73 -9.05
C GLY F 60 -7.78 -20.93 -8.64
N LYS F 61 -6.90 -20.71 -7.65
CA LYS F 61 -6.01 -21.78 -7.21
C LYS F 61 -6.78 -22.93 -6.57
N ALA F 62 -7.86 -22.58 -5.84
CA ALA F 62 -8.72 -23.57 -5.21
C ALA F 62 -9.48 -24.43 -6.21
N ARG F 63 -9.85 -23.86 -7.36
CA ARG F 63 -10.48 -24.58 -8.44
C ARG F 63 -9.53 -25.62 -9.02
N VAL F 64 -8.28 -25.22 -9.25
CA VAL F 64 -7.23 -26.15 -9.69
C VAL F 64 -7.02 -27.27 -8.67
N ALA F 65 -6.91 -26.89 -7.39
CA ALA F 65 -6.58 -27.82 -6.31
C ALA F 65 -7.64 -28.88 -6.06
N LYS F 66 -8.88 -28.65 -6.53
CA LYS F 66 -9.91 -29.68 -6.51
C LYS F 66 -9.45 -30.96 -7.19
N SER F 67 -8.61 -30.83 -8.23
CA SER F 67 -8.06 -31.97 -8.96
C SER F 67 -7.12 -32.82 -8.12
N ALA F 68 -6.66 -32.31 -6.97
CA ALA F 68 -5.74 -33.03 -6.11
C ALA F 68 -6.40 -33.60 -4.86
N ALA F 69 -7.71 -33.41 -4.68
CA ALA F 69 -8.48 -34.20 -3.72
C ALA F 69 -8.46 -35.66 -4.18
N GLY F 70 -8.98 -36.58 -3.36
CA GLY F 70 -8.85 -38.00 -3.59
C GLY F 70 -7.44 -38.50 -3.24
N ASN F 71 -6.81 -39.24 -4.16
CA ASN F 71 -5.55 -39.89 -3.86
C ASN F 71 -4.34 -38.99 -3.95
N TYR F 72 -4.53 -37.71 -4.26
CA TYR F 72 -3.41 -36.84 -4.56
C TYR F 72 -3.25 -35.68 -3.58
N VAL F 73 -3.68 -35.90 -2.34
CA VAL F 73 -3.73 -34.87 -1.30
C VAL F 73 -2.37 -34.24 -1.02
N PHE F 74 -1.29 -35.05 -1.07
CA PHE F 74 0.05 -34.52 -0.86
C PHE F 74 0.37 -33.34 -1.79
N ASN F 75 -0.26 -33.30 -2.97
CA ASN F 75 -0.06 -32.20 -3.91
C ASN F 75 -1.01 -31.01 -3.77
N GLU F 76 -2.06 -31.17 -2.97
CA GLU F 76 -3.10 -30.18 -2.90
C GLU F 76 -2.59 -28.87 -2.29
N ARG F 77 -1.76 -28.99 -1.25
CA ARG F 77 -1.25 -27.85 -0.50
C ARG F 77 -0.28 -27.03 -1.36
N LYS F 78 0.49 -27.69 -2.23
CA LYS F 78 1.35 -26.98 -3.15
C LYS F 78 0.57 -26.05 -4.09
N MET F 79 -0.59 -26.52 -4.57
CA MET F 79 -1.42 -25.75 -5.45
C MET F 79 -2.10 -24.57 -4.75
N LEU F 80 -2.44 -24.74 -3.47
CA LEU F 80 -3.07 -23.67 -2.73
C LEU F 80 -2.10 -22.57 -2.30
N ASP F 81 -0.88 -22.97 -1.95
CA ASP F 81 0.06 -22.10 -1.25
C ASP F 81 1.01 -21.34 -2.18
N ALA F 82 1.19 -21.83 -3.41
CA ALA F 82 2.01 -21.16 -4.38
C ALA F 82 1.39 -19.82 -4.81
N SER F 83 2.22 -18.92 -5.33
CA SER F 83 1.78 -17.63 -5.79
C SER F 83 0.93 -17.77 -7.06
N HIS F 84 1.49 -18.43 -8.07
CA HIS F 84 0.86 -18.64 -9.35
C HIS F 84 0.91 -20.13 -9.67
N VAL F 85 -0.17 -20.66 -10.25
CA VAL F 85 -0.23 -22.06 -10.62
C VAL F 85 -0.58 -22.16 -12.10
N VAL F 86 0.30 -22.79 -12.87
CA VAL F 86 0.12 -22.93 -14.29
C VAL F 86 -0.38 -24.33 -14.64
N VAL F 87 -1.50 -24.40 -15.36
CA VAL F 87 -1.98 -25.65 -15.92
C VAL F 87 -1.56 -25.71 -17.38
N PHE F 88 -0.71 -26.68 -17.71
CA PHE F 88 -0.34 -26.96 -19.08
C PHE F 88 -1.38 -27.90 -19.69
N CYS F 89 -2.01 -27.41 -20.77
CA CYS F 89 -3.02 -28.16 -21.51
C CYS F 89 -2.56 -28.38 -22.96
N ALA F 90 -2.84 -29.58 -23.48
CA ALA F 90 -2.67 -29.87 -24.89
C ALA F 90 -4.01 -29.82 -25.60
N LYS F 91 -4.00 -29.44 -26.89
CA LYS F 91 -5.13 -29.69 -27.76
C LYS F 91 -5.41 -31.20 -27.83
N THR F 92 -6.69 -31.55 -27.98
CA THR F 92 -7.13 -32.93 -28.11
C THR F 92 -7.17 -33.39 -29.57
N ALA F 93 -7.24 -32.43 -30.50
CA ALA F 93 -7.17 -32.70 -31.93
C ALA F 93 -6.62 -31.47 -32.66
N MET F 94 -5.85 -31.74 -33.73
CA MET F 94 -5.24 -30.70 -34.52
C MET F 94 -6.15 -30.41 -35.72
N ASP F 95 -6.75 -29.22 -35.71
CA ASP F 95 -7.70 -28.80 -36.73
C ASP F 95 -7.07 -27.82 -37.70
N ASP F 96 -7.69 -27.70 -38.88
CA ASP F 96 -7.24 -26.78 -39.92
C ASP F 96 -7.37 -25.30 -39.52
N VAL F 97 -8.37 -24.98 -38.69
CA VAL F 97 -8.52 -23.62 -38.20
C VAL F 97 -7.24 -23.18 -37.48
N TRP F 98 -6.70 -24.05 -36.65
CA TRP F 98 -5.51 -23.78 -35.87
C TRP F 98 -4.26 -23.62 -36.73
N LEU F 99 -4.14 -24.47 -37.74
CA LEU F 99 -3.01 -24.42 -38.65
C LEU F 99 -2.95 -23.11 -39.44
N LYS F 100 -4.14 -22.58 -39.74
CA LYS F 100 -4.30 -21.33 -40.49
C LYS F 100 -3.94 -20.16 -39.58
N LEU F 101 -4.31 -20.28 -38.32
CA LEU F 101 -4.04 -19.27 -37.32
C LEU F 101 -2.53 -19.06 -37.15
N VAL F 102 -1.81 -20.20 -37.11
CA VAL F 102 -0.37 -20.24 -36.89
C VAL F 102 0.39 -19.64 -38.07
N VAL F 103 0.06 -20.08 -39.28
CA VAL F 103 0.77 -19.60 -40.46
C VAL F 103 0.42 -18.14 -40.75
N ASP F 104 -0.82 -17.71 -40.45
CA ASP F 104 -1.20 -16.32 -40.60
C ASP F 104 -0.42 -15.43 -39.62
N GLN F 105 -0.21 -15.95 -38.40
CA GLN F 105 0.62 -15.26 -37.43
C GLN F 105 2.10 -15.17 -37.87
N GLU F 106 2.65 -16.28 -38.39
CA GLU F 106 4.00 -16.28 -38.93
C GLU F 106 4.12 -15.22 -40.02
N ASP F 107 3.05 -15.03 -40.81
CA ASP F 107 3.01 -14.02 -41.87
C ASP F 107 3.00 -12.60 -41.33
N ALA F 108 2.10 -12.34 -40.36
CA ALA F 108 1.99 -11.07 -39.67
C ALA F 108 3.30 -10.66 -38.99
N ASP F 109 4.04 -11.64 -38.47
CA ASP F 109 5.32 -11.42 -37.80
C ASP F 109 6.49 -11.23 -38.77
N GLY F 110 6.24 -11.44 -40.06
CA GLY F 110 7.18 -11.07 -41.13
C GLY F 110 8.11 -12.19 -41.62
N ARG F 111 7.71 -13.46 -41.48
CA ARG F 111 8.59 -14.59 -41.73
C ARG F 111 8.59 -15.09 -43.17
N PHE F 112 7.76 -14.49 -44.03
CA PHE F 112 7.66 -14.89 -45.42
C PHE F 112 7.98 -13.73 -46.35
N ALA F 113 8.94 -13.92 -47.26
CA ALA F 113 9.26 -12.90 -48.25
C ALA F 113 8.18 -12.83 -49.33
N THR F 114 7.51 -13.96 -49.60
CA THR F 114 6.57 -14.09 -50.71
C THR F 114 5.27 -14.77 -50.29
N PRO F 115 4.16 -14.66 -51.09
CA PRO F 115 3.03 -15.58 -50.93
C PRO F 115 3.37 -17.06 -51.12
N GLU F 116 4.29 -17.34 -52.06
CA GLU F 116 4.73 -18.71 -52.36
C GLU F 116 5.31 -19.38 -51.13
N ALA F 117 6.17 -18.65 -50.42
CA ALA F 117 6.86 -19.14 -49.23
C ALA F 117 5.89 -19.50 -48.10
N LYS F 118 4.83 -18.70 -47.98
CA LYS F 118 3.75 -18.95 -47.04
C LYS F 118 2.93 -20.20 -47.39
N ALA F 119 2.58 -20.34 -48.68
CA ALA F 119 1.88 -21.53 -49.17
C ALA F 119 2.67 -22.79 -48.84
N ALA F 120 4.00 -22.73 -49.07
CA ALA F 120 4.92 -23.85 -48.88
C ALA F 120 5.06 -24.24 -47.41
N ASN F 121 5.12 -23.22 -46.53
CA ASN F 121 5.09 -23.43 -45.09
C ASN F 121 3.83 -24.16 -44.63
N ASP F 122 2.66 -23.76 -45.17
CA ASP F 122 1.39 -24.36 -44.82
C ASP F 122 1.28 -25.80 -45.33
N LYS F 123 1.76 -26.05 -46.54
CA LYS F 123 1.69 -27.38 -47.09
C LYS F 123 2.60 -28.24 -46.31
N GLY F 124 3.77 -27.71 -45.99
CA GLY F 124 4.72 -28.43 -45.16
C GLY F 124 4.13 -28.84 -43.82
N ARG F 125 3.49 -27.89 -43.15
CA ARG F 125 2.90 -28.14 -41.84
C ARG F 125 1.69 -29.08 -41.88
N LYS F 126 0.77 -28.89 -42.85
CA LYS F 126 -0.37 -29.76 -43.03
C LYS F 126 0.08 -31.19 -43.35
N PHE F 127 1.10 -31.32 -44.20
CA PHE F 127 1.61 -32.62 -44.57
C PHE F 127 2.09 -33.34 -43.31
N PPN F 128 2.85 -32.63 -42.50
N PPN F 128 2.86 -32.62 -42.49
CA PPN F 128 3.47 -33.23 -41.33
CA PPN F 128 3.49 -33.22 -41.32
C PPN F 128 2.41 -33.53 -40.27
C PPN F 128 2.41 -33.53 -40.27
O PPN F 128 2.44 -34.59 -39.65
O PPN F 128 2.45 -34.59 -39.64
CB PPN F 128 4.66 -32.37 -40.85
CB PPN F 128 4.65 -32.37 -40.77
CG PPN F 128 5.45 -33.18 -39.87
CG PPN F 128 5.91 -32.32 -41.61
CD1 PPN F 128 5.29 -32.96 -38.52
CD1 PPN F 128 6.32 -33.43 -42.33
CD2 PPN F 128 6.20 -34.26 -40.30
CD2 PPN F 128 6.72 -31.18 -41.65
CE1 PPN F 128 5.93 -33.74 -37.58
CE1 PPN F 128 7.46 -33.43 -43.12
CE2 PPN F 128 6.84 -35.09 -39.40
CE2 PPN F 128 7.87 -31.14 -42.42
CZ PPN F 128 6.73 -34.78 -38.04
CZ PPN F 128 8.22 -32.27 -43.14
N1 PPN F 128 7.40 -35.62 -37.06
N1 PPN F 128 9.42 -32.26 -43.97
O1 PPN F 128 8.29 -36.37 -37.45
O1 PPN F 128 9.56 -31.33 -44.78
O2 PPN F 128 7.07 -35.50 -35.89
O2 PPN F 128 10.19 -33.19 -43.86
N ALA F 129 1.46 -32.62 -40.07
CA ALA F 129 0.33 -32.85 -39.17
C ALA F 129 -0.56 -34.01 -39.59
N ASP F 130 -0.88 -34.07 -40.90
CA ASP F 130 -1.69 -35.13 -41.49
C ASP F 130 -1.08 -36.50 -41.27
N MET F 131 0.26 -36.56 -41.31
CA MET F 131 0.95 -37.80 -41.03
C MET F 131 0.55 -38.33 -39.64
N HIS F 132 0.34 -37.41 -38.67
CA HIS F 132 0.00 -37.81 -37.32
C HIS F 132 -1.50 -38.10 -37.15
N ARG F 133 -2.40 -37.30 -37.74
CA ARG F 133 -3.84 -37.54 -37.57
C ARG F 133 -4.35 -38.63 -38.51
N LYS F 134 -3.92 -38.64 -39.78
CA LYS F 134 -4.40 -39.61 -40.75
C LYS F 134 -3.74 -40.99 -40.67
N ASP F 135 -2.41 -41.06 -40.81
CA ASP F 135 -1.70 -42.33 -40.92
C ASP F 135 -1.43 -43.03 -39.59
N LEU F 136 -0.78 -42.30 -38.66
CA LEU F 136 -0.35 -42.87 -37.40
C LEU F 136 -1.45 -42.85 -36.34
N HIS F 137 -2.42 -41.95 -36.50
CA HIS F 137 -3.49 -41.71 -35.53
C HIS F 137 -2.92 -41.50 -34.13
N ASP F 138 -1.91 -40.62 -34.00
CA ASP F 138 -1.27 -40.39 -32.72
C ASP F 138 -1.15 -38.90 -32.41
N ASP F 139 -1.98 -38.05 -33.04
CA ASP F 139 -1.77 -36.61 -32.95
C ASP F 139 -1.98 -36.06 -31.53
N ALA F 140 -2.81 -36.74 -30.73
CA ALA F 140 -2.97 -36.37 -29.33
C ALA F 140 -1.66 -36.56 -28.57
N GLU F 141 -1.03 -37.73 -28.76
CA GLU F 141 0.24 -38.01 -28.11
C GLU F 141 1.31 -37.04 -28.61
N TRP F 142 1.32 -36.78 -29.92
CA TRP F 142 2.28 -35.87 -30.53
C TRP F 142 2.20 -34.47 -29.94
N MET F 143 0.98 -33.98 -29.79
CA MET F 143 0.75 -32.62 -29.31
C MET F 143 1.10 -32.52 -27.83
N ALA F 144 0.78 -33.57 -27.08
CA ALA F 144 1.13 -33.67 -25.67
C ALA F 144 2.64 -33.63 -25.43
N LYS F 145 3.41 -34.23 -26.34
CA LYS F 145 4.86 -34.21 -26.25
C LYS F 145 5.38 -32.79 -26.36
N GLN F 146 4.76 -32.01 -27.27
CA GLN F 146 5.17 -30.63 -27.47
C GLN F 146 4.92 -29.85 -26.17
N VAL F 147 3.86 -30.21 -25.45
CA VAL F 147 3.51 -29.53 -24.23
C VAL F 147 4.51 -29.84 -23.12
N TYR F 148 4.92 -31.11 -23.02
CA TYR F 148 5.95 -31.52 -22.08
C TYR F 148 7.28 -30.82 -22.35
N LEU F 149 7.57 -30.61 -23.63
CA LEU F 149 8.74 -29.82 -24.01
C LEU F 149 8.61 -28.40 -23.47
N ASN F 150 7.41 -27.81 -23.56
CA ASN F 150 7.17 -26.50 -22.99
C ASN F 150 7.43 -26.48 -21.47
N VAL F 151 6.95 -27.52 -20.77
CA VAL F 151 7.18 -27.67 -19.34
C VAL F 151 8.67 -27.66 -18.99
N GLY F 152 9.46 -28.44 -19.75
CA GLY F 152 10.87 -28.58 -19.48
C GLY F 152 11.57 -27.23 -19.59
N ASN F 153 11.23 -26.51 -20.67
CA ASN F 153 11.70 -25.15 -20.89
C ASN F 153 11.30 -24.25 -19.72
N PHE F 154 10.04 -24.38 -19.28
CA PHE F 154 9.50 -23.55 -18.22
C PHE F 154 10.21 -23.75 -16.88
N LEU F 155 10.46 -25.01 -16.52
CA LEU F 155 11.05 -25.31 -15.22
C LEU F 155 12.46 -24.75 -15.04
N LEU F 156 13.27 -24.83 -16.10
CA LEU F 156 14.57 -24.23 -16.09
C LEU F 156 14.47 -22.70 -16.15
N GLY F 157 13.49 -22.21 -16.93
CA GLY F 157 13.28 -20.78 -17.02
C GLY F 157 12.97 -20.16 -15.66
N VAL F 158 11.99 -20.73 -14.94
CA VAL F 158 11.59 -20.09 -13.70
C VAL F 158 12.69 -20.21 -12.67
N ALA F 159 13.44 -21.33 -12.69
CA ALA F 159 14.59 -21.49 -11.83
C ALA F 159 15.61 -20.39 -12.10
N ALA F 160 15.87 -20.12 -13.37
CA ALA F 160 16.81 -19.08 -13.75
C ALA F 160 16.33 -17.68 -13.38
N LEU F 161 15.02 -17.46 -13.25
CA LEU F 161 14.49 -16.21 -12.72
C LEU F 161 14.58 -16.06 -11.20
N GLY F 162 14.99 -17.12 -10.50
CA GLY F 162 15.05 -17.12 -9.05
C GLY F 162 13.77 -17.59 -8.34
N LEU F 163 12.91 -18.33 -9.06
CA LEU F 163 11.63 -18.74 -8.51
C LEU F 163 11.65 -20.25 -8.26
N ASP F 164 10.88 -20.67 -7.26
CA ASP F 164 10.71 -22.07 -6.94
C ASP F 164 9.49 -22.59 -7.67
N ALA F 165 9.52 -23.88 -7.96
CA ALA F 165 8.43 -24.52 -8.67
C ALA F 165 8.45 -26.03 -8.45
N VAL F 166 7.33 -26.68 -8.82
CA VAL F 166 7.28 -28.12 -8.86
C VAL F 166 6.35 -28.57 -9.99
N PRO F 167 6.83 -29.49 -10.86
CA PRO F 167 5.94 -30.12 -11.84
C PRO F 167 5.06 -31.15 -11.15
N ILE F 168 3.78 -31.17 -11.52
CA ILE F 168 2.84 -32.11 -10.94
C ILE F 168 2.07 -32.88 -11.99
N GLU F 169 2.23 -34.21 -11.99
CA GLU F 169 1.36 -35.12 -12.71
C GLU F 169 0.33 -35.78 -11.79
N GLY F 170 0.58 -35.72 -10.48
CA GLY F 170 -0.32 -36.31 -9.48
C GLY F 170 -1.54 -35.43 -9.27
N PHE F 171 -2.45 -35.47 -10.25
CA PHE F 171 -3.74 -34.81 -10.14
C PHE F 171 -4.71 -35.56 -11.05
N ASP F 172 -6.00 -35.33 -10.87
CA ASP F 172 -7.04 -35.95 -11.68
C ASP F 172 -7.39 -35.02 -12.85
N ALA F 173 -6.95 -35.40 -14.04
CA ALA F 173 -7.15 -34.58 -15.23
C ALA F 173 -8.63 -34.44 -15.61
N ALA F 174 -9.41 -35.49 -15.35
CA ALA F 174 -10.84 -35.48 -15.63
C ALA F 174 -11.57 -34.42 -14.80
N ILE F 175 -11.20 -34.32 -13.52
CA ILE F 175 -11.75 -33.30 -12.64
C ILE F 175 -11.33 -31.91 -13.09
N LEU F 176 -10.04 -31.73 -13.42
CA LEU F 176 -9.55 -30.43 -13.82
C LEU F 176 -10.19 -29.97 -15.13
N ASP F 177 -10.30 -30.91 -16.08
CA ASP F 177 -10.92 -30.62 -17.37
C ASP F 177 -12.38 -30.23 -17.19
N ALA F 178 -13.08 -30.97 -16.33
CA ALA F 178 -14.48 -30.69 -16.05
C ALA F 178 -14.63 -29.30 -15.42
N GLU F 179 -13.75 -28.96 -14.48
CA GLU F 179 -13.82 -27.69 -13.77
C GLU F 179 -13.65 -26.46 -14.66
N PHE F 180 -12.84 -26.56 -15.71
CA PHE F 180 -12.65 -25.45 -16.63
C PHE F 180 -13.26 -25.66 -18.01
N GLY F 181 -14.14 -26.67 -18.12
CA GLY F 181 -14.82 -26.98 -19.38
C GLY F 181 -13.87 -27.14 -20.57
N LEU F 182 -12.74 -27.84 -20.33
CA LEU F 182 -11.67 -27.96 -21.30
C LEU F 182 -12.01 -28.88 -22.46
N LYS F 183 -12.66 -30.02 -22.17
CA LYS F 183 -12.99 -30.99 -23.22
C LYS F 183 -13.81 -30.33 -24.34
N GLU F 184 -14.81 -29.54 -23.94
CA GLU F 184 -15.69 -28.82 -24.85
C GLU F 184 -14.94 -27.78 -25.71
N LYS F 185 -13.88 -27.17 -25.17
CA LYS F 185 -13.08 -26.20 -25.90
C LYS F 185 -11.91 -26.78 -26.69
N GLY F 186 -11.70 -28.10 -26.58
CA GLY F 186 -10.71 -28.81 -27.36
C GLY F 186 -9.34 -28.98 -26.70
N TYR F 187 -9.31 -29.02 -25.36
CA TYR F 187 -8.09 -29.22 -24.60
C TYR F 187 -8.22 -30.25 -23.49
N THR F 188 -7.06 -30.70 -23.00
CA THR F 188 -6.94 -31.59 -21.86
C THR F 188 -5.70 -31.19 -21.06
N SER F 189 -5.86 -31.15 -19.74
CA SER F 189 -4.79 -30.82 -18.81
C SER F 189 -3.82 -32.01 -18.70
N LEU F 190 -2.52 -31.67 -18.57
CA LEU F 190 -1.45 -32.65 -18.48
C LEU F 190 -0.53 -32.46 -17.28
N VAL F 191 -0.12 -31.22 -17.03
CA VAL F 191 0.83 -30.92 -15.98
C VAL F 191 0.41 -29.63 -15.30
N VAL F 192 0.50 -29.64 -13.97
CA VAL F 192 0.26 -28.46 -13.17
C VAL F 192 1.59 -28.04 -12.56
N VAL F 193 1.93 -26.76 -12.69
CA VAL F 193 3.16 -26.22 -12.15
C VAL F 193 2.91 -25.01 -11.27
N PRO F 194 2.85 -25.21 -9.94
CA PRO F 194 2.92 -24.11 -8.97
C PRO F 194 4.27 -23.43 -8.98
N VAL F 195 4.23 -22.10 -8.91
CA VAL F 195 5.41 -21.25 -8.95
C VAL F 195 5.33 -20.27 -7.78
N GLY F 196 6.44 -20.10 -7.07
CA GLY F 196 6.52 -19.11 -6.02
C GLY F 196 7.85 -19.16 -5.28
N HIS F 197 7.76 -19.19 -3.95
CA HIS F 197 8.93 -19.28 -3.08
C HIS F 197 8.65 -20.37 -2.06
N HIS F 198 9.65 -21.23 -1.83
CA HIS F 198 9.55 -22.35 -0.91
C HIS F 198 9.43 -21.80 0.51
N SER F 199 8.76 -22.57 1.38
CA SER F 199 8.71 -22.31 2.80
C SER F 199 9.78 -23.14 3.52
N VAL F 200 9.96 -22.92 4.82
CA VAL F 200 10.87 -23.73 5.63
C VAL F 200 10.44 -25.20 5.69
N GLU F 201 9.16 -25.48 5.45
CA GLU F 201 8.64 -26.83 5.40
C GLU F 201 8.96 -27.60 4.12
N ASP F 202 9.73 -27.01 3.19
CA ASP F 202 10.17 -27.69 1.99
C ASP F 202 11.41 -28.53 2.29
N PHE F 203 11.20 -29.77 2.71
CA PHE F 203 12.28 -30.67 3.07
C PHE F 203 13.23 -30.96 1.90
N ASN F 204 12.72 -30.87 0.66
CA ASN F 204 13.51 -31.15 -0.52
C ASN F 204 14.52 -30.07 -0.89
N ALA F 205 14.42 -28.89 -0.23
CA ALA F 205 15.32 -27.78 -0.50
C ALA F 205 16.75 -28.08 -0.08
N THR F 206 16.92 -28.92 0.94
CA THR F 206 18.23 -29.19 1.52
C THR F 206 18.71 -30.62 1.26
N LEU F 207 17.90 -31.41 0.55
CA LEU F 207 18.28 -32.76 0.17
C LEU F 207 19.16 -32.72 -1.08
N PRO F 208 20.20 -33.59 -1.15
CA PRO F 208 21.05 -33.64 -2.33
C PRO F 208 20.29 -34.18 -3.55
N LYS F 209 20.67 -33.67 -4.71
CA LYS F 209 20.06 -34.05 -5.98
C LYS F 209 20.57 -35.44 -6.36
N SER F 210 19.75 -36.25 -7.01
CA SER F 210 20.16 -37.59 -7.41
C SER F 210 19.81 -37.87 -8.86
N ARG F 211 20.80 -38.35 -9.60
CA ARG F 211 20.61 -38.79 -10.98
C ARG F 211 21.46 -40.05 -11.18
N LEU F 212 20.95 -40.93 -12.04
CA LEU F 212 21.74 -42.05 -12.52
C LEU F 212 23.04 -41.54 -13.16
N PRO F 213 24.15 -42.31 -13.05
CA PRO F 213 25.41 -41.91 -13.66
C PRO F 213 25.38 -41.99 -15.19
N GLN F 214 26.21 -41.17 -15.83
CA GLN F 214 26.29 -41.12 -17.29
C GLN F 214 26.78 -42.43 -17.90
N ASN F 215 27.55 -43.24 -17.14
CA ASN F 215 28.01 -44.51 -17.65
C ASN F 215 26.86 -45.49 -17.88
N ILE F 216 25.65 -45.19 -17.38
CA ILE F 216 24.46 -45.97 -17.70
C ILE F 216 23.61 -45.33 -18.79
N THR F 217 23.31 -44.02 -18.63
CA THR F 217 22.38 -43.31 -19.50
C THR F 217 22.94 -42.70 -20.79
N LEU F 218 24.27 -42.69 -20.93
CA LEU F 218 24.87 -41.90 -22.00
C LEU F 218 25.99 -42.59 -22.76
N THR F 219 25.86 -42.61 -24.09
CA THR F 219 26.83 -43.19 -24.99
C THR F 219 27.45 -42.12 -25.89
N GLU F 220 28.77 -42.14 -26.03
CA GLU F 220 29.45 -41.24 -26.97
C GLU F 220 29.96 -42.00 -28.19
N VAL F 221 29.71 -41.46 -29.38
CA VAL F 221 30.13 -42.05 -30.64
C VAL F 221 30.78 -41.01 -31.67
N ASP G 6 -35.02 -27.47 10.66
CA ASP G 6 -34.47 -26.28 10.10
C ASP G 6 -34.31 -25.18 11.17
N ILE G 7 -33.06 -24.69 11.28
CA ILE G 7 -32.68 -23.79 12.34
C ILE G 7 -33.23 -22.37 12.15
N ILE G 8 -33.57 -22.01 10.90
CA ILE G 8 -34.11 -20.70 10.64
C ILE G 8 -35.53 -20.59 11.18
N SER G 9 -36.30 -21.68 11.02
CA SER G 9 -37.60 -21.79 11.65
C SER G 9 -37.51 -21.60 13.16
N VAL G 10 -36.55 -22.30 13.78
CA VAL G 10 -36.37 -22.21 15.22
C VAL G 10 -36.10 -20.77 15.63
N ALA G 11 -35.22 -20.10 14.86
CA ALA G 11 -34.83 -18.74 15.15
C ALA G 11 -35.98 -17.75 15.03
N LEU G 12 -36.85 -17.98 14.04
CA LEU G 12 -37.99 -17.11 13.78
C LEU G 12 -39.17 -17.33 14.73
N LYS G 13 -39.23 -18.52 15.35
CA LYS G 13 -40.36 -18.89 16.18
C LYS G 13 -40.11 -18.82 17.68
N ARG G 14 -38.84 -18.84 18.10
CA ARG G 14 -38.53 -18.74 19.51
C ARG G 14 -38.93 -17.36 19.99
N HIS G 15 -39.10 -17.20 21.29
CA HIS G 15 -39.51 -15.92 21.86
C HIS G 15 -39.13 -15.91 23.33
N SER G 16 -38.91 -14.70 23.87
CA SER G 16 -38.72 -14.58 25.30
C SER G 16 -40.03 -14.87 26.02
N THR G 17 -40.08 -15.99 26.75
CA THR G 17 -41.23 -16.38 27.55
C THR G 17 -41.42 -15.45 28.76
N LYS G 18 -42.66 -14.95 28.92
CA LYS G 18 -43.02 -14.09 30.03
C LYS G 18 -43.66 -14.80 31.23
N ALA G 19 -44.12 -16.03 31.02
CA ALA G 19 -44.73 -16.81 32.09
C ALA G 19 -44.54 -18.29 31.82
N PHE G 20 -44.12 -19.00 32.88
CA PHE G 20 -43.87 -20.43 32.82
C PHE G 20 -44.94 -21.24 33.53
N ASP G 21 -45.14 -22.48 33.04
CA ASP G 21 -46.00 -23.45 33.67
C ASP G 21 -45.20 -24.26 34.70
N ALA G 22 -45.45 -23.99 35.99
CA ALA G 22 -44.69 -24.64 37.05
C ALA G 22 -44.90 -26.15 37.12
N SER G 23 -45.91 -26.70 36.42
CA SER G 23 -46.15 -28.14 36.48
C SER G 23 -45.37 -28.91 35.42
N LYS G 24 -44.72 -28.19 34.50
CA LYS G 24 -44.01 -28.81 33.40
C LYS G 24 -42.49 -28.76 33.56
N LYS G 25 -41.91 -29.92 33.84
CA LYS G 25 -40.49 -30.10 34.02
C LYS G 25 -39.83 -30.50 32.70
N LEU G 26 -38.55 -30.13 32.56
CA LEU G 26 -37.67 -30.78 31.62
C LEU G 26 -37.64 -32.27 31.94
N THR G 27 -37.59 -33.08 30.88
CA THR G 27 -37.31 -34.50 30.99
C THR G 27 -35.87 -34.66 31.51
N PRO G 28 -35.54 -35.78 32.17
CA PRO G 28 -34.16 -35.99 32.63
C PRO G 28 -33.10 -35.84 31.54
N GLU G 29 -33.45 -36.28 30.31
CA GLU G 29 -32.61 -36.15 29.14
C GLU G 29 -32.37 -34.69 28.74
N GLN G 30 -33.43 -33.88 28.65
CA GLN G 30 -33.30 -32.46 28.39
C GLN G 30 -32.46 -31.75 29.46
N ALA G 31 -32.55 -32.19 30.71
CA ALA G 31 -31.77 -31.58 31.76
C ALA G 31 -30.27 -31.84 31.56
N GLU G 32 -29.93 -33.02 31.02
CA GLU G 32 -28.54 -33.29 30.65
C GLU G 32 -28.13 -32.47 29.44
N GLN G 33 -29.03 -32.35 28.45
CA GLN G 33 -28.71 -31.68 27.21
C GLN G 33 -28.41 -30.20 27.39
N ILE G 34 -29.18 -29.52 28.24
CA ILE G 34 -28.92 -28.12 28.47
C ILE G 34 -27.54 -27.89 29.08
N LYS G 35 -27.07 -28.85 29.90
CA LYS G 35 -25.76 -28.78 30.49
C LYS G 35 -24.65 -28.98 29.44
N THR G 36 -24.90 -29.88 28.50
CA THR G 36 -24.02 -30.05 27.35
C THR G 36 -23.87 -28.77 26.54
N LEU G 37 -24.98 -28.07 26.29
CA LEU G 37 -24.94 -26.78 25.59
C LEU G 37 -24.05 -25.76 26.29
N LEU G 38 -24.17 -25.66 27.62
CA LEU G 38 -23.41 -24.69 28.39
C LEU G 38 -21.91 -25.01 28.28
N GLN G 39 -21.60 -26.30 28.41
CA GLN G 39 -20.23 -26.78 28.42
C GLN G 39 -19.50 -26.57 27.09
N TYR G 40 -20.20 -26.84 25.98
CA TYR G 40 -19.57 -26.95 24.67
C TYR G 40 -19.59 -25.67 23.82
N SER G 41 -20.04 -24.56 24.40
CA SER G 41 -19.96 -23.27 23.74
C SER G 41 -18.51 -22.94 23.42
N PRO G 42 -18.23 -22.28 22.27
CA PRO G 42 -16.90 -21.76 22.00
C PRO G 42 -16.60 -20.56 22.89
N SER G 43 -15.30 -20.22 22.96
CA SER G 43 -14.82 -19.07 23.71
C SER G 43 -13.44 -18.70 23.16
N SER G 44 -13.08 -17.41 23.25
CA SER G 44 -11.77 -16.94 22.82
C SER G 44 -10.70 -17.77 23.52
N THR G 45 -9.81 -18.37 22.73
CA THR G 45 -8.74 -19.26 23.18
C THR G 45 -9.18 -20.51 23.92
N ASN G 46 -10.44 -20.90 23.81
CA ASN G 46 -11.01 -21.96 24.62
C ASN G 46 -10.79 -21.68 26.12
N SER G 47 -10.83 -20.40 26.48
CA SER G 47 -10.60 -19.92 27.84
C SER G 47 -11.71 -20.34 28.81
N GLN G 48 -12.94 -20.52 28.29
CA GLN G 48 -14.06 -21.02 29.08
C GLN G 48 -14.16 -20.31 30.42
N PRO G 49 -14.21 -18.96 30.46
CA PRO G 49 -14.03 -18.20 31.69
C PRO G 49 -15.36 -18.03 32.42
N TRP G 50 -15.98 -19.17 32.75
CA TRP G 50 -17.35 -19.17 33.19
C TRP G 50 -17.66 -20.21 34.26
N HIS G 51 -18.77 -19.94 34.97
CA HIS G 51 -19.41 -20.89 35.87
C HIS G 51 -20.91 -20.82 35.63
N PHE G 52 -21.58 -21.97 35.74
CA PHE G 52 -23.02 -22.03 35.62
C PHE G 52 -23.60 -22.58 36.91
N ILE G 53 -24.64 -21.91 37.40
CA ILE G 53 -25.49 -22.46 38.44
C ILE G 53 -26.79 -22.90 37.77
N VAL G 54 -27.15 -24.17 37.96
CA VAL G 54 -28.39 -24.70 37.45
C VAL G 54 -29.30 -25.06 38.62
N ALA G 55 -30.33 -24.24 38.80
CA ALA G 55 -31.27 -24.38 39.90
C ALA G 55 -32.50 -25.09 39.37
N SER G 56 -32.82 -26.24 39.95
CA SER G 56 -33.96 -27.03 39.49
C SER G 56 -34.94 -27.38 40.61
N THR G 57 -34.48 -27.31 41.87
CA THR G 57 -35.34 -27.49 43.03
C THR G 57 -36.02 -26.19 43.42
N GLU G 58 -37.07 -26.30 44.25
CA GLU G 58 -37.81 -25.15 44.72
C GLU G 58 -36.95 -24.26 45.62
N GLU G 59 -36.10 -24.88 46.44
CA GLU G 59 -35.18 -24.14 47.29
C GLU G 59 -34.13 -23.40 46.46
N GLY G 60 -33.56 -24.08 45.46
CA GLY G 60 -32.55 -23.48 44.60
C GLY G 60 -33.10 -22.28 43.82
N LYS G 61 -34.28 -22.46 43.21
CA LYS G 61 -34.87 -21.43 42.39
C LYS G 61 -35.24 -20.21 43.22
N ALA G 62 -35.68 -20.44 44.46
CA ALA G 62 -36.05 -19.37 45.37
C ALA G 62 -34.84 -18.54 45.80
N ARG G 63 -33.67 -19.18 45.93
CA ARG G 63 -32.43 -18.49 46.23
C ARG G 63 -32.06 -17.53 45.10
N VAL G 64 -32.16 -18.02 43.86
CA VAL G 64 -31.93 -17.19 42.68
C VAL G 64 -32.92 -16.03 42.63
N ALA G 65 -34.21 -16.31 42.85
CA ALA G 65 -35.29 -15.34 42.72
C ALA G 65 -35.22 -14.20 43.73
N LYS G 66 -34.47 -14.38 44.81
CA LYS G 66 -34.19 -13.29 45.73
C LYS G 66 -33.57 -12.09 45.01
N SER G 67 -32.78 -12.36 43.96
CA SER G 67 -32.15 -11.32 43.17
C SER G 67 -33.14 -10.46 42.38
N ALA G 68 -34.38 -10.91 42.26
CA ALA G 68 -35.40 -10.19 41.53
C ALA G 68 -36.42 -9.48 42.41
N ALA G 69 -36.27 -9.55 43.74
CA ALA G 69 -36.95 -8.62 44.64
C ALA G 69 -36.43 -7.20 44.37
N GLY G 70 -37.05 -6.19 44.99
CA GLY G 70 -36.74 -4.80 44.68
C GLY G 70 -37.37 -4.35 43.37
N ASN G 71 -36.57 -3.73 42.48
CA ASN G 71 -37.14 -3.14 41.28
C ASN G 71 -37.38 -4.15 40.16
N TYR G 72 -37.12 -5.44 40.40
CA TYR G 72 -37.15 -6.41 39.31
C TYR G 72 -38.22 -7.47 39.49
N VAL G 73 -39.31 -7.13 40.20
CA VAL G 73 -40.33 -8.09 40.59
C VAL G 73 -40.99 -8.77 39.38
N PHE G 74 -41.16 -8.03 38.28
CA PHE G 74 -41.73 -8.62 37.07
C PHE G 74 -40.98 -9.89 36.62
N ASN G 75 -39.69 -10.00 36.96
CA ASN G 75 -38.90 -11.18 36.63
C ASN G 75 -38.91 -12.30 37.67
N GLU G 76 -39.43 -12.02 38.86
CA GLU G 76 -39.33 -12.97 39.95
C GLU G 76 -40.13 -14.24 39.67
N ARG G 77 -41.33 -14.07 39.10
CA ARG G 77 -42.22 -15.20 38.86
C ARG G 77 -41.68 -16.14 37.79
N LYS G 78 -40.99 -15.58 36.80
CA LYS G 78 -40.31 -16.41 35.80
C LYS G 78 -39.28 -17.36 36.42
N MET G 79 -38.51 -16.85 37.38
CA MET G 79 -37.48 -17.64 38.04
C MET G 79 -38.07 -18.72 38.95
N LEU G 80 -39.22 -18.43 39.57
CA LEU G 80 -39.84 -19.41 40.45
C LEU G 80 -40.55 -20.54 39.70
N ASP G 81 -41.17 -20.19 38.57
CA ASP G 81 -42.11 -21.07 37.90
C ASP G 81 -41.48 -21.96 36.81
N ALA G 82 -40.31 -21.55 36.31
CA ALA G 82 -39.61 -22.34 35.32
C ALA G 82 -39.09 -23.63 35.94
N SER G 83 -38.83 -24.61 35.07
CA SER G 83 -38.33 -25.91 35.49
C SER G 83 -36.89 -25.80 36.00
N HIS G 84 -36.03 -25.24 35.15
CA HIS G 84 -34.61 -25.11 35.41
C HIS G 84 -34.22 -23.65 35.19
N VAL G 85 -33.37 -23.13 36.06
CA VAL G 85 -32.94 -21.74 35.96
C VAL G 85 -31.41 -21.72 35.95
N VAL G 86 -30.86 -21.18 34.86
CA VAL G 86 -29.41 -21.15 34.68
C VAL G 86 -28.87 -19.77 34.97
N VAL G 87 -27.89 -19.68 35.88
CA VAL G 87 -27.17 -18.45 36.13
C VAL G 87 -25.85 -18.51 35.40
N PHE G 88 -25.68 -17.63 34.41
CA PHE G 88 -24.41 -17.49 33.70
C PHE G 88 -23.51 -16.54 34.48
N CYS G 89 -22.34 -17.05 34.89
CA CYS G 89 -21.33 -16.29 35.63
C CYS G 89 -20.03 -16.21 34.85
N ALA G 90 -19.38 -15.04 34.91
CA ALA G 90 -18.04 -14.86 34.37
C ALA G 90 -17.04 -14.85 35.50
N LYS G 91 -15.82 -15.34 35.22
CA LYS G 91 -14.67 -15.06 36.07
C LYS G 91 -14.44 -13.55 36.17
N THR G 92 -13.97 -13.12 37.35
CA THR G 92 -13.65 -11.73 37.62
C THR G 92 -12.18 -11.42 37.33
N ALA G 93 -11.34 -12.47 37.28
CA ALA G 93 -9.94 -12.32 36.90
C ALA G 93 -9.42 -13.60 36.26
N MET G 94 -8.52 -13.41 35.29
CA MET G 94 -7.92 -14.55 34.61
C MET G 94 -6.58 -14.90 35.24
N ASP G 95 -6.54 -16.04 35.94
CA ASP G 95 -5.37 -16.48 36.68
C ASP G 95 -4.66 -17.61 35.94
N ASP G 96 -3.38 -17.80 36.27
CA ASP G 96 -2.55 -18.83 35.67
C ASP G 96 -2.99 -20.25 36.01
N VAL G 97 -3.59 -20.44 37.18
CA VAL G 97 -4.10 -21.74 37.56
C VAL G 97 -5.12 -22.22 36.52
N TRP G 98 -6.01 -21.30 36.12
CA TRP G 98 -7.06 -21.61 35.16
C TRP G 98 -6.52 -21.92 33.78
N LEU G 99 -5.51 -21.14 33.35
CA LEU G 99 -4.90 -21.33 32.04
C LEU G 99 -4.21 -22.70 31.91
N LYS G 100 -3.67 -23.18 33.04
CA LYS G 100 -2.99 -24.47 33.10
C LYS G 100 -4.02 -25.60 33.04
N LEU G 101 -5.16 -25.35 33.69
CA LEU G 101 -6.25 -26.31 33.72
C LEU G 101 -6.78 -26.58 32.32
N VAL G 102 -6.92 -25.49 31.54
CA VAL G 102 -7.46 -25.50 30.20
C VAL G 102 -6.53 -26.24 29.23
N VAL G 103 -5.26 -25.90 29.24
CA VAL G 103 -4.30 -26.52 28.33
C VAL G 103 -4.05 -27.98 28.71
N ASP G 104 -4.08 -28.30 30.00
CA ASP G 104 -3.95 -29.67 30.45
C ASP G 104 -5.14 -30.50 30.01
N GLN G 105 -6.34 -29.91 30.02
CA GLN G 105 -7.53 -30.56 29.48
C GLN G 105 -7.43 -30.79 27.97
N GLU G 106 -6.96 -29.76 27.22
CA GLU G 106 -6.77 -29.90 25.79
C GLU G 106 -5.81 -31.07 25.52
N ASP G 107 -4.81 -31.23 26.39
CA ASP G 107 -3.83 -32.31 26.27
C ASP G 107 -4.43 -33.70 26.54
N ALA G 108 -5.19 -33.80 27.64
CA ALA G 108 -5.92 -35.00 28.01
C ALA G 108 -6.90 -35.44 26.94
N ASP G 109 -7.51 -34.48 26.24
CA ASP G 109 -8.46 -34.74 25.17
C ASP G 109 -7.81 -35.12 23.84
N GLY G 110 -6.47 -34.98 23.76
CA GLY G 110 -5.69 -35.46 22.63
C GLY G 110 -5.43 -34.45 21.50
N ARG G 111 -5.40 -33.15 21.83
CA ARG G 111 -5.26 -32.10 20.83
C ARG G 111 -3.82 -31.74 20.45
N PHE G 112 -2.83 -32.37 21.11
CA PHE G 112 -1.43 -32.06 20.87
C PHE G 112 -0.65 -33.30 20.43
N ALA G 113 0.01 -33.21 19.28
CA ALA G 113 0.82 -34.32 18.82
C ALA G 113 2.12 -34.44 19.60
N THR G 114 2.62 -33.31 20.13
CA THR G 114 3.91 -33.22 20.80
C THR G 114 3.82 -32.40 22.10
N PRO G 115 4.81 -32.49 23.02
CA PRO G 115 4.97 -31.49 24.07
C PRO G 115 5.19 -30.05 23.56
N GLU G 116 5.92 -29.91 22.44
CA GLU G 116 6.20 -28.62 21.81
C GLU G 116 4.90 -27.90 21.47
N ALA G 117 3.97 -28.63 20.85
CA ALA G 117 2.68 -28.11 20.41
C ALA G 117 1.84 -27.58 21.57
N LYS G 118 1.91 -28.29 22.69
CA LYS G 118 1.28 -27.89 23.93
C LYS G 118 1.87 -26.61 24.53
N ALA G 119 3.22 -26.54 24.58
CA ALA G 119 3.91 -25.35 25.04
C ALA G 119 3.49 -24.13 24.23
N ALA G 120 3.39 -24.29 22.91
CA ALA G 120 3.04 -23.24 21.96
C ALA G 120 1.61 -22.74 22.13
N ASN G 121 0.69 -23.69 22.37
CA ASN G 121 -0.68 -23.36 22.71
C ASN G 121 -0.80 -22.52 23.99
N ASP G 122 -0.03 -22.90 25.01
CA ASP G 122 -0.02 -22.18 26.29
C ASP G 122 0.58 -20.79 26.16
N LYS G 123 1.71 -20.69 25.43
CA LYS G 123 2.38 -19.41 25.19
C LYS G 123 1.41 -18.51 24.43
N GLY G 124 0.71 -19.09 23.44
CA GLY G 124 -0.29 -18.38 22.65
C GLY G 124 -1.41 -17.83 23.52
N ARG G 125 -1.96 -18.68 24.39
CA ARG G 125 -3.05 -18.31 25.25
C ARG G 125 -2.67 -17.28 26.33
N LYS G 126 -1.52 -17.50 27.00
CA LYS G 126 -1.01 -16.55 27.99
C LYS G 126 -0.74 -15.19 27.36
N PHE G 127 -0.14 -15.20 26.15
CA PHE G 127 0.15 -13.96 25.45
C PHE G 127 -1.13 -13.18 25.25
N PPN G 128 -2.15 -13.90 24.78
N PPN G 128 -2.16 -13.88 24.76
CA PPN G 128 -3.40 -13.25 24.40
CA PPN G 128 -3.45 -13.27 24.41
C PPN G 128 -4.16 -12.78 25.65
C PPN G 128 -4.15 -12.77 25.66
O PPN G 128 -4.70 -11.67 25.68
O PPN G 128 -4.69 -11.66 25.69
CB PPN G 128 -4.21 -14.13 23.44
CB PPN G 128 -4.35 -14.29 23.70
CG PPN G 128 -5.27 -13.28 22.81
CG PPN G 128 -4.37 -14.27 22.20
CD1 PPN G 128 -6.55 -13.36 23.29
CD1 PPN G 128 -5.49 -13.77 21.55
CD2 PPN G 128 -4.94 -12.29 21.90
CD2 PPN G 128 -3.33 -14.79 21.44
CE1 PPN G 128 -7.55 -12.55 22.78
CE1 PPN G 128 -5.58 -13.76 20.16
CE2 PPN G 128 -5.90 -11.45 21.36
CE2 PPN G 128 -3.38 -14.80 20.06
CZ PPN G 128 -7.21 -11.60 21.82
CZ PPN G 128 -4.52 -14.28 19.44
N1 PPN G 128 -8.24 -10.71 21.33
N1 PPN G 128 -4.61 -14.27 18.01
O1 PPN G 128 -7.96 -9.94 20.41
O1 PPN G 128 -5.55 -14.88 17.48
O2 PPN G 128 -9.33 -10.72 21.90
O2 PPN G 128 -3.78 -13.61 17.39
N ALA G 129 -4.16 -13.61 26.70
CA ALA G 129 -4.75 -13.23 27.99
C ALA G 129 -4.06 -12.04 28.65
N ASP G 130 -2.72 -12.07 28.65
CA ASP G 130 -1.88 -11.00 29.21
C ASP G 130 -2.16 -9.66 28.53
N MET G 131 -2.44 -9.69 27.23
CA MET G 131 -2.81 -8.49 26.52
C MET G 131 -4.02 -7.83 27.17
N HIS G 132 -4.97 -8.64 27.68
CA HIS G 132 -6.18 -8.12 28.29
C HIS G 132 -5.97 -7.71 29.75
N ARG G 133 -5.19 -8.45 30.52
CA ARG G 133 -5.04 -8.11 31.93
C ARG G 133 -3.94 -7.08 32.15
N LYS G 134 -2.83 -7.20 31.44
CA LYS G 134 -1.69 -6.31 31.63
C LYS G 134 -1.82 -4.98 30.89
N ASP G 135 -1.99 -5.01 29.55
CA ASP G 135 -1.97 -3.80 28.73
C ASP G 135 -3.29 -3.04 28.73
N LEU G 136 -4.38 -3.70 28.37
CA LEU G 136 -5.66 -3.05 28.17
C LEU G 136 -6.46 -2.91 29.47
N HIS G 137 -6.14 -3.76 30.46
CA HIS G 137 -6.86 -3.84 31.74
C HIS G 137 -8.36 -3.99 31.52
N ASP G 138 -8.77 -4.92 30.65
CA ASP G 138 -10.18 -5.09 30.32
C ASP G 138 -10.61 -6.56 30.38
N ASP G 139 -9.85 -7.39 31.13
CA ASP G 139 -10.07 -8.82 31.08
C ASP G 139 -11.42 -9.24 31.65
N ALA G 140 -11.98 -8.44 32.56
CA ALA G 140 -13.31 -8.70 33.09
C ALA G 140 -14.35 -8.54 31.98
N GLU G 141 -14.26 -7.43 31.22
CA GLU G 141 -15.16 -7.20 30.11
C GLU G 141 -14.99 -8.29 29.05
N TRP G 142 -13.74 -8.65 28.76
CA TRP G 142 -13.43 -9.66 27.77
C TRP G 142 -14.05 -11.01 28.12
N MET G 143 -13.95 -11.39 29.38
CA MET G 143 -14.43 -12.69 29.83
C MET G 143 -15.95 -12.71 29.83
N ALA G 144 -16.54 -11.58 30.23
CA ALA G 144 -17.99 -11.40 30.23
C ALA G 144 -18.59 -11.55 28.83
N LYS G 145 -17.86 -11.06 27.81
CA LYS G 145 -18.30 -11.16 26.44
C LYS G 145 -18.39 -12.63 26.03
N GLN G 146 -17.42 -13.43 26.48
CA GLN G 146 -17.40 -14.85 26.16
C GLN G 146 -18.64 -15.50 26.75
N VAL G 147 -19.06 -15.02 27.91
CA VAL G 147 -20.20 -15.59 28.60
C VAL G 147 -21.51 -15.25 27.86
N TYR G 148 -21.61 -14.00 27.39
CA TYR G 148 -22.75 -13.60 26.57
C TYR G 148 -22.85 -14.41 25.29
N LEU G 149 -21.69 -14.74 24.71
CA LEU G 149 -21.63 -15.60 23.56
C LEU G 149 -22.22 -16.97 23.92
N ASN G 150 -21.87 -17.50 25.11
CA ASN G 150 -22.43 -18.75 25.57
C ASN G 150 -23.96 -18.66 25.68
N VAL G 151 -24.47 -17.56 26.23
CA VAL G 151 -25.91 -17.33 26.33
C VAL G 151 -26.60 -17.41 24.97
N GLY G 152 -26.01 -16.75 23.97
CA GLY G 152 -26.61 -16.69 22.64
C GLY G 152 -26.72 -18.09 22.06
N ASN G 153 -25.64 -18.87 22.20
CA ASN G 153 -25.60 -20.26 21.80
C ASN G 153 -26.70 -21.04 22.53
N PHE G 154 -26.81 -20.79 23.83
CA PHE G 154 -27.77 -21.48 24.68
C PHE G 154 -29.21 -21.24 24.26
N LEU G 155 -29.56 -19.99 24.00
CA LEU G 155 -30.94 -19.62 23.71
C LEU G 155 -31.48 -20.27 22.43
N LEU G 156 -30.62 -20.33 21.40
CA LEU G 156 -30.98 -21.03 20.18
C LEU G 156 -30.99 -22.55 20.42
N GLY G 157 -30.04 -23.02 21.22
CA GLY G 157 -29.98 -24.44 21.54
C GLY G 157 -31.27 -24.91 22.20
N VAL G 158 -31.70 -24.24 23.27
CA VAL G 158 -32.83 -24.74 24.02
C VAL G 158 -34.11 -24.60 23.17
N ALA G 159 -34.19 -23.55 22.35
CA ALA G 159 -35.28 -23.42 21.39
C ALA G 159 -35.32 -24.61 20.45
N ALA G 160 -34.15 -25.01 19.95
CA ALA G 160 -34.06 -26.14 19.04
C ALA G 160 -34.40 -27.46 19.72
N LEU G 161 -34.24 -27.57 21.04
CA LEU G 161 -34.70 -28.73 21.79
C LEU G 161 -36.20 -28.76 22.08
N GLY G 162 -36.92 -27.69 21.71
CA GLY G 162 -38.34 -27.58 21.97
C GLY G 162 -38.71 -26.94 23.32
N LEU G 163 -37.78 -26.19 23.92
CA LEU G 163 -38.00 -25.62 25.23
C LEU G 163 -38.16 -24.10 25.14
N ASP G 164 -38.94 -23.55 26.07
CA ASP G 164 -39.12 -22.13 26.20
C ASP G 164 -38.10 -21.59 27.17
N ALA G 165 -37.73 -20.32 26.96
CA ALA G 165 -36.76 -19.69 27.81
C ALA G 165 -36.89 -18.17 27.72
N VAL G 166 -36.22 -17.49 28.67
CA VAL G 166 -36.08 -16.05 28.59
C VAL G 166 -34.73 -15.64 29.17
N PRO G 167 -33.93 -14.84 28.44
CA PRO G 167 -32.73 -14.22 29.02
C PRO G 167 -33.14 -13.08 29.93
N ILE G 168 -32.48 -12.99 31.09
CA ILE G 168 -32.79 -11.94 32.05
C ILE G 168 -31.52 -11.22 32.52
N GLU G 169 -31.48 -9.91 32.26
CA GLU G 169 -30.52 -9.00 32.88
C GLU G 169 -31.14 -8.23 34.05
N GLY G 170 -32.47 -8.20 34.12
CA GLY G 170 -33.19 -7.51 35.18
C GLY G 170 -33.16 -8.30 36.48
N PHE G 171 -31.99 -8.31 37.12
CA PHE G 171 -31.82 -8.87 38.45
C PHE G 171 -30.67 -8.13 39.11
N ASP G 172 -30.56 -8.28 40.43
CA ASP G 172 -29.49 -7.65 41.19
C ASP G 172 -28.33 -8.63 41.33
N ALA G 173 -27.25 -8.39 40.59
CA ALA G 173 -26.11 -9.27 40.56
C ALA G 173 -25.40 -9.32 41.93
N ALA G 174 -25.41 -8.20 42.66
CA ALA G 174 -24.79 -8.15 43.97
C ALA G 174 -25.48 -9.09 44.95
N ILE G 175 -26.82 -9.13 44.91
CA ILE G 175 -27.60 -10.04 45.73
C ILE G 175 -27.33 -11.49 45.34
N LEU G 176 -27.33 -11.77 44.04
CA LEU G 176 -27.12 -13.13 43.57
C LEU G 176 -25.71 -13.62 43.91
N ASP G 177 -24.72 -12.76 43.72
CA ASP G 177 -23.34 -13.08 44.04
C ASP G 177 -23.18 -13.36 45.53
N ALA G 178 -23.81 -12.52 46.36
CA ALA G 178 -23.76 -12.69 47.80
C ALA G 178 -24.40 -14.03 48.20
N GLU G 179 -25.54 -14.37 47.59
CA GLU G 179 -26.29 -15.57 47.92
C GLU G 179 -25.52 -16.86 47.64
N PHE G 180 -24.69 -16.87 46.59
CA PHE G 180 -23.90 -18.05 46.26
C PHE G 180 -22.39 -17.91 46.51
N GLY G 181 -22.01 -16.86 47.26
CA GLY G 181 -20.62 -16.60 47.60
C GLY G 181 -19.68 -16.58 46.40
N LEU G 182 -20.13 -15.91 45.32
CA LEU G 182 -19.44 -15.93 44.05
C LEU G 182 -18.17 -15.07 44.04
N LYS G 183 -18.22 -13.89 44.66
CA LYS G 183 -17.07 -13.00 44.70
C LYS G 183 -15.82 -13.69 45.25
N GLU G 184 -16.00 -14.42 46.36
CA GLU G 184 -14.94 -15.16 47.02
C GLU G 184 -14.34 -16.27 46.15
N LYS G 185 -15.17 -16.89 45.31
CA LYS G 185 -14.73 -17.95 44.41
C LYS G 185 -14.21 -17.46 43.06
N GLY G 186 -14.30 -16.15 42.79
CA GLY G 186 -13.76 -15.53 41.61
C GLY G 186 -14.73 -15.40 40.44
N TYR G 187 -16.03 -15.28 40.73
CA TYR G 187 -17.06 -15.10 39.71
C TYR G 187 -18.05 -13.99 40.04
N THR G 188 -18.79 -13.60 38.99
CA THR G 188 -19.89 -12.66 39.08
C THR G 188 -20.98 -13.08 38.10
N SER G 189 -22.23 -13.05 38.57
CA SER G 189 -23.39 -13.35 37.75
C SER G 189 -23.68 -12.23 36.75
N LEU G 190 -24.12 -12.65 35.56
CA LEU G 190 -24.42 -11.74 34.45
C LEU G 190 -25.81 -11.89 33.86
N VAL G 191 -26.22 -13.13 33.62
CA VAL G 191 -27.49 -13.40 32.96
C VAL G 191 -28.12 -14.60 33.63
N VAL G 192 -29.43 -14.49 33.85
CA VAL G 192 -30.22 -15.60 34.35
C VAL G 192 -31.15 -16.05 33.25
N VAL G 193 -31.18 -17.36 32.99
CA VAL G 193 -32.03 -17.93 31.96
C VAL G 193 -32.91 -19.05 32.51
N PRO G 194 -34.17 -18.74 32.87
CA PRO G 194 -35.18 -19.77 33.12
C PRO G 194 -35.54 -20.53 31.87
N VAL G 195 -35.69 -21.85 32.02
CA VAL G 195 -35.97 -22.76 30.94
C VAL G 195 -37.14 -23.64 31.36
N GLY G 196 -38.10 -23.84 30.45
CA GLY G 196 -39.22 -24.73 30.69
C GLY G 196 -40.23 -24.71 29.55
N HIS G 197 -41.50 -24.57 29.93
CA HIS G 197 -42.61 -24.47 28.99
C HIS G 197 -43.45 -23.28 29.43
N HIS G 198 -43.89 -22.49 28.44
CA HIS G 198 -44.69 -21.29 28.70
C HIS G 198 -46.06 -21.72 29.20
N SER G 199 -46.68 -20.85 30.00
CA SER G 199 -48.07 -21.01 30.42
C SER G 199 -48.98 -20.20 29.52
N VAL G 200 -50.29 -20.34 29.71
CA VAL G 200 -51.28 -19.53 28.98
C VAL G 200 -51.14 -18.03 29.25
N GLU G 201 -50.55 -17.67 30.40
CA GLU G 201 -50.31 -16.28 30.76
C GLU G 201 -49.12 -15.63 30.08
N ASP G 202 -48.43 -16.36 29.16
CA ASP G 202 -47.33 -15.81 28.40
C ASP G 202 -47.86 -15.04 27.19
N PHE G 203 -48.13 -13.74 27.39
CA PHE G 203 -48.69 -12.88 26.36
C PHE G 203 -47.77 -12.77 25.14
N ASN G 204 -46.46 -12.92 25.34
CA ASN G 204 -45.49 -12.79 24.27
C ASN G 204 -45.45 -13.98 23.30
N ALA G 205 -46.13 -15.08 23.65
CA ALA G 205 -46.16 -16.27 22.80
C ALA G 205 -46.97 -16.02 21.53
N THR G 206 -47.93 -15.09 21.57
CA THR G 206 -48.81 -14.86 20.44
C THR G 206 -48.55 -13.51 19.74
N LEU G 207 -47.60 -12.74 20.26
CA LEU G 207 -47.24 -11.46 19.68
C LEU G 207 -46.28 -11.69 18.52
N PRO G 208 -46.38 -10.92 17.42
CA PRO G 208 -45.41 -11.00 16.34
C PRO G 208 -44.03 -10.52 16.79
N LYS G 209 -42.99 -11.16 16.23
CA LYS G 209 -41.60 -10.82 16.54
C LYS G 209 -41.26 -9.51 15.84
N SER G 210 -40.39 -8.68 16.44
CA SER G 210 -40.04 -7.43 15.81
C SER G 210 -38.53 -7.19 15.71
N ARG G 211 -38.06 -6.89 14.51
CA ARG G 211 -36.68 -6.53 14.28
C ARG G 211 -36.61 -5.37 13.30
N LEU G 212 -35.65 -4.49 13.53
CA LEU G 212 -35.25 -3.48 12.55
C LEU G 212 -34.95 -4.13 11.20
N PRO G 213 -35.26 -3.44 10.09
CA PRO G 213 -34.98 -3.99 8.76
C PRO G 213 -33.49 -4.04 8.43
N GLN G 214 -33.10 -4.99 7.57
CA GLN G 214 -31.71 -5.15 7.17
C GLN G 214 -31.15 -3.92 6.43
N ASN G 215 -32.02 -3.14 5.78
CA ASN G 215 -31.55 -1.95 5.09
C ASN G 215 -31.02 -0.89 6.07
N ILE G 216 -31.25 -1.05 7.38
CA ILE G 216 -30.62 -0.20 8.39
C ILE G 216 -29.39 -0.85 9.04
N THR G 217 -29.54 -2.11 9.47
CA THR G 217 -28.53 -2.80 10.25
C THR G 217 -27.44 -3.55 9.46
N LEU G 218 -27.60 -3.68 8.15
CA LEU G 218 -26.75 -4.57 7.39
C LEU G 218 -26.25 -3.99 6.07
N THR G 219 -24.92 -4.06 5.87
CA THR G 219 -24.26 -3.62 4.65
C THR G 219 -23.59 -4.79 3.95
N GLU G 220 -23.75 -4.85 2.62
CA GLU G 220 -23.12 -5.89 1.81
C GLU G 220 -22.01 -5.28 0.96
N VAL G 221 -20.84 -5.96 0.91
CA VAL G 221 -19.67 -5.45 0.20
C VAL G 221 -18.92 -6.53 -0.71
N ASP H 6 20.23 -12.59 -18.54
CA ASP H 6 18.80 -12.74 -18.33
C ASP H 6 18.18 -13.85 -19.18
N ILE H 7 17.39 -14.73 -18.57
CA ILE H 7 16.90 -15.91 -19.25
C ILE H 7 15.77 -15.61 -20.25
N ILE H 8 15.09 -14.47 -20.07
CA ILE H 8 14.03 -14.10 -20.99
C ILE H 8 14.63 -13.65 -22.33
N SER H 9 15.75 -12.94 -22.26
CA SER H 9 16.54 -12.62 -23.45
C SER H 9 16.94 -13.88 -24.20
N VAL H 10 17.45 -14.88 -23.46
CA VAL H 10 17.86 -16.12 -24.08
C VAL H 10 16.68 -16.75 -24.80
N ALA H 11 15.52 -16.77 -24.15
CA ALA H 11 14.31 -17.37 -24.70
C ALA H 11 13.82 -16.67 -25.96
N LEU H 12 13.94 -15.33 -25.98
CA LEU H 12 13.48 -14.51 -27.11
C LEU H 12 14.46 -14.52 -28.28
N LYS H 13 15.72 -14.84 -28.03
CA LYS H 13 16.76 -14.77 -29.05
C LYS H 13 17.21 -16.11 -29.63
N ARG H 14 16.94 -17.21 -28.92
CA ARG H 14 17.30 -18.52 -29.42
C ARG H 14 16.43 -18.79 -30.65
N HIS H 15 16.86 -19.73 -31.50
CA HIS H 15 16.12 -20.07 -32.69
C HIS H 15 16.54 -21.46 -33.15
N SER H 16 15.66 -22.14 -33.87
CA SER H 16 16.04 -23.39 -34.51
C SER H 16 17.00 -23.09 -35.66
N THR H 17 18.27 -23.49 -35.50
CA THR H 17 19.30 -23.36 -36.52
C THR H 17 19.04 -24.28 -37.72
N LYS H 18 19.06 -23.69 -38.93
CA LYS H 18 18.86 -24.44 -40.16
C LYS H 18 20.14 -24.87 -40.87
N ALA H 19 21.29 -24.27 -40.48
CA ALA H 19 22.58 -24.63 -41.06
C ALA H 19 23.69 -24.36 -40.06
N PHE H 20 24.58 -25.36 -39.92
CA PHE H 20 25.71 -25.28 -39.00
C PHE H 20 27.03 -25.07 -39.73
N ASP H 21 27.96 -24.42 -39.03
CA ASP H 21 29.35 -24.26 -39.49
C ASP H 21 30.17 -25.47 -39.03
N ALA H 22 30.51 -26.36 -39.97
CA ALA H 22 31.22 -27.57 -39.63
C ALA H 22 32.60 -27.36 -39.00
N SER H 23 33.16 -26.16 -39.10
CA SER H 23 34.49 -25.91 -38.57
C SER H 23 34.46 -25.47 -37.11
N LYS H 24 33.28 -25.20 -36.58
CA LYS H 24 33.14 -24.64 -35.24
C LYS H 24 32.62 -25.66 -34.23
N LYS H 25 33.54 -26.08 -33.34
CA LYS H 25 33.30 -27.08 -32.33
C LYS H 25 32.87 -26.42 -31.02
N LEU H 26 32.08 -27.14 -30.24
CA LEU H 26 31.97 -26.90 -28.80
C LEU H 26 33.38 -26.98 -28.21
N THR H 27 33.62 -26.13 -27.22
CA THR H 27 34.78 -26.26 -26.35
C THR H 27 34.66 -27.57 -25.56
N PRO H 28 35.78 -28.18 -25.12
CA PRO H 28 35.70 -29.41 -24.31
C PRO H 28 34.84 -29.24 -23.05
N GLU H 29 34.89 -28.03 -22.47
CA GLU H 29 34.06 -27.66 -21.33
C GLU H 29 32.55 -27.68 -21.65
N GLN H 30 32.15 -27.03 -22.74
CA GLN H 30 30.77 -27.07 -23.21
C GLN H 30 30.31 -28.50 -23.52
N ALA H 31 31.21 -29.35 -24.00
CA ALA H 31 30.85 -30.75 -24.27
C ALA H 31 30.53 -31.49 -22.97
N GLU H 32 31.22 -31.16 -21.86
CA GLU H 32 30.84 -31.67 -20.56
C GLU H 32 29.52 -31.11 -20.08
N GLN H 33 29.32 -29.80 -20.29
CA GLN H 33 28.16 -29.11 -19.77
C GLN H 33 26.85 -29.62 -20.42
N ILE H 34 26.86 -29.88 -21.72
CA ILE H 34 25.66 -30.37 -22.36
C ILE H 34 25.27 -31.74 -21.80
N LYS H 35 26.26 -32.56 -21.40
CA LYS H 35 25.99 -33.85 -20.79
C LYS H 35 25.38 -33.70 -19.40
N THR H 36 25.86 -32.72 -18.64
CA THR H 36 25.26 -32.34 -17.37
C THR H 36 23.79 -31.96 -17.52
N LEU H 37 23.46 -31.15 -18.53
CA LEU H 37 22.07 -30.78 -18.82
C LEU H 37 21.19 -32.00 -19.05
N LEU H 38 21.67 -32.96 -19.84
CA LEU H 38 20.89 -34.15 -20.15
C LEU H 38 20.62 -34.96 -18.88
N GLN H 39 21.67 -35.11 -18.09
CA GLN H 39 21.63 -35.92 -16.88
C GLN H 39 20.68 -35.37 -15.81
N TYR H 40 20.72 -34.04 -15.62
CA TYR H 40 20.11 -33.41 -14.45
C TYR H 40 18.71 -32.83 -14.70
N SER H 41 18.14 -33.14 -15.88
CA SER H 41 16.74 -32.81 -16.13
C SER H 41 15.85 -33.50 -15.10
N PRO H 42 14.75 -32.84 -14.66
CA PRO H 42 13.73 -33.51 -13.85
C PRO H 42 12.95 -34.52 -14.69
N SER H 43 12.25 -35.42 -13.99
CA SER H 43 11.38 -36.42 -14.58
C SER H 43 10.38 -36.89 -13.52
N SER H 44 9.20 -37.32 -13.95
CA SER H 44 8.19 -37.84 -13.04
C SER H 44 8.81 -38.95 -12.20
N THR H 45 8.73 -38.80 -10.87
CA THR H 45 9.32 -39.71 -9.88
C THR H 45 10.83 -39.90 -9.95
N ASN H 46 11.53 -38.99 -10.60
CA ASN H 46 12.94 -39.16 -10.89
C ASN H 46 13.22 -40.49 -11.60
N SER H 47 12.25 -40.90 -12.44
CA SER H 47 12.30 -42.14 -13.18
C SER H 47 13.40 -42.17 -14.24
N GLN H 48 13.77 -40.99 -14.77
CA GLN H 48 14.89 -40.87 -15.69
C GLN H 48 14.85 -41.94 -16.78
N PRO H 49 13.73 -42.07 -17.52
CA PRO H 49 13.49 -43.23 -18.39
C PRO H 49 14.08 -43.01 -19.77
N TRP H 50 15.40 -42.75 -19.79
CA TRP H 50 16.03 -42.24 -20.99
C TRP H 50 17.44 -42.75 -21.23
N HIS H 51 17.87 -42.62 -22.49
CA HIS H 51 19.24 -42.84 -22.91
C HIS H 51 19.60 -41.74 -23.92
N PHE H 52 20.85 -41.30 -23.86
CA PHE H 52 21.34 -40.30 -24.79
C PHE H 52 22.49 -40.89 -25.59
N ILE H 53 22.46 -40.68 -26.91
CA ILE H 53 23.63 -40.88 -27.74
C ILE H 53 24.18 -39.49 -28.10
N VAL H 54 25.47 -39.29 -27.81
CA VAL H 54 26.13 -38.04 -28.16
C VAL H 54 27.19 -38.32 -29.22
N ALA H 55 26.90 -37.91 -30.44
CA ALA H 55 27.78 -38.12 -31.58
C ALA H 55 28.56 -36.85 -31.82
N SER H 56 29.90 -36.95 -31.74
CA SER H 56 30.76 -35.80 -31.96
C SER H 56 31.82 -36.03 -33.05
N THR H 57 32.09 -37.30 -33.37
CA THR H 57 33.01 -37.66 -34.44
C THR H 57 32.31 -37.69 -35.79
N GLU H 58 33.09 -37.71 -36.87
CA GLU H 58 32.55 -37.72 -38.22
C GLU H 58 31.84 -39.05 -38.49
N GLU H 59 32.41 -40.15 -37.97
CA GLU H 59 31.82 -41.46 -38.11
C GLU H 59 30.49 -41.55 -37.34
N GLY H 60 30.49 -41.06 -36.09
CA GLY H 60 29.30 -41.07 -35.27
C GLY H 60 28.15 -40.27 -35.87
N LYS H 61 28.46 -39.05 -36.33
CA LYS H 61 27.44 -38.16 -36.87
C LYS H 61 26.83 -38.73 -38.15
N ALA H 62 27.69 -39.38 -38.96
CA ALA H 62 27.24 -40.00 -40.20
C ALA H 62 26.30 -41.17 -39.97
N ARG H 63 26.52 -41.93 -38.88
CA ARG H 63 25.63 -43.01 -38.51
C ARG H 63 24.25 -42.49 -38.16
N VAL H 64 24.20 -41.40 -37.36
CA VAL H 64 22.95 -40.73 -37.04
C VAL H 64 22.25 -40.23 -38.29
N ALA H 65 23.00 -39.56 -39.17
CA ALA H 65 22.46 -38.91 -40.35
C ALA H 65 21.85 -39.87 -41.38
N LYS H 66 22.20 -41.15 -41.29
CA LYS H 66 21.55 -42.18 -42.08
C LYS H 66 20.03 -42.17 -41.88
N SER H 67 19.59 -41.83 -40.67
CA SER H 67 18.17 -41.73 -40.35
C SER H 67 17.43 -40.61 -41.09
N ALA H 68 18.18 -39.68 -41.70
CA ALA H 68 17.60 -38.56 -42.42
C ALA H 68 17.65 -38.70 -43.94
N ALA H 69 18.20 -39.82 -44.45
CA ALA H 69 17.95 -40.21 -45.84
C ALA H 69 16.45 -40.50 -46.02
N GLY H 70 16.03 -40.74 -47.27
CA GLY H 70 14.61 -40.83 -47.60
C GLY H 70 13.96 -39.45 -47.66
N ASN H 71 12.82 -39.31 -46.99
CA ASN H 71 12.03 -38.08 -47.08
C ASN H 71 12.53 -36.95 -46.20
N TYR H 72 13.64 -37.15 -45.48
CA TYR H 72 14.05 -36.19 -44.48
C TYR H 72 15.39 -35.53 -44.78
N VAL H 73 15.73 -35.43 -46.08
CA VAL H 73 17.05 -34.97 -46.53
C VAL H 73 17.38 -33.57 -46.05
N PHE H 74 16.37 -32.68 -45.97
CA PHE H 74 16.58 -31.32 -45.50
C PHE H 74 17.26 -31.30 -44.13
N ASN H 75 17.07 -32.36 -43.32
CA ASN H 75 17.67 -32.44 -41.99
C ASN H 75 19.03 -33.13 -41.95
N GLU H 76 19.44 -33.76 -43.05
CA GLU H 76 20.64 -34.56 -43.04
C GLU H 76 21.89 -33.70 -42.84
N ARG H 77 21.91 -32.52 -43.49
CA ARG H 77 23.08 -31.65 -43.44
C ARG H 77 23.27 -31.04 -42.05
N LYS H 78 22.16 -30.78 -41.34
CA LYS H 78 22.25 -30.33 -39.96
C LYS H 78 22.97 -31.33 -39.06
N MET H 79 22.67 -32.61 -39.24
CA MET H 79 23.29 -33.68 -38.45
C MET H 79 24.77 -33.87 -38.78
N LEU H 80 25.15 -33.65 -40.03
CA LEU H 80 26.54 -33.84 -40.42
C LEU H 80 27.42 -32.67 -39.98
N ASP H 81 26.87 -31.45 -40.04
CA ASP H 81 27.66 -30.23 -39.94
C ASP H 81 27.78 -29.68 -38.52
N ALA H 82 26.86 -30.08 -37.64
CA ALA H 82 26.92 -29.66 -36.25
C ALA H 82 28.12 -30.28 -35.54
N SER H 83 28.51 -29.64 -34.45
CA SER H 83 29.62 -30.10 -33.64
C SER H 83 29.26 -31.40 -32.93
N HIS H 84 28.16 -31.36 -32.17
CA HIS H 84 27.70 -32.47 -31.35
C HIS H 84 26.24 -32.73 -31.68
N VAL H 85 25.84 -34.00 -31.77
CA VAL H 85 24.48 -34.36 -32.10
C VAL H 85 23.96 -35.30 -31.04
N VAL H 86 22.88 -34.90 -30.36
CA VAL H 86 22.31 -35.68 -29.29
C VAL H 86 21.06 -36.41 -29.76
N VAL H 87 21.03 -37.73 -29.59
CA VAL H 87 19.83 -38.51 -29.80
C VAL H 87 19.15 -38.76 -28.45
N PHE H 88 17.95 -38.21 -28.29
CA PHE H 88 17.14 -38.47 -27.11
C PHE H 88 16.32 -39.74 -27.35
N CYS H 89 16.54 -40.72 -26.47
CA CYS H 89 15.85 -42.00 -26.50
C CYS H 89 15.05 -42.23 -25.22
N ALA H 90 13.85 -42.81 -25.38
CA ALA H 90 13.03 -43.23 -24.25
C ALA H 90 13.14 -44.74 -24.09
N LYS H 91 13.04 -45.22 -22.84
CA LYS H 91 12.76 -46.61 -22.60
C LYS H 91 11.44 -47.03 -23.24
N THR H 92 11.38 -48.29 -23.67
CA THR H 92 10.19 -48.86 -24.30
C THR H 92 9.28 -49.54 -23.27
N ALA H 93 9.84 -49.90 -22.11
CA ALA H 93 9.08 -50.47 -21.01
C ALA H 93 9.75 -50.17 -19.67
N MET H 94 8.90 -49.94 -18.65
CA MET H 94 9.40 -49.64 -17.33
C MET H 94 9.45 -50.92 -16.50
N ASP H 95 10.67 -51.35 -16.21
CA ASP H 95 10.93 -52.60 -15.52
C ASP H 95 11.34 -52.32 -14.07
N ASP H 96 11.18 -53.34 -13.22
CA ASP H 96 11.52 -53.24 -11.81
C ASP H 96 13.02 -53.11 -11.57
N VAL H 97 13.84 -53.67 -12.47
CA VAL H 97 15.28 -53.52 -12.37
C VAL H 97 15.64 -52.03 -12.36
N TRP H 98 15.03 -51.26 -13.26
CA TRP H 98 15.28 -49.85 -13.40
C TRP H 98 14.83 -49.04 -12.19
N LEU H 99 13.66 -49.40 -11.64
CA LEU H 99 13.13 -48.72 -10.46
C LEU H 99 14.02 -48.91 -9.23
N LYS H 100 14.67 -50.07 -9.17
CA LYS H 100 15.58 -50.42 -8.08
C LYS H 100 16.87 -49.64 -8.22
N LEU H 101 17.30 -49.48 -9.48
CA LEU H 101 18.50 -48.73 -9.80
C LEU H 101 18.38 -47.28 -9.33
N VAL H 102 17.20 -46.69 -9.58
CA VAL H 102 16.89 -45.30 -9.31
C VAL H 102 16.84 -45.05 -7.80
N VAL H 103 16.10 -45.88 -7.06
CA VAL H 103 15.97 -45.68 -5.64
C VAL H 103 17.28 -45.98 -4.91
N ASP H 104 18.06 -46.96 -5.41
CA ASP H 104 19.37 -47.25 -4.85
C ASP H 104 20.32 -46.09 -5.06
N GLN H 105 20.23 -45.42 -6.22
CA GLN H 105 20.97 -44.20 -6.47
C GLN H 105 20.56 -43.05 -5.55
N GLU H 106 19.24 -42.85 -5.36
CA GLU H 106 18.75 -41.84 -4.44
C GLU H 106 19.31 -42.10 -3.04
N ASP H 107 19.46 -43.39 -2.68
CA ASP H 107 20.02 -43.78 -1.39
C ASP H 107 21.50 -43.47 -1.25
N ALA H 108 22.27 -43.86 -2.28
CA ALA H 108 23.70 -43.58 -2.38
C ALA H 108 24.00 -42.09 -2.32
N ASP H 109 23.11 -41.28 -2.91
CA ASP H 109 23.25 -39.83 -2.92
C ASP H 109 22.85 -39.15 -1.61
N GLY H 110 22.23 -39.92 -0.70
CA GLY H 110 21.95 -39.47 0.66
C GLY H 110 20.58 -38.83 0.89
N ARG H 111 19.58 -39.26 0.11
CA ARG H 111 18.23 -38.69 0.19
C ARG H 111 17.34 -39.31 1.26
N PHE H 112 17.80 -40.37 1.93
CA PHE H 112 16.99 -41.08 2.91
C PHE H 112 17.63 -41.09 4.29
N ALA H 113 16.92 -40.57 5.29
CA ALA H 113 17.42 -40.57 6.66
C ALA H 113 17.33 -41.97 7.27
N THR H 114 16.38 -42.79 6.81
CA THR H 114 16.07 -44.09 7.38
C THR H 114 15.88 -45.15 6.29
N PRO H 115 15.95 -46.47 6.63
CA PRO H 115 15.42 -47.51 5.74
C PRO H 115 13.92 -47.37 5.41
N GLU H 116 13.13 -46.93 6.39
CA GLU H 116 11.69 -46.72 6.22
C GLU H 116 11.40 -45.75 5.10
N ALA H 117 12.12 -44.62 5.10
CA ALA H 117 11.97 -43.56 4.12
C ALA H 117 12.24 -44.05 2.69
N LYS H 118 13.25 -44.92 2.56
CA LYS H 118 13.58 -45.54 1.30
C LYS H 118 12.50 -46.51 0.81
N ALA H 119 12.00 -47.35 1.72
CA ALA H 119 10.90 -48.25 1.41
C ALA H 119 9.69 -47.48 0.88
N ALA H 120 9.38 -46.36 1.53
CA ALA H 120 8.22 -45.51 1.22
C ALA H 120 8.36 -44.83 -0.14
N ASN H 121 9.57 -44.36 -0.44
CA ASN H 121 9.91 -43.84 -1.76
C ASN H 121 9.69 -44.86 -2.87
N ASP H 122 10.13 -46.10 -2.64
CA ASP H 122 9.98 -47.18 -3.61
C ASP H 122 8.52 -47.59 -3.81
N LYS H 123 7.78 -47.71 -2.71
N LYS H 123 7.79 -47.79 -2.71
CA LYS H 123 6.37 -48.05 -2.74
CA LYS H 123 6.37 -48.09 -2.78
C LYS H 123 5.64 -46.95 -3.50
C LYS H 123 5.69 -46.96 -3.56
N GLY H 124 6.01 -45.69 -3.23
CA GLY H 124 5.44 -44.53 -3.90
C GLY H 124 5.68 -44.56 -5.40
N ARG H 125 6.92 -44.83 -5.79
CA ARG H 125 7.29 -44.86 -7.20
C ARG H 125 6.70 -46.06 -7.96
N LYS H 126 6.72 -47.25 -7.36
CA LYS H 126 6.11 -48.43 -7.96
C LYS H 126 4.61 -48.24 -8.12
N PHE H 127 3.96 -47.66 -7.12
CA PHE H 127 2.53 -47.42 -7.17
C PHE H 127 2.23 -46.54 -8.39
N PPN H 128 3.01 -45.47 -8.53
CA PPN H 128 2.74 -44.48 -9.56
C PPN H 128 3.09 -45.07 -10.94
O PPN H 128 2.35 -44.88 -11.90
CB PPN H 128 3.43 -43.15 -9.23
CG PPN H 128 2.87 -42.10 -10.14
CD1 PPN H 128 3.58 -41.72 -11.29
CD2 PPN H 128 1.58 -41.65 -9.97
CE1 PPN H 128 3.03 -40.86 -12.22
CE2 PPN H 128 1.00 -40.77 -10.86
CZ PPN H 128 1.74 -40.39 -11.99
N1 PPN H 128 1.11 -39.52 -12.97
O1 PPN H 128 -0.07 -39.21 -12.82
O2 PPN H 128 1.74 -39.28 -14.00
N ALA H 129 4.21 -45.80 -11.03
CA ALA H 129 4.60 -46.48 -12.26
C ALA H 129 3.63 -47.56 -12.69
N ASP H 130 3.17 -48.38 -11.72
CA ASP H 130 2.19 -49.44 -11.94
C ASP H 130 0.90 -48.88 -12.53
N MET H 131 0.49 -47.70 -12.08
CA MET H 131 -0.66 -47.04 -12.66
C MET H 131 -0.51 -46.93 -14.18
N HIS H 132 0.70 -46.66 -14.67
CA HIS H 132 0.94 -46.49 -16.10
C HIS H 132 1.11 -47.82 -16.85
N ARG H 133 1.84 -48.79 -16.28
N ARG H 133 1.84 -48.77 -16.22
CA ARG H 133 2.04 -50.06 -16.97
CA ARG H 133 2.16 -50.09 -16.75
C ARG H 133 0.86 -51.01 -16.81
C ARG H 133 0.92 -50.99 -16.78
N LYS H 134 0.31 -51.12 -15.59
CA LYS H 134 -0.79 -52.04 -15.33
C LYS H 134 -2.17 -51.54 -15.75
N ASP H 135 -2.62 -50.38 -15.24
CA ASP H 135 -3.98 -49.89 -15.45
C ASP H 135 -4.21 -49.20 -16.79
N LEU H 136 -3.43 -48.18 -17.09
CA LEU H 136 -3.62 -47.36 -18.27
C LEU H 136 -2.95 -47.94 -19.51
N HIS H 137 -1.92 -48.79 -19.30
CA HIS H 137 -1.09 -49.35 -20.35
C HIS H 137 -0.57 -48.25 -21.29
N ASP H 138 -0.02 -47.18 -20.70
CA ASP H 138 0.46 -46.05 -21.49
C ASP H 138 1.90 -45.69 -21.12
N ASP H 139 2.65 -46.62 -20.51
CA ASP H 139 3.93 -46.27 -19.94
C ASP H 139 4.96 -45.86 -20.98
N ALA H 140 4.82 -46.35 -22.23
CA ALA H 140 5.68 -45.89 -23.31
C ALA H 140 5.46 -44.40 -23.59
N GLU H 141 4.20 -43.99 -23.70
CA GLU H 141 3.85 -42.60 -23.92
C GLU H 141 4.30 -41.75 -22.73
N TRP H 142 4.08 -42.25 -21.52
CA TRP H 142 4.46 -41.55 -20.32
C TRP H 142 5.96 -41.27 -20.25
N MET H 143 6.75 -42.29 -20.60
CA MET H 143 8.20 -42.18 -20.52
C MET H 143 8.72 -41.25 -21.60
N ALA H 144 8.09 -41.33 -22.79
CA ALA H 144 8.41 -40.44 -23.89
C ALA H 144 8.20 -38.97 -23.56
N LYS H 145 7.15 -38.68 -22.79
CA LYS H 145 6.84 -37.33 -22.37
C LYS H 145 7.97 -36.78 -21.49
N GLN H 146 8.50 -37.64 -20.62
CA GLN H 146 9.59 -37.24 -19.73
C GLN H 146 10.80 -36.87 -20.57
N VAL H 147 10.98 -37.57 -21.69
CA VAL H 147 12.12 -37.32 -22.55
C VAL H 147 11.97 -35.98 -23.27
N TYR H 148 10.76 -35.68 -23.75
CA TYR H 148 10.46 -34.39 -24.35
C TYR H 148 10.68 -33.25 -23.37
N LEU H 149 10.35 -33.48 -22.11
CA LEU H 149 10.62 -32.52 -21.05
C LEU H 149 12.13 -32.28 -20.95
N ASN H 150 12.92 -33.36 -21.02
CA ASN H 150 14.37 -33.23 -21.03
C ASN H 150 14.85 -32.37 -22.21
N VAL H 151 14.28 -32.60 -23.40
CA VAL H 151 14.61 -31.82 -24.59
C VAL H 151 14.39 -30.32 -24.37
N GLY H 152 13.22 -29.99 -23.79
CA GLY H 152 12.84 -28.60 -23.62
C GLY H 152 13.83 -27.91 -22.70
N ASN H 153 14.18 -28.59 -21.60
CA ASN H 153 15.20 -28.15 -20.66
C ASN H 153 16.53 -27.95 -21.39
N PHE H 154 16.88 -28.91 -22.23
CA PHE H 154 18.14 -28.90 -22.96
C PHE H 154 18.25 -27.71 -23.91
N LEU H 155 17.19 -27.43 -24.68
CA LEU H 155 17.23 -26.38 -25.68
C LEU H 155 17.45 -24.99 -25.10
N LEU H 156 16.81 -24.71 -23.97
CA LEU H 156 17.03 -23.46 -23.26
C LEU H 156 18.41 -23.46 -22.61
N GLY H 157 18.84 -24.62 -22.10
CA GLY H 157 20.16 -24.74 -21.51
C GLY H 157 21.25 -24.38 -22.52
N VAL H 158 21.23 -25.02 -23.69
CA VAL H 158 22.32 -24.82 -24.63
C VAL H 158 22.30 -23.39 -25.17
N ALA H 159 21.09 -22.82 -25.33
CA ALA H 159 20.95 -21.42 -25.70
C ALA H 159 21.63 -20.54 -24.67
N ALA H 160 21.39 -20.82 -23.40
CA ALA H 160 21.97 -20.04 -22.31
C ALA H 160 23.49 -20.21 -22.23
N LEU H 161 24.04 -21.33 -22.73
CA LEU H 161 25.49 -21.50 -22.84
C LEU H 161 26.11 -20.77 -24.04
N GLY H 162 25.28 -20.18 -24.90
CA GLY H 162 25.76 -19.50 -26.10
C GLY H 162 25.85 -20.37 -27.34
N LEU H 163 25.13 -21.50 -27.37
CA LEU H 163 25.22 -22.45 -28.46
C LEU H 163 23.94 -22.43 -29.28
N ASP H 164 24.09 -22.73 -30.58
CA ASP H 164 22.97 -22.88 -31.48
C ASP H 164 22.55 -24.35 -31.49
N ALA H 165 21.27 -24.58 -31.77
CA ALA H 165 20.74 -25.93 -31.81
C ALA H 165 19.46 -25.97 -32.63
N VAL H 166 19.03 -27.20 -32.96
CA VAL H 166 17.72 -27.41 -33.55
C VAL H 166 17.16 -28.75 -33.08
N PRO H 167 15.92 -28.79 -32.57
CA PRO H 167 15.23 -30.06 -32.34
C PRO H 167 14.76 -30.65 -33.66
N ILE H 168 14.93 -31.97 -33.82
CA ILE H 168 14.52 -32.64 -35.03
C ILE H 168 13.67 -33.86 -34.73
N GLU H 169 12.43 -33.83 -35.24
CA GLU H 169 11.58 -35.02 -35.32
C GLU H 169 11.57 -35.64 -36.71
N GLY H 170 12.02 -34.86 -37.71
CA GLY H 170 12.07 -35.34 -39.09
C GLY H 170 13.25 -36.28 -39.31
N PHE H 171 13.10 -37.50 -38.79
CA PHE H 171 14.06 -38.56 -39.05
C PHE H 171 13.32 -39.88 -38.93
N ASP H 172 13.94 -40.95 -39.43
CA ASP H 172 13.32 -42.27 -39.38
C ASP H 172 13.84 -42.99 -38.14
N ALA H 173 12.97 -43.12 -37.14
CA ALA H 173 13.34 -43.71 -35.87
C ALA H 173 13.69 -45.18 -36.02
N ALA H 174 13.02 -45.89 -36.94
CA ALA H 174 13.29 -47.29 -37.19
C ALA H 174 14.72 -47.51 -37.69
N ILE H 175 15.17 -46.64 -38.61
CA ILE H 175 16.54 -46.70 -39.09
C ILE H 175 17.53 -46.38 -37.98
N LEU H 176 17.25 -45.33 -37.20
CA LEU H 176 18.17 -44.94 -36.14
C LEU H 176 18.25 -46.01 -35.06
N ASP H 177 17.11 -46.58 -34.69
CA ASP H 177 17.06 -47.65 -33.71
C ASP H 177 17.83 -48.88 -34.18
N ALA H 178 17.65 -49.22 -35.46
CA ALA H 178 18.37 -50.33 -36.06
C ALA H 178 19.88 -50.09 -36.04
N GLU H 179 20.30 -48.87 -36.37
CA GLU H 179 21.70 -48.51 -36.45
C GLU H 179 22.45 -48.61 -35.13
N PHE H 180 21.77 -48.32 -34.02
CA PHE H 180 22.39 -48.42 -32.70
C PHE H 180 21.86 -49.56 -31.83
N GLY H 181 21.14 -50.51 -32.46
CA GLY H 181 20.60 -51.67 -31.78
C GLY H 181 19.78 -51.32 -30.53
N LEU H 182 18.94 -50.29 -30.66
CA LEU H 182 18.21 -49.72 -29.52
C LEU H 182 17.07 -50.61 -29.04
N LYS H 183 16.31 -51.19 -29.97
CA LYS H 183 15.18 -52.04 -29.62
C LYS H 183 15.59 -53.17 -28.68
N GLU H 184 16.72 -53.82 -28.99
CA GLU H 184 17.28 -54.91 -28.21
C GLU H 184 17.71 -54.48 -26.80
N LYS H 185 18.16 -53.24 -26.66
CA LYS H 185 18.58 -52.70 -25.36
C LYS H 185 17.44 -52.05 -24.57
N GLY H 186 16.26 -51.94 -25.15
CA GLY H 186 15.07 -51.45 -24.48
C GLY H 186 14.80 -49.94 -24.62
N TYR H 187 15.21 -49.37 -25.77
CA TYR H 187 15.01 -47.97 -26.07
C TYR H 187 14.51 -47.74 -27.49
N THR H 188 13.98 -46.53 -27.70
CA THR H 188 13.58 -46.01 -29.00
C THR H 188 13.93 -44.52 -29.06
N SER H 189 14.49 -44.12 -30.20
CA SER H 189 14.82 -42.73 -30.48
C SER H 189 13.56 -41.92 -30.74
N LEU H 190 13.60 -40.66 -30.26
CA LEU H 190 12.48 -39.72 -30.39
C LEU H 190 12.84 -38.38 -31.02
N VAL H 191 13.94 -37.79 -30.54
CA VAL H 191 14.34 -36.47 -31.00
C VAL H 191 15.86 -36.45 -31.16
N VAL H 192 16.29 -35.83 -32.27
CA VAL H 192 17.69 -35.59 -32.50
C VAL H 192 17.95 -34.10 -32.39
N VAL H 193 18.98 -33.72 -31.62
CA VAL H 193 19.33 -32.33 -31.42
C VAL H 193 20.80 -32.07 -31.74
N PRO H 194 21.09 -31.58 -32.97
CA PRO H 194 22.40 -31.04 -33.29
C PRO H 194 22.66 -29.74 -32.53
N VAL H 195 23.90 -29.60 -32.07
CA VAL H 195 24.36 -28.47 -31.29
C VAL H 195 25.66 -27.95 -31.90
N GLY H 196 25.77 -26.63 -32.02
CA GLY H 196 26.99 -26.02 -32.49
C GLY H 196 26.87 -24.50 -32.67
N HIS H 197 27.33 -24.03 -33.83
CA HIS H 197 27.25 -22.63 -34.21
C HIS H 197 26.70 -22.58 -35.63
N HIS H 198 25.76 -21.65 -35.84
CA HIS H 198 25.09 -21.49 -37.13
C HIS H 198 26.10 -20.98 -38.14
N SER H 199 25.86 -21.31 -39.42
CA SER H 199 26.61 -20.75 -40.54
C SER H 199 25.81 -19.60 -41.15
N VAL H 200 26.42 -18.93 -42.12
CA VAL H 200 25.76 -17.87 -42.88
C VAL H 200 24.53 -18.36 -43.64
N GLU H 201 24.47 -19.66 -43.95
CA GLU H 201 23.34 -20.26 -44.63
C GLU H 201 22.12 -20.53 -43.75
N ASP H 202 22.18 -20.15 -42.47
CA ASP H 202 21.04 -20.29 -41.56
C ASP H 202 20.07 -19.11 -41.74
N PHE H 203 19.14 -19.26 -42.66
CA PHE H 203 18.17 -18.20 -42.95
C PHE H 203 17.30 -17.83 -41.74
N ASN H 204 17.10 -18.79 -40.83
CA ASN H 204 16.26 -18.56 -39.66
C ASN H 204 16.90 -17.69 -38.58
N ALA H 205 18.21 -17.43 -38.70
CA ALA H 205 18.91 -16.62 -37.72
C ALA H 205 18.47 -15.16 -37.73
N THR H 206 18.01 -14.69 -38.89
CA THR H 206 17.69 -13.28 -39.06
C THR H 206 16.20 -13.01 -39.21
N LEU H 207 15.39 -14.09 -39.18
CA LEU H 207 13.95 -13.95 -39.24
C LEU H 207 13.40 -13.62 -37.86
N PRO H 208 12.37 -12.75 -37.76
CA PRO H 208 11.71 -12.50 -36.47
C PRO H 208 10.97 -13.75 -36.00
N LYS H 209 10.95 -13.91 -34.66
CA LYS H 209 10.35 -15.07 -34.03
C LYS H 209 8.83 -14.90 -34.08
N SER H 210 8.09 -16.03 -34.20
CA SER H 210 6.65 -15.91 -34.27
C SER H 210 5.95 -16.85 -33.29
N ARG H 211 5.03 -16.27 -32.49
CA ARG H 211 4.18 -17.05 -31.62
C ARG H 211 2.77 -16.44 -31.66
N LEU H 212 1.77 -17.31 -31.50
CA LEU H 212 0.42 -16.88 -31.22
C LEU H 212 0.37 -15.96 -30.01
N PRO H 213 -0.54 -14.96 -30.00
CA PRO H 213 -0.67 -14.05 -28.85
C PRO H 213 -1.23 -14.76 -27.60
N GLN H 214 -0.90 -14.21 -26.43
CA GLN H 214 -1.37 -14.78 -25.17
C GLN H 214 -2.90 -14.75 -25.03
N ASN H 215 -3.57 -13.81 -25.70
CA ASN H 215 -5.02 -13.75 -25.62
C ASN H 215 -5.69 -14.96 -26.27
N ILE H 216 -4.94 -15.79 -27.02
CA ILE H 216 -5.44 -17.05 -27.52
C ILE H 216 -5.00 -18.25 -26.69
N THR H 217 -3.71 -18.31 -26.35
CA THR H 217 -3.13 -19.45 -25.65
C THR H 217 -3.22 -19.45 -24.12
N LEU H 218 -3.61 -18.31 -23.53
CA LEU H 218 -3.45 -18.17 -22.08
C LEU H 218 -4.64 -17.51 -21.38
N THR H 219 -5.15 -18.19 -20.34
CA THR H 219 -6.24 -17.71 -19.51
C THR H 219 -5.78 -17.48 -18.08
N GLU H 220 -6.18 -16.35 -17.49
CA GLU H 220 -5.90 -16.07 -16.09
C GLU H 220 -7.15 -16.19 -15.24
N VAL H 221 -7.03 -16.86 -14.08
CA VAL H 221 -8.16 -17.00 -13.15
C VAL H 221 -7.78 -16.73 -11.63
N1 FMN I . -9.24 20.06 -12.33
C2 FMN I . -9.72 20.55 -11.16
O2 FMN I . -10.94 20.47 -10.89
N3 FMN I . -8.88 21.16 -10.24
C4 FMN I . -7.53 21.26 -10.44
O4 FMN I . -6.82 21.78 -9.58
C4A FMN I . -6.99 20.73 -11.66
N5 FMN I . -5.71 20.88 -11.94
C5A FMN I . -5.22 20.29 -13.08
C6 FMN I . -3.84 20.26 -13.31
C7 FMN I . -3.29 19.53 -14.34
C7M FMN I . -1.80 19.44 -14.52
C8 FMN I . -4.16 18.90 -15.28
C8M FMN I . -3.64 18.14 -16.47
C9 FMN I . -5.51 19.08 -15.15
C9A FMN I . -6.07 19.69 -14.02
N10 FMN I . -7.44 19.71 -13.79
C10 FMN I . -7.94 20.15 -12.58
C1' FMN I . -8.33 19.03 -14.76
C2' FMN I . -8.33 19.73 -16.13
O2' FMN I . -9.12 20.90 -16.06
C3' FMN I . -8.92 18.83 -17.21
O3' FMN I . -8.06 17.72 -17.54
C4' FMN I . -9.28 19.58 -18.49
O4' FMN I . -10.33 20.48 -18.20
C5' FMN I . -9.81 18.63 -19.53
O5' FMN I . -10.81 17.84 -18.82
P FMN I . -10.79 16.21 -18.91
O1P FMN I . -12.21 15.79 -18.49
O2P FMN I . -10.55 15.80 -20.35
O3P FMN I . -9.67 15.78 -17.92
C ACT J . 18.28 9.04 -22.71
O ACT J . 18.21 10.30 -22.74
OXT ACT J . 17.38 8.29 -22.28
CH3 ACT J . 19.55 8.32 -23.26
N1 FMN K . 15.93 7.35 -25.33
C2 FMN K . 16.82 7.56 -26.29
O2 FMN K . 17.30 6.58 -26.88
N3 FMN K . 17.22 8.83 -26.66
C4 FMN K . 16.73 9.95 -26.03
O4 FMN K . 17.12 11.06 -26.39
C4A FMN K . 15.77 9.75 -25.01
N5 FMN K . 15.25 10.79 -24.39
C5A FMN K . 14.24 10.55 -23.50
C6 FMN K . 13.56 11.65 -22.95
C7 FMN K . 12.41 11.46 -22.21
C7M FMN K . 11.64 12.64 -21.68
C8 FMN K . 12.02 10.18 -21.86
C8M FMN K . 10.82 9.98 -20.97
C9 FMN K . 12.79 9.11 -22.21
C9A FMN K . 13.86 9.25 -23.12
N10 FMN K . 14.52 8.16 -23.68
C10 FMN K . 15.43 8.38 -24.69
C1' FMN K . 14.12 6.78 -23.32
C2' FMN K . 14.53 6.43 -21.83
O2' FMN K . 15.90 6.02 -21.70
C3' FMN K . 13.69 5.29 -21.22
O3' FMN K . 12.34 5.68 -21.09
C4' FMN K . 14.10 4.74 -19.85
O4' FMN K . 15.39 4.14 -19.89
C5' FMN K . 13.13 3.67 -19.39
O5' FMN K . 13.13 2.58 -20.41
P FMN K . 11.76 2.30 -21.21
O1P FMN K . 11.36 3.62 -21.86
O2P FMN K . 12.11 1.14 -22.14
O3P FMN K . 10.67 1.97 -20.12
C ACT L . -8.76 23.42 -13.65
O ACT L . -7.74 23.14 -14.34
OXT ACT L . -8.70 23.66 -12.42
CH3 ACT L . -10.17 23.51 -14.32
N1 FMN M . -9.73 -18.75 16.49
C2 FMN M . -8.76 -18.29 15.69
O2 FMN M . -8.07 -19.08 15.01
N3 FMN M . -8.45 -16.95 15.64
C4 FMN M . -9.12 -16.01 16.37
O4 FMN M . -8.81 -14.82 16.27
C4A FMN M . -10.15 -16.47 17.26
N5 FMN M . -10.79 -15.62 18.00
C5A FMN M . -11.85 -16.09 18.72
C6 FMN M . -12.67 -15.17 19.40
C7 FMN M . -13.86 -15.57 19.99
C7M FMN M . -14.77 -14.56 20.64
C8 FMN M . -14.17 -16.96 20.08
C8M FMN M . -15.41 -17.44 20.79
C9 FMN M . -13.28 -17.89 19.55
C9A FMN M . -12.16 -17.47 18.80
N10 FMN M . -11.35 -18.36 18.10
C10 FMN M . -10.38 -17.89 17.25
C1' FMN M . -11.68 -19.80 18.08
C2' FMN M . -11.55 -20.44 19.48
O2' FMN M . -10.20 -20.77 19.70
C3' FMN M . -12.48 -21.65 19.66
O3' FMN M . -13.87 -21.21 19.74
C4' FMN M . -12.18 -22.49 20.89
O4' FMN M . -10.85 -23.01 20.80
C5' FMN M . -13.14 -23.64 21.03
O5' FMN M . -12.94 -24.48 19.85
P FMN M . -14.22 -24.87 18.90
O1P FMN M . -13.53 -25.69 17.79
O2P FMN M . -15.24 -25.65 19.73
O3P FMN M . -14.77 -23.54 18.48
N1 FMN N . 16.88 42.32 9.25
C2 FMN N . 17.94 42.45 8.43
O2 FMN N . 18.49 43.55 8.26
N3 FMN N . 18.48 41.38 7.77
C4 FMN N . 17.96 40.11 7.88
O4 FMN N . 18.50 39.20 7.27
C4A FMN N . 16.81 39.96 8.73
N5 FMN N . 16.28 38.77 8.86
C5A FMN N . 15.28 38.64 9.79
C6 FMN N . 14.81 37.35 10.05
C7 FMN N . 13.94 37.13 11.11
C7M FMN N . 13.50 35.73 11.43
C8 FMN N . 13.39 38.23 11.80
C8M FMN N . 12.34 38.02 12.86
C9 FMN N . 13.71 39.51 11.41
C9A FMN N . 14.72 39.72 10.47
N10 FMN N . 15.22 40.99 10.22
C10 FMN N . 16.33 41.14 9.42
C1' FMN N . 14.67 42.14 10.97
C2' FMN N . 13.21 42.48 10.56
O2' FMN N . 13.13 43.14 9.30
C3' FMN N . 12.52 43.35 11.60
O3' FMN N . 12.39 42.58 12.79
C4' FMN N . 11.12 43.84 11.19
O4' FMN N . 11.20 44.77 10.13
C5' FMN N . 10.41 44.53 12.34
O5' FMN N . 11.19 45.68 12.76
P FMN N . 11.85 45.70 14.26
O1P FMN N . 12.58 44.36 14.42
O2P FMN N . 12.73 46.97 14.30
O3P FMN N . 10.72 45.83 15.26
C ACT O . 5.17 18.72 27.31
O ACT O . 5.58 19.23 26.23
OXT ACT O . 3.96 18.63 27.60
CH3 ACT O . 6.17 18.14 28.37
N1 FMN P . 3.27 21.74 28.15
C2 FMN P . 2.12 21.06 28.26
O2 FMN P . 1.68 20.75 29.36
N3 FMN P . 1.38 20.69 27.19
C4 FMN P . 1.73 21.01 25.90
O4 FMN P . 0.99 20.66 24.97
C4A FMN P . 2.95 21.72 25.73
N5 FMN P . 3.35 21.99 24.52
C5A FMN P . 4.45 22.78 24.39
C6 FMN P . 4.78 23.22 23.11
C7 FMN P . 5.76 24.15 22.91
C7M FMN P . 6.04 24.67 21.52
C8 FMN P . 6.55 24.57 24.02
C8M FMN P . 7.68 25.55 23.84
C9 FMN P . 6.35 24.00 25.25
C9A FMN P . 5.24 23.18 25.49
N10 FMN P . 4.89 22.72 26.77
C10 FMN P . 3.69 22.03 26.94
C1' FMN P . 5.66 23.17 27.96
C2' FMN P . 7.09 22.60 27.98
O2' FMN P . 7.00 21.20 28.20
C3' FMN P . 8.02 23.28 29.01
O3' FMN P . 8.31 24.61 28.65
C4' FMN P . 9.41 22.65 29.16
O4' FMN P . 9.31 21.30 29.64
C5' FMN P . 10.29 23.47 30.08
O5' FMN P . 9.47 23.92 31.18
P FMN P . 9.31 25.50 31.47
O1P FMN P . 8.73 25.61 32.91
O2P FMN P . 10.72 26.02 31.40
O3P FMN P . 8.40 26.07 30.39
C ACT Q . 14.69 42.12 6.36
O ACT Q . 15.78 41.71 5.95
OXT ACT Q . 13.81 41.34 6.90
CH3 ACT Q . 14.43 43.66 6.19
N1 FMN R . 6.73 -33.95 -7.54
C2 FMN R . 5.69 -33.99 -6.68
O2 FMN R . 5.85 -33.73 -5.48
N3 FMN R . 4.42 -34.32 -7.09
C4 FMN R . 4.11 -34.63 -8.38
O4 FMN R . 2.95 -34.91 -8.69
C4A FMN R . 5.18 -34.60 -9.33
N5 FMN R . 4.92 -34.89 -10.58
C5A FMN R . 5.96 -34.76 -11.47
C6 FMN R . 5.66 -34.92 -12.83
C7 FMN R . 6.61 -34.61 -13.78
C7M FMN R . 6.29 -34.72 -15.24
C8 FMN R . 7.93 -34.29 -13.36
C8M FMN R . 9.01 -34.02 -14.37
C9 FMN R . 8.26 -34.29 -12.04
C9A FMN R . 7.28 -34.44 -11.07
N10 FMN R . 7.54 -34.26 -9.71
C10 FMN R . 6.49 -34.24 -8.80
C1' FMN R . 8.89 -33.87 -9.25
C2' FMN R . 9.93 -35.03 -9.42
O2' FMN R . 9.90 -35.96 -8.32
C3' FMN R . 11.36 -34.49 -9.53
O3' FMN R . 11.56 -33.73 -10.73
C4' FMN R . 12.43 -35.58 -9.49
O4' FMN R . 12.24 -36.42 -8.36
C5' FMN R . 13.82 -34.98 -9.41
O5' FMN R . 13.82 -33.97 -8.34
P FMN R . 14.17 -32.42 -8.73
O1P FMN R . 12.97 -31.97 -9.54
O2P FMN R . 14.37 -31.72 -7.36
O3P FMN R . 15.42 -32.45 -9.61
C ACT S . 9.65 -28.53 -38.41
O ACT S . 10.15 -28.01 -39.45
OXT ACT S . 9.39 -27.86 -37.38
CH3 ACT S . 9.36 -30.06 -38.39
N1 FMN T . -36.79 -9.99 29.09
C2 FMN T . -37.34 -9.80 30.29
O2 FMN T . -38.53 -10.02 30.44
N3 FMN T . -36.64 -9.40 31.38
C4 FMN T . -35.29 -9.21 31.33
O4 FMN T . -34.68 -8.90 32.34
C4A FMN T . -34.65 -9.40 30.07
N5 FMN T . -33.35 -9.23 29.97
C5A FMN T . -32.78 -9.54 28.77
C6 FMN T . -31.38 -9.48 28.68
C7 FMN T . -30.72 -9.94 27.56
C7M FMN T . -29.21 -9.94 27.53
C8 FMN T . -31.49 -10.32 26.41
C8M FMN T . -30.84 -10.73 25.11
C9 FMN T . -32.85 -10.21 26.44
C9A FMN T . -33.52 -9.91 27.64
N10 FMN T . -34.91 -9.96 27.75
C10 FMN T . -35.50 -9.79 28.97
C1' FMN T . -35.70 -10.43 26.60
C2' FMN T . -35.69 -9.41 25.48
O2' FMN T . -36.49 -8.32 25.94
C3' FMN T . -36.08 -9.97 24.10
O3' FMN T . -35.05 -10.89 23.68
C4' FMN T . -36.25 -8.98 22.95
O4' FMN T . -37.37 -8.11 23.17
C5' FMN T . -36.51 -9.66 21.63
O5' FMN T . -37.67 -10.56 21.76
P FMN T . -37.47 -12.18 21.61
O1P FMN T . -36.31 -12.63 22.50
O2P FMN T . -38.84 -12.76 22.06
O3P FMN T . -37.15 -12.41 20.15
C ACT U . -7.95 -17.68 19.76
O ACT U . -7.95 -16.40 19.92
OXT ACT U . -8.90 -18.43 20.10
CH3 ACT U . -6.73 -18.40 19.10
N1 FMN V . 13.01 -27.81 -37.41
C2 FMN V . 13.53 -28.39 -38.50
O2 FMN V . 14.13 -27.70 -39.33
N3 FMN V . 13.43 -29.73 -38.77
C4 FMN V . 12.78 -30.58 -37.90
O4 FMN V . 12.71 -31.78 -38.16
C4A FMN V . 12.23 -30.01 -36.70
N5 FMN V . 11.57 -30.79 -35.87
C5A FMN V . 11.14 -30.20 -34.70
C6 FMN V . 10.57 -31.04 -33.73
C7 FMN V . 10.27 -30.57 -32.47
C7M FMN V . 9.75 -31.51 -31.42
C8 FMN V . 10.42 -29.19 -32.19
C8M FMN V . 10.04 -28.63 -30.85
C9 FMN V . 10.81 -28.32 -33.20
C9A FMN V . 11.25 -28.82 -34.43
N10 FMN V . 11.83 -28.01 -35.40
C10 FMN V . 12.40 -28.57 -36.54
C1' FMN V . 12.01 -26.57 -35.11
C2' FMN V . 10.67 -25.82 -35.02
O2' FMN V . 10.17 -25.56 -36.33
C3' FMN V . 10.82 -24.48 -34.30
O3' FMN V . 11.22 -24.62 -32.94
C4' FMN V . 9.56 -23.62 -34.35
O4' FMN V . 9.34 -23.22 -35.70
C5' FMN V . 9.70 -22.37 -33.54
O5' FMN V . 10.95 -21.81 -34.04
P FMN V . 12.14 -21.42 -33.00
O1P FMN V . 13.13 -20.54 -33.76
O2P FMN V . 11.52 -20.57 -31.91
O3P FMN V . 12.60 -22.83 -32.58
C ACT W . 6.52 -37.62 -8.54
O ACT W . 7.55 -37.31 -9.14
OXT ACT W . 6.51 -37.67 -7.33
CH3 ACT W . 5.31 -38.02 -9.33
#